data_3FRR
# 
_entry.id   3FRR 
# 
_audit_conform.dict_name       mmcif_pdbx.dic 
_audit_conform.dict_version    5.378 
_audit_conform.dict_location   http://mmcif.pdb.org/dictionaries/ascii/mmcif_pdbx.dic 
# 
loop_
_database_2.database_id 
_database_2.database_code 
_database_2.pdbx_database_accession 
_database_2.pdbx_DOI 
PDB   3FRR         pdb_00003frr 10.2210/pdb3frr/pdb 
RCSB  RCSB050961   ?            ?                   
WWPDB D_1000050961 ?            ?                   
# 
loop_
_pdbx_database_related.db_name 
_pdbx_database_related.db_id 
_pdbx_database_related.details 
_pdbx_database_related.content_type 
PDB 3FRS . unspecified 
PDB 3FRT . unspecified 
PDB 3FRV . unspecified 
# 
_pdbx_database_status.entry_id                        3FRR 
_pdbx_database_status.deposit_site                    RCSB 
_pdbx_database_status.process_site                    RCSB 
_pdbx_database_status.recvd_initial_deposition_date   2009-01-08 
_pdbx_database_status.status_code                     REL 
_pdbx_database_status.status_code_sf                  REL 
_pdbx_database_status.status_code_mr                  ? 
_pdbx_database_status.SG_entry                        ? 
_pdbx_database_status.pdb_format_compatible           Y 
_pdbx_database_status.status_code_cs                  ? 
_pdbx_database_status.methods_development_category    ? 
_pdbx_database_status.status_code_nmr_data            ? 
# 
loop_
_audit_author.name 
_audit_author.pdbx_ordinal 
'Schubert, H.L.'  1 
'Hill, C.P.'      2 
'Bajorek, M.'     3 
'Sundquist, W.I.' 4 
# 
_citation.id                        primary 
_citation.title                     'Structural basis for ESCRT-III protein autoinhibition.' 
_citation.journal_abbrev            Nat.Struct.Mol.Biol. 
_citation.journal_volume            16 
_citation.page_first                754 
_citation.page_last                 762 
_citation.year                      2009 
_citation.journal_id_ASTM           ? 
_citation.country                   US 
_citation.journal_id_ISSN           1545-9993 
_citation.journal_id_CSD            ? 
_citation.book_publisher            ? 
_citation.pdbx_database_id_PubMed   19525971 
_citation.pdbx_database_id_DOI      10.1038/nsmb.1621 
# 
loop_
_citation_author.citation_id 
_citation_author.name 
_citation_author.ordinal 
_citation_author.identifier_ORCID 
primary 'Bajorek, M.'        1  ? 
primary 'Schubert, H.L.'     2  ? 
primary 'McCullough, J.'     3  ? 
primary 'Langelier, C.'      4  ? 
primary 'Eckert, D.M.'       5  ? 
primary 'Stubblefield, W.M.' 6  ? 
primary 'Uter, N.T.'         7  ? 
primary 'Myszka, D.G.'       8  ? 
primary 'Hill, C.P.'         9  ? 
primary 'Sundquist, W.I.'    10 ? 
# 
_cell.length_a           29.251 
_cell.length_b           92.364 
_cell.length_c           33.251 
_cell.angle_alpha        90.000 
_cell.angle_beta         97.020 
_cell.angle_gamma        90.000 
_cell.entry_id           3FRR 
_cell.pdbx_unique_axis   ? 
_cell.Z_PDB              2 
_cell.length_a_esd       ? 
_cell.length_b_esd       ? 
_cell.length_c_esd       ? 
_cell.angle_alpha_esd    ? 
_cell.angle_beta_esd     ? 
_cell.angle_gamma_esd    ? 
# 
_symmetry.space_group_name_H-M             'P 1 21 1' 
_symmetry.entry_id                         3FRR 
_symmetry.Int_Tables_number                4 
_symmetry.pdbx_full_space_group_name_H-M   ? 
_symmetry.cell_setting                     ? 
_symmetry.space_group_name_Hall            ? 
# 
loop_
_entity.id 
_entity.type 
_entity.src_method 
_entity.pdbx_description 
_entity.formula_weight 
_entity.pdbx_number_of_molecules 
_entity.pdbx_ec 
_entity.pdbx_mutation 
_entity.pdbx_fragment 
_entity.details 
1 polymer man 'Uncharacterized protein KIAA0174' 21769.480 1   ? ? 'UNP residues 1-189' ? 
2 water   nat water                              18.015    163 ? ? ?                    ? 
# 
_entity_name_com.entity_id   1 
_entity_name_com.name        'Putative MAPK-activating protein PM28' 
# 
_entity_poly.entity_id                      1 
_entity_poly.type                           'polypeptide(L)' 
_entity_poly.nstd_linkage                   no 
_entity_poly.nstd_monomer                   no 
_entity_poly.pdbx_seq_one_letter_code       
;GHMLGSGFKAERLRVNLRLVINRLKLLEKKKTELAQKARKEIADYLAAGKDERARIRVEHIIREDYLVEAMEILELYCDL
LLARFGLIQSMKELDSGLAESVSTLIWAAPRLQSEVAELKIVADQLCAKYSKEYGKLCRTNQIGTVNDRLMHKLSVEAPP
KILVERYLIEIAKNYNVPYEPDSVVMAEAPP
;
_entity_poly.pdbx_seq_one_letter_code_can   
;GHMLGSGFKAERLRVNLRLVINRLKLLEKKKTELAQKARKEIADYLAAGKDERARIRVEHIIREDYLVEAMEILELYCDL
LLARFGLIQSMKELDSGLAESVSTLIWAAPRLQSEVAELKIVADQLCAKYSKEYGKLCRTNQIGTVNDRLMHKLSVEAPP
KILVERYLIEIAKNYNVPYEPDSVVMAEAPP
;
_entity_poly.pdbx_strand_id                 A 
_entity_poly.pdbx_target_identifier         ? 
# 
loop_
_entity_poly_seq.entity_id 
_entity_poly_seq.num 
_entity_poly_seq.mon_id 
_entity_poly_seq.hetero 
1 1   GLY n 
1 2   HIS n 
1 3   MET n 
1 4   LEU n 
1 5   GLY n 
1 6   SER n 
1 7   GLY n 
1 8   PHE n 
1 9   LYS n 
1 10  ALA n 
1 11  GLU n 
1 12  ARG n 
1 13  LEU n 
1 14  ARG n 
1 15  VAL n 
1 16  ASN n 
1 17  LEU n 
1 18  ARG n 
1 19  LEU n 
1 20  VAL n 
1 21  ILE n 
1 22  ASN n 
1 23  ARG n 
1 24  LEU n 
1 25  LYS n 
1 26  LEU n 
1 27  LEU n 
1 28  GLU n 
1 29  LYS n 
1 30  LYS n 
1 31  LYS n 
1 32  THR n 
1 33  GLU n 
1 34  LEU n 
1 35  ALA n 
1 36  GLN n 
1 37  LYS n 
1 38  ALA n 
1 39  ARG n 
1 40  LYS n 
1 41  GLU n 
1 42  ILE n 
1 43  ALA n 
1 44  ASP n 
1 45  TYR n 
1 46  LEU n 
1 47  ALA n 
1 48  ALA n 
1 49  GLY n 
1 50  LYS n 
1 51  ASP n 
1 52  GLU n 
1 53  ARG n 
1 54  ALA n 
1 55  ARG n 
1 56  ILE n 
1 57  ARG n 
1 58  VAL n 
1 59  GLU n 
1 60  HIS n 
1 61  ILE n 
1 62  ILE n 
1 63  ARG n 
1 64  GLU n 
1 65  ASP n 
1 66  TYR n 
1 67  LEU n 
1 68  VAL n 
1 69  GLU n 
1 70  ALA n 
1 71  MET n 
1 72  GLU n 
1 73  ILE n 
1 74  LEU n 
1 75  GLU n 
1 76  LEU n 
1 77  TYR n 
1 78  CYS n 
1 79  ASP n 
1 80  LEU n 
1 81  LEU n 
1 82  LEU n 
1 83  ALA n 
1 84  ARG n 
1 85  PHE n 
1 86  GLY n 
1 87  LEU n 
1 88  ILE n 
1 89  GLN n 
1 90  SER n 
1 91  MET n 
1 92  LYS n 
1 93  GLU n 
1 94  LEU n 
1 95  ASP n 
1 96  SER n 
1 97  GLY n 
1 98  LEU n 
1 99  ALA n 
1 100 GLU n 
1 101 SER n 
1 102 VAL n 
1 103 SER n 
1 104 THR n 
1 105 LEU n 
1 106 ILE n 
1 107 TRP n 
1 108 ALA n 
1 109 ALA n 
1 110 PRO n 
1 111 ARG n 
1 112 LEU n 
1 113 GLN n 
1 114 SER n 
1 115 GLU n 
1 116 VAL n 
1 117 ALA n 
1 118 GLU n 
1 119 LEU n 
1 120 LYS n 
1 121 ILE n 
1 122 VAL n 
1 123 ALA n 
1 124 ASP n 
1 125 GLN n 
1 126 LEU n 
1 127 CYS n 
1 128 ALA n 
1 129 LYS n 
1 130 TYR n 
1 131 SER n 
1 132 LYS n 
1 133 GLU n 
1 134 TYR n 
1 135 GLY n 
1 136 LYS n 
1 137 LEU n 
1 138 CYS n 
1 139 ARG n 
1 140 THR n 
1 141 ASN n 
1 142 GLN n 
1 143 ILE n 
1 144 GLY n 
1 145 THR n 
1 146 VAL n 
1 147 ASN n 
1 148 ASP n 
1 149 ARG n 
1 150 LEU n 
1 151 MET n 
1 152 HIS n 
1 153 LYS n 
1 154 LEU n 
1 155 SER n 
1 156 VAL n 
1 157 GLU n 
1 158 ALA n 
1 159 PRO n 
1 160 PRO n 
1 161 LYS n 
1 162 ILE n 
1 163 LEU n 
1 164 VAL n 
1 165 GLU n 
1 166 ARG n 
1 167 TYR n 
1 168 LEU n 
1 169 ILE n 
1 170 GLU n 
1 171 ILE n 
1 172 ALA n 
1 173 LYS n 
1 174 ASN n 
1 175 TYR n 
1 176 ASN n 
1 177 VAL n 
1 178 PRO n 
1 179 TYR n 
1 180 GLU n 
1 181 PRO n 
1 182 ASP n 
1 183 SER n 
1 184 VAL n 
1 185 VAL n 
1 186 MET n 
1 187 ALA n 
1 188 GLU n 
1 189 ALA n 
1 190 PRO n 
1 191 PRO n 
# 
_entity_src_gen.entity_id                          1 
_entity_src_gen.pdbx_src_id                        1 
_entity_src_gen.pdbx_alt_source_flag               sample 
_entity_src_gen.pdbx_seq_type                      ? 
_entity_src_gen.pdbx_beg_seq_num                   ? 
_entity_src_gen.pdbx_end_seq_num                   ? 
_entity_src_gen.gene_src_common_name               human 
_entity_src_gen.gene_src_genus                     ? 
_entity_src_gen.pdbx_gene_src_gene                 'IST1, KIAA0174' 
_entity_src_gen.gene_src_species                   ? 
_entity_src_gen.gene_src_strain                    ? 
_entity_src_gen.gene_src_tissue                    ? 
_entity_src_gen.gene_src_tissue_fraction           ? 
_entity_src_gen.gene_src_details                   ? 
_entity_src_gen.pdbx_gene_src_fragment             ? 
_entity_src_gen.pdbx_gene_src_scientific_name      'Homo sapiens' 
_entity_src_gen.pdbx_gene_src_ncbi_taxonomy_id     9606 
_entity_src_gen.pdbx_gene_src_variant              ? 
_entity_src_gen.pdbx_gene_src_cell_line            ? 
_entity_src_gen.pdbx_gene_src_atcc                 ? 
_entity_src_gen.pdbx_gene_src_organ                ? 
_entity_src_gen.pdbx_gene_src_organelle            ? 
_entity_src_gen.pdbx_gene_src_cell                 ? 
_entity_src_gen.pdbx_gene_src_cellular_location    ? 
_entity_src_gen.host_org_common_name               ? 
_entity_src_gen.pdbx_host_org_scientific_name      'Escherichia coli' 
_entity_src_gen.pdbx_host_org_ncbi_taxonomy_id     562 
_entity_src_gen.host_org_genus                     ? 
_entity_src_gen.pdbx_host_org_gene                 ? 
_entity_src_gen.pdbx_host_org_organ                ? 
_entity_src_gen.host_org_species                   ? 
_entity_src_gen.pdbx_host_org_tissue               ? 
_entity_src_gen.pdbx_host_org_tissue_fraction      ? 
_entity_src_gen.pdbx_host_org_strain               'BL21(DE3)Codon+RIL' 
_entity_src_gen.pdbx_host_org_variant              ? 
_entity_src_gen.pdbx_host_org_cell_line            ? 
_entity_src_gen.pdbx_host_org_atcc                 ? 
_entity_src_gen.pdbx_host_org_culture_collection   ? 
_entity_src_gen.pdbx_host_org_cell                 ? 
_entity_src_gen.pdbx_host_org_organelle            ? 
_entity_src_gen.pdbx_host_org_cellular_location    ? 
_entity_src_gen.pdbx_host_org_vector_type          plasmid 
_entity_src_gen.pdbx_host_org_vector               ? 
_entity_src_gen.host_org_details                   ? 
_entity_src_gen.expression_system_id               ? 
_entity_src_gen.plasmid_name                       pGST 
_entity_src_gen.plasmid_details                    ? 
_entity_src_gen.pdbx_description                   ? 
# 
_struct_ref.id                         1 
_struct_ref.db_name                    UNP 
_struct_ref.db_code                    K0174_HUMAN 
_struct_ref.pdbx_db_accession          P53990 
_struct_ref.entity_id                  1 
_struct_ref.pdbx_seq_one_letter_code   
;MLGSGFKAERLRVNLRLVINRLKLLEKKKTELAQKARKEIADYLAAGKDERARIRVEHIIREDYLVEAMEILELYCDLLL
ARFGLIQSMKELDSGLAESVSTLIWAAPRLQSEVAELKIVADQLCAKYSKEYGKLCRTNQIGTVNDRLMHKLSVEAPPKI
LVERYLIEIAKNYNVPYEPDSVVMAEAPP
;
_struct_ref.pdbx_align_begin           1 
_struct_ref.pdbx_db_isoform            ? 
# 
_struct_ref_seq.align_id                      1 
_struct_ref_seq.ref_id                        1 
_struct_ref_seq.pdbx_PDB_id_code              3FRR 
_struct_ref_seq.pdbx_strand_id                A 
_struct_ref_seq.seq_align_beg                 3 
_struct_ref_seq.pdbx_seq_align_beg_ins_code   ? 
_struct_ref_seq.seq_align_end                 191 
_struct_ref_seq.pdbx_seq_align_end_ins_code   ? 
_struct_ref_seq.pdbx_db_accession             P53990 
_struct_ref_seq.db_align_beg                  1 
_struct_ref_seq.pdbx_db_align_beg_ins_code    ? 
_struct_ref_seq.db_align_end                  189 
_struct_ref_seq.pdbx_db_align_end_ins_code    ? 
_struct_ref_seq.pdbx_auth_seq_align_beg       1 
_struct_ref_seq.pdbx_auth_seq_align_end       189 
# 
loop_
_struct_ref_seq_dif.align_id 
_struct_ref_seq_dif.pdbx_pdb_id_code 
_struct_ref_seq_dif.mon_id 
_struct_ref_seq_dif.pdbx_pdb_strand_id 
_struct_ref_seq_dif.seq_num 
_struct_ref_seq_dif.pdbx_pdb_ins_code 
_struct_ref_seq_dif.pdbx_seq_db_name 
_struct_ref_seq_dif.pdbx_seq_db_accession_code 
_struct_ref_seq_dif.db_mon_id 
_struct_ref_seq_dif.pdbx_seq_db_seq_num 
_struct_ref_seq_dif.details 
_struct_ref_seq_dif.pdbx_auth_seq_num 
_struct_ref_seq_dif.pdbx_ordinal 
1 3FRR GLY A 1 ? UNP P53990 ? ? 'expression tag' -1 1 
1 3FRR HIS A 2 ? UNP P53990 ? ? 'expression tag' 0  2 
# 
loop_
_chem_comp.id 
_chem_comp.type 
_chem_comp.mon_nstd_flag 
_chem_comp.name 
_chem_comp.pdbx_synonyms 
_chem_comp.formula 
_chem_comp.formula_weight 
ALA 'L-peptide linking' y ALANINE         ? 'C3 H7 N O2'     89.093  
ARG 'L-peptide linking' y ARGININE        ? 'C6 H15 N4 O2 1' 175.209 
ASN 'L-peptide linking' y ASPARAGINE      ? 'C4 H8 N2 O3'    132.118 
ASP 'L-peptide linking' y 'ASPARTIC ACID' ? 'C4 H7 N O4'     133.103 
CYS 'L-peptide linking' y CYSTEINE        ? 'C3 H7 N O2 S'   121.158 
GLN 'L-peptide linking' y GLUTAMINE       ? 'C5 H10 N2 O3'   146.144 
GLU 'L-peptide linking' y 'GLUTAMIC ACID' ? 'C5 H9 N O4'     147.129 
GLY 'peptide linking'   y GLYCINE         ? 'C2 H5 N O2'     75.067  
HIS 'L-peptide linking' y HISTIDINE       ? 'C6 H10 N3 O2 1' 156.162 
HOH non-polymer         . WATER           ? 'H2 O'           18.015  
ILE 'L-peptide linking' y ISOLEUCINE      ? 'C6 H13 N O2'    131.173 
LEU 'L-peptide linking' y LEUCINE         ? 'C6 H13 N O2'    131.173 
LYS 'L-peptide linking' y LYSINE          ? 'C6 H15 N2 O2 1' 147.195 
MET 'L-peptide linking' y METHIONINE      ? 'C5 H11 N O2 S'  149.211 
PHE 'L-peptide linking' y PHENYLALANINE   ? 'C9 H11 N O2'    165.189 
PRO 'L-peptide linking' y PROLINE         ? 'C5 H9 N O2'     115.130 
SER 'L-peptide linking' y SERINE          ? 'C3 H7 N O3'     105.093 
THR 'L-peptide linking' y THREONINE       ? 'C4 H9 N O3'     119.119 
TRP 'L-peptide linking' y TRYPTOPHAN      ? 'C11 H12 N2 O2'  204.225 
TYR 'L-peptide linking' y TYROSINE        ? 'C9 H11 N O3'    181.189 
VAL 'L-peptide linking' y VALINE          ? 'C5 H11 N O2'    117.146 
# 
_exptl.crystals_number   1 
_exptl.entry_id          3FRR 
_exptl.method            'X-RAY DIFFRACTION' 
# 
_exptl_crystal.id                    1 
_exptl_crystal.density_Matthews      2.05 
_exptl_crystal.density_meas          ? 
_exptl_crystal.density_percent_sol   39.94 
_exptl_crystal.description           ? 
_exptl_crystal.F_000                 ? 
_exptl_crystal.preparation           ? 
# 
_exptl_crystal_grow.crystal_id      1 
_exptl_crystal_grow.method          'VAPOR DIFFUSION, SITTING DROP' 
_exptl_crystal_grow.pH              7.6 
_exptl_crystal_grow.temp            296 
_exptl_crystal_grow.temp_details    ? 
_exptl_crystal_grow.pdbx_details    
;35% pentaethritol propexylate  
180mM KCl  
50 mM HEPES, pH 7.6  
7% ethylene glycol, VAPOR DIFFUSION, SITTING DROP, temperature 296K
;
_exptl_crystal_grow.pdbx_pH_range   ? 
# 
_diffrn.id                     1 
_diffrn.ambient_temp           100 
_diffrn.ambient_temp_details   ? 
_diffrn.crystal_id             1 
# 
_diffrn_detector.diffrn_id              1 
_diffrn_detector.detector               'IMAGE PLATE' 
_diffrn_detector.type                   'RIGAKU RAXIS IV' 
_diffrn_detector.pdbx_collection_date   2008-08-11 
_diffrn_detector.details                ? 
# 
_diffrn_radiation.diffrn_id                        1 
_diffrn_radiation.wavelength_id                    1 
_diffrn_radiation.pdbx_diffrn_protocol             'SINGLE WAVELENGTH' 
_diffrn_radiation.monochromator                    'Verimax HR' 
_diffrn_radiation.pdbx_monochromatic_or_laue_m_l   M 
_diffrn_radiation.pdbx_scattering_type             x-ray 
# 
_diffrn_radiation_wavelength.id           1 
_diffrn_radiation_wavelength.wavelength   1.54 
_diffrn_radiation_wavelength.wt           1.0 
# 
_diffrn_source.diffrn_id                   1 
_diffrn_source.source                      'ROTATING ANODE' 
_diffrn_source.type                        'RIGAKU MICROMAX-007 HF' 
_diffrn_source.pdbx_wavelength             ? 
_diffrn_source.pdbx_wavelength_list        1.54 
_diffrn_source.pdbx_synchrotron_site       ? 
_diffrn_source.pdbx_synchrotron_beamline   ? 
# 
_reflns.entry_id                     3FRR 
_reflns.d_resolution_high            1.800 
_reflns.d_resolution_low             50.000 
_reflns.number_obs                   15886 
_reflns.pdbx_Rmerge_I_obs            0.053 
_reflns.pdbx_netI_over_sigmaI        19.209 
_reflns.pdbx_chi_squared             1.056 
_reflns.pdbx_redundancy              3.100 
_reflns.percent_possible_obs         97.200 
_reflns.observed_criterion_sigma_F   0 
_reflns.observed_criterion_sigma_I   0 
_reflns.number_all                   15886 
_reflns.pdbx_Rsym_value              ? 
_reflns.B_iso_Wilson_estimate        25.4 
_reflns.R_free_details               ? 
_reflns.limit_h_max                  ? 
_reflns.limit_h_min                  ? 
_reflns.limit_k_max                  ? 
_reflns.limit_k_min                  ? 
_reflns.limit_l_max                  ? 
_reflns.limit_l_min                  ? 
_reflns.observed_criterion_F_max     ? 
_reflns.observed_criterion_F_min     ? 
_reflns.pdbx_scaling_rejects         ? 
_reflns.pdbx_diffrn_id               1 
_reflns.pdbx_ordinal                 1 
# 
_reflns_shell.d_res_high             1.80 
_reflns_shell.d_res_low              1.86 
_reflns_shell.number_measured_obs    ? 
_reflns_shell.number_measured_all    ? 
_reflns_shell.number_unique_obs      ? 
_reflns_shell.Rmerge_I_obs           0.163 
_reflns_shell.meanI_over_sigI_obs    4.5 
_reflns_shell.pdbx_Rsym_value        ? 
_reflns_shell.pdbx_chi_squared       1.001 
_reflns_shell.pdbx_redundancy        1.80 
_reflns_shell.percent_possible_obs   ? 
_reflns_shell.number_unique_all      1296 
_reflns_shell.percent_possible_all   79.10 
_reflns_shell.pdbx_diffrn_id         ? 
_reflns_shell.pdbx_ordinal           1 
# 
_refine.entry_id                                 3FRR 
_refine.ls_d_res_high                            1.800 
_refine.ls_d_res_low                             46.180 
_refine.pdbx_ls_sigma_F                          0.00 
_refine.ls_percent_reflns_obs                    97.240 
_refine.ls_number_reflns_obs                     15861 
_refine.pdbx_ls_cross_valid_method               THROUGHOUT 
_refine.pdbx_R_Free_selection_details            RANDOM 
_refine.details                                  
'HYDROGENS HAVE BEEN ADDED IN THE RIDING POSITIONS.  U VALUES : REFINED INDIVIDUALLY' 
_refine.ls_R_factor_obs                          0.197 
_refine.ls_R_factor_R_work                       0.195 
_refine.ls_wR_factor_R_work                      0.214 
_refine.ls_R_factor_R_free                       0.247 
_refine.ls_wR_factor_R_free                      0.271 
_refine.ls_percent_reflns_R_free                 4.100 
_refine.ls_number_reflns_R_free                  648 
_refine.B_iso_mean                               27.235 
_refine.aniso_B[1][1]                            -0.700 
_refine.aniso_B[2][2]                            0.120 
_refine.aniso_B[3][3]                            0.750 
_refine.aniso_B[1][2]                            0.000 
_refine.aniso_B[1][3]                            0.720 
_refine.aniso_B[2][3]                            0.000 
_refine.correlation_coeff_Fo_to_Fc               0.954 
_refine.correlation_coeff_Fo_to_Fc_free          0.929 
_refine.overall_SU_R_Cruickshank_DPI             0.162 
_refine.overall_SU_R_free                        0.153 
_refine.pdbx_overall_ESU_R                       0.162 
_refine.pdbx_overall_ESU_R_Free                  0.153 
_refine.overall_SU_ML                            0.103 
_refine.overall_SU_B                             3.242 
_refine.solvent_model_details                    MASK 
_refine.pdbx_solvent_vdw_probe_radii             1.200 
_refine.pdbx_solvent_ion_probe_radii             0.800 
_refine.pdbx_solvent_shrinkage_radii             0.800 
_refine.pdbx_method_to_determine_struct          'MOLECULAR REPLACEMENT' 
_refine.pdbx_stereochemistry_target_values       'MAXIMUM LIKELIHOOD' 
_refine.overall_FOM_work_R_set                   0.817 
_refine.B_iso_max                                70.02 
_refine.B_iso_min                                8.17 
_refine.occupancy_max                            1.00 
_refine.occupancy_min                            0.50 
_refine.pdbx_ls_sigma_I                          ? 
_refine.ls_number_reflns_all                     15861 
_refine.ls_R_factor_all                          0.197 
_refine.ls_redundancy_reflns_obs                 ? 
_refine.pdbx_data_cutoff_high_absF               ? 
_refine.pdbx_data_cutoff_low_absF                ? 
_refine.ls_number_parameters                     ? 
_refine.ls_number_restraints                     ? 
_refine.ls_R_factor_R_free_error                 ? 
_refine.ls_R_factor_R_free_error_details         ? 
_refine.pdbx_starting_model                      'PDB ENTRY 2GD5' 
_refine.pdbx_stereochem_target_val_spec_case     ? 
_refine.solvent_model_param_bsol                 ? 
_refine.solvent_model_param_ksol                 ? 
_refine.pdbx_isotropic_thermal_model             ? 
_refine.pdbx_data_cutoff_high_rms_absF           ? 
_refine.overall_FOM_free_R_set                   ? 
_refine.pdbx_overall_phase_error                 ? 
_refine.pdbx_refine_id                           'X-RAY DIFFRACTION' 
_refine.pdbx_diffrn_id                           1 
_refine.pdbx_TLS_residual_ADP_flag               ? 
_refine.pdbx_overall_SU_R_free_Cruickshank_DPI   ? 
_refine.pdbx_overall_SU_R_Blow_DPI               ? 
_refine.pdbx_overall_SU_R_free_Blow_DPI          ? 
# 
_refine_hist.pdbx_refine_id                   'X-RAY DIFFRACTION' 
_refine_hist.cycle_id                         LAST 
_refine_hist.pdbx_number_atoms_protein        1549 
_refine_hist.pdbx_number_atoms_nucleic_acid   0 
_refine_hist.pdbx_number_atoms_ligand         0 
_refine_hist.number_atoms_solvent             163 
_refine_hist.number_atoms_total               1712 
_refine_hist.d_res_high                       1.800 
_refine_hist.d_res_low                        46.180 
# 
loop_
_refine_ls_restr.type 
_refine_ls_restr.number 
_refine_ls_restr.dev_ideal 
_refine_ls_restr.dev_ideal_target 
_refine_ls_restr.weight 
_refine_ls_restr.pdbx_refine_id 
_refine_ls_restr.pdbx_restraint_function 
r_bond_refined_d       1580 0.011  0.022  ? 'X-RAY DIFFRACTION' ? 
r_angle_refined_deg    2144 1.347  2.008  ? 'X-RAY DIFFRACTION' ? 
r_dihedral_angle_1_deg 209  4.398  5.000  ? 'X-RAY DIFFRACTION' ? 
r_dihedral_angle_2_deg 69   39.673 24.058 ? 'X-RAY DIFFRACTION' ? 
r_dihedral_angle_3_deg 326  14.455 15.000 ? 'X-RAY DIFFRACTION' ? 
r_dihedral_angle_4_deg 14   13.290 15.000 ? 'X-RAY DIFFRACTION' ? 
r_chiral_restr         249  0.088  0.200  ? 'X-RAY DIFFRACTION' ? 
r_gen_planes_refined   1158 0.005  0.021  ? 'X-RAY DIFFRACTION' ? 
r_mcbond_it            970  0.754  1.500  ? 'X-RAY DIFFRACTION' ? 
r_mcangle_it           1575 1.435  2.000  ? 'X-RAY DIFFRACTION' ? 
r_scbond_it            610  2.459  3.000  ? 'X-RAY DIFFRACTION' ? 
r_scangle_it           559  4.386  4.500  ? 'X-RAY DIFFRACTION' ? 
# 
_refine_ls_shell.d_res_high                       1.8 
_refine_ls_shell.d_res_low                        1.844 
_refine_ls_shell.pdbx_total_number_of_bins_used   20 
_refine_ls_shell.percent_reflns_obs               73.870 
_refine_ls_shell.number_reflns_R_work             859 
_refine_ls_shell.R_factor_all                     ? 
_refine_ls_shell.R_factor_R_work                  0.283 
_refine_ls_shell.R_factor_R_free                  0.378 
_refine_ls_shell.percent_reflns_R_free            ? 
_refine_ls_shell.number_reflns_R_free             43 
_refine_ls_shell.R_factor_R_free_error            ? 
_refine_ls_shell.number_reflns_all                902 
_refine_ls_shell.number_reflns_obs                ? 
_refine_ls_shell.redundancy_reflns_obs            ? 
_refine_ls_shell.pdbx_refine_id                   'X-RAY DIFFRACTION' 
# 
_struct.entry_id                  3FRR 
_struct.title                     'Structure of human IST1(NTD) - (residues 1-189)(P21)' 
_struct.pdbx_model_details        ? 
_struct.pdbx_CASP_flag            ? 
_struct.pdbx_model_type_details   ? 
# 
_struct_keywords.entry_id        3FRR 
_struct_keywords.pdbx_keywords   'PROTEIN BINDING' 
_struct_keywords.text            'ESCRT, ESCRT-III, CHMP, IST1, Alternative splicing, Phosphoprotein, PROTEIN BINDING' 
# 
loop_
_struct_asym.id 
_struct_asym.pdbx_blank_PDB_chainid_flag 
_struct_asym.pdbx_modified 
_struct_asym.entity_id 
_struct_asym.details 
A N N 1 ? 
B N N 2 ? 
# 
_struct_biol.id        1 
_struct_biol.details   ? 
# 
loop_
_struct_conf.conf_type_id 
_struct_conf.id 
_struct_conf.pdbx_PDB_helix_id 
_struct_conf.beg_label_comp_id 
_struct_conf.beg_label_asym_id 
_struct_conf.beg_label_seq_id 
_struct_conf.pdbx_beg_PDB_ins_code 
_struct_conf.end_label_comp_id 
_struct_conf.end_label_asym_id 
_struct_conf.end_label_seq_id 
_struct_conf.pdbx_end_PDB_ins_code 
_struct_conf.beg_auth_comp_id 
_struct_conf.beg_auth_asym_id 
_struct_conf.beg_auth_seq_id 
_struct_conf.end_auth_comp_id 
_struct_conf.end_auth_asym_id 
_struct_conf.end_auth_seq_id 
_struct_conf.pdbx_PDB_helix_class 
_struct_conf.details 
_struct_conf.pdbx_PDB_helix_length 
HELX_P HELX_P1  1  LYS A 9   ? ALA A 48  ? LYS A 7   ALA A 46  1 ? 40 
HELX_P HELX_P2  2  LYS A 50  ? ARG A 84  ? LYS A 48  ARG A 82  1 ? 35 
HELX_P HELX_P3  3  ARG A 84  ? SER A 90  ? ARG A 82  SER A 88  1 ? 7  
HELX_P HELX_P4  4  ASP A 95  ? GLY A 97  ? ASP A 93  GLY A 95  5 ? 3  
HELX_P HELX_P5  5  LEU A 98  ? GLN A 113 ? LEU A 96  GLN A 111 1 ? 16 
HELX_P HELX_P6  6  VAL A 116 ? SER A 131 ? VAL A 114 SER A 129 1 ? 16 
HELX_P HELX_P7  7  SER A 131 ? THR A 140 ? SER A 129 THR A 138 1 ? 10 
HELX_P HELX_P8  8  ASN A 147 ? LEU A 154 ? ASN A 145 LEU A 152 1 ? 8  
HELX_P HELX_P9  9  PRO A 160 ? ASN A 176 ? PRO A 158 ASN A 174 1 ? 17 
HELX_P HELX_P10 10 ASP A 182 ? GLU A 188 ? ASP A 180 GLU A 186 1 ? 7  
# 
_struct_conf_type.id          HELX_P 
_struct_conf_type.criteria    ? 
_struct_conf_type.reference   ? 
# 
_struct_mon_prot_cis.pdbx_id                1 
_struct_mon_prot_cis.label_comp_id          ALA 
_struct_mon_prot_cis.label_seq_id           48 
_struct_mon_prot_cis.label_asym_id          A 
_struct_mon_prot_cis.label_alt_id           . 
_struct_mon_prot_cis.pdbx_PDB_ins_code      ? 
_struct_mon_prot_cis.auth_comp_id           ALA 
_struct_mon_prot_cis.auth_seq_id            46 
_struct_mon_prot_cis.auth_asym_id           A 
_struct_mon_prot_cis.pdbx_label_comp_id_2   GLY 
_struct_mon_prot_cis.pdbx_label_seq_id_2    49 
_struct_mon_prot_cis.pdbx_label_asym_id_2   A 
_struct_mon_prot_cis.pdbx_PDB_ins_code_2    ? 
_struct_mon_prot_cis.pdbx_auth_comp_id_2    GLY 
_struct_mon_prot_cis.pdbx_auth_seq_id_2     47 
_struct_mon_prot_cis.pdbx_auth_asym_id_2    A 
_struct_mon_prot_cis.pdbx_PDB_model_num     1 
_struct_mon_prot_cis.pdbx_omega_angle       -8.89 
# 
_atom_sites.entry_id                    3FRR 
_atom_sites.fract_transf_matrix[1][1]   -0.02342715 
_atom_sites.fract_transf_matrix[1][2]   0.02072654 
_atom_sites.fract_transf_matrix[1][3]   0.01442438 
_atom_sites.fract_transf_matrix[2][1]   -0.00146582 
_atom_sites.fract_transf_matrix[2][2]   -0.00719445 
_atom_sites.fract_transf_matrix[2][3]   0.00795709 
_atom_sites.fract_transf_matrix[3][1]   0.01914892 
_atom_sites.fract_transf_matrix[3][2]   0.01555666 
_atom_sites.fract_transf_matrix[3][3]   0.01759318 
_atom_sites.fract_transf_vector[1]      0.222546 
_atom_sites.fract_transf_vector[2]      -0.202592 
_atom_sites.fract_transf_vector[3]      0.392359 
# 
loop_
_atom_type.symbol 
C 
N 
O 
S 
# 
loop_
_atom_site.group_PDB 
_atom_site.id 
_atom_site.type_symbol 
_atom_site.label_atom_id 
_atom_site.label_alt_id 
_atom_site.label_comp_id 
_atom_site.label_asym_id 
_atom_site.label_entity_id 
_atom_site.label_seq_id 
_atom_site.pdbx_PDB_ins_code 
_atom_site.Cartn_x 
_atom_site.Cartn_y 
_atom_site.Cartn_z 
_atom_site.occupancy 
_atom_site.B_iso_or_equiv 
_atom_site.pdbx_formal_charge 
_atom_site.auth_seq_id 
_atom_site.auth_comp_id 
_atom_site.auth_asym_id 
_atom_site.auth_atom_id 
_atom_site.pdbx_PDB_model_num 
ATOM   1    N N   . LEU A 1 4   ? 11.130  10.792  -34.099 1.00 45.26 ? 2   LEU A N   1 
ATOM   2    C CA  . LEU A 1 4   ? 10.416  11.258  -32.870 1.00 44.69 ? 2   LEU A CA  1 
ATOM   3    C C   . LEU A 1 4   ? 11.197  10.888  -31.598 1.00 44.29 ? 2   LEU A C   1 
ATOM   4    O O   . LEU A 1 4   ? 11.887  11.739  -31.036 1.00 44.66 ? 2   LEU A O   1 
ATOM   5    C CB  . LEU A 1 4   ? 8.984   10.716  -32.836 1.00 44.96 ? 2   LEU A CB  1 
ATOM   6    C CG  . LEU A 1 4   ? 7.969   11.450  -31.963 1.00 44.70 ? 2   LEU A CG  1 
ATOM   7    C CD1 . LEU A 1 4   ? 7.262   12.539  -32.756 1.00 44.77 ? 2   LEU A CD1 1 
ATOM   8    C CD2 . LEU A 1 4   ? 6.966   10.459  -31.395 1.00 44.48 ? 2   LEU A CD2 1 
ATOM   9    N N   . GLY A 1 5   ? 11.102  9.634   -31.149 1.00 43.53 ? 3   GLY A N   1 
ATOM   10   C CA  . GLY A 1 5   ? 11.933  9.157   -30.031 1.00 41.96 ? 3   GLY A CA  1 
ATOM   11   C C   . GLY A 1 5   ? 11.224  8.670   -28.774 1.00 40.81 ? 3   GLY A C   1 
ATOM   12   O O   . GLY A 1 5   ? 9.994   8.685   -28.689 1.00 40.80 ? 3   GLY A O   1 
ATOM   13   N N   . SER A 1 6   ? 12.013  8.241   -27.786 1.00 39.57 ? 4   SER A N   1 
ATOM   14   C CA  . SER A 1 6   ? 11.459  7.684   -26.548 1.00 37.60 ? 4   SER A CA  1 
ATOM   15   C C   . SER A 1 6   ? 11.649  8.599   -25.345 1.00 36.30 ? 4   SER A C   1 
ATOM   16   O O   . SER A 1 6   ? 12.716  9.196   -25.156 1.00 36.78 ? 4   SER A O   1 
ATOM   17   C CB  . SER A 1 6   ? 12.048  6.294   -26.243 1.00 38.38 ? 4   SER A CB  1 
ATOM   18   O OG  . SER A 1 6   ? 11.516  5.764   -25.027 1.00 37.28 ? 4   SER A OG  1 
ATOM   19   N N   . GLY A 1 7   ? 10.597  8.697   -24.539 1.00 33.98 ? 5   GLY A N   1 
ATOM   20   C CA  . GLY A 1 7   ? 10.640  9.406   -23.273 1.00 31.92 ? 5   GLY A CA  1 
ATOM   21   C C   . GLY A 1 7   ? 11.291  8.590   -22.171 1.00 30.02 ? 5   GLY A C   1 
ATOM   22   O O   . GLY A 1 7   ? 11.498  9.094   -21.070 1.00 30.69 ? 5   GLY A O   1 
ATOM   23   N N   . PHE A 1 8   ? 11.633  7.335   -22.464 1.00 27.62 ? 6   PHE A N   1 
ATOM   24   C CA  . PHE A 1 8   ? 12.240  6.478   -21.436 1.00 25.58 ? 6   PHE A CA  1 
ATOM   25   C C   . PHE A 1 8   ? 13.649  6.931   -21.067 1.00 24.63 ? 6   PHE A C   1 
ATOM   26   O O   . PHE A 1 8   ? 14.551  6.981   -21.920 1.00 24.45 ? 6   PHE A O   1 
ATOM   27   C CB  . PHE A 1 8   ? 12.240  4.995   -21.853 1.00 25.04 ? 6   PHE A CB  1 
ATOM   28   C CG  . PHE A 1 8   ? 12.795  4.074   -20.790 1.00 23.10 ? 6   PHE A CG  1 
ATOM   29   C CD1 . PHE A 1 8   ? 13.895  3.263   -21.050 1.00 23.40 ? 6   PHE A CD1 1 
ATOM   30   C CD2 . PHE A 1 8   ? 12.231  4.046   -19.509 1.00 22.65 ? 6   PHE A CD2 1 
ATOM   31   C CE1 . PHE A 1 8   ? 14.414  2.421   -20.063 1.00 22.22 ? 6   PHE A CE1 1 
ATOM   32   C CE2 . PHE A 1 8   ? 12.740  3.201   -18.511 1.00 21.45 ? 6   PHE A CE2 1 
ATOM   33   C CZ  . PHE A 1 8   ? 13.836  2.382   -18.794 1.00 21.87 ? 6   PHE A CZ  1 
ATOM   34   N N   . LYS A 1 9   ? 13.831  7.262   -19.795 1.00 22.89 ? 7   LYS A N   1 
ATOM   35   C CA  . LYS A 1 9   ? 15.124  7.614   -19.253 1.00 23.47 ? 7   LYS A CA  1 
ATOM   36   C C   . LYS A 1 9   ? 15.510  6.566   -18.225 1.00 22.48 ? 7   LYS A C   1 
ATOM   37   O O   . LYS A 1 9   ? 15.112  6.657   -17.068 1.00 22.63 ? 7   LYS A O   1 
ATOM   38   C CB  . LYS A 1 9   ? 15.043  8.975   -18.579 1.00 24.05 ? 7   LYS A CB  1 
ATOM   39   C CG  . LYS A 1 9   ? 14.899  10.143  -19.524 1.00 27.92 ? 7   LYS A CG  1 
ATOM   40   C CD  . LYS A 1 9   ? 14.912  11.455  -18.749 1.00 33.09 ? 7   LYS A CD  1 
ATOM   41   C CE  . LYS A 1 9   ? 15.922  12.426  -19.373 1.00 36.95 ? 7   LYS A CE  1 
ATOM   42   N NZ  . LYS A 1 9   ? 15.906  13.775  -18.730 1.00 40.49 ? 7   LYS A NZ  1 
ATOM   43   N N   . ALA A 1 10  ? 16.269  5.556   -18.652 1.00 21.68 ? 8   ALA A N   1 
ATOM   44   C CA  . ALA A 1 10  ? 16.600  4.438   -17.777 1.00 20.48 ? 8   ALA A CA  1 
ATOM   45   C C   . ALA A 1 10  ? 17.223  4.872   -16.463 1.00 20.51 ? 8   ALA A C   1 
ATOM   46   O O   . ALA A 1 10  ? 16.867  4.351   -15.410 1.00 19.94 ? 8   ALA A O   1 
ATOM   47   C CB  . ALA A 1 10  ? 17.512  3.426   -18.501 1.00 20.63 ? 8   ALA A CB  1 
ATOM   48   N N   . GLU A 1 11  ? 18.156  5.819   -16.509 1.00 20.36 ? 9   GLU A N   1 
ATOM   49   C CA  . GLU A 1 11  ? 18.828  6.198   -15.279 1.00 20.64 ? 9   GLU A CA  1 
ATOM   50   C C   . GLU A 1 11  ? 17.897  6.919   -14.294 1.00 20.06 ? 9   GLU A C   1 
ATOM   51   O O   . GLU A 1 11  ? 18.075  6.800   -13.085 1.00 18.98 ? 9   GLU A O   1 
ATOM   52   C CB  . GLU A 1 11  ? 20.110  6.987   -15.530 1.00 21.96 ? 9   GLU A CB  1 
ATOM   53   C CG  . GLU A 1 11  ? 21.254  6.138   -16.160 1.00 24.49 ? 9   GLU A CG  1 
ATOM   54   C CD  . GLU A 1 11  ? 21.458  4.764   -15.484 1.00 29.43 ? 9   GLU A CD  1 
ATOM   55   O OE1 . GLU A 1 11  ? 21.546  4.693   -14.238 1.00 29.12 ? 9   GLU A OE1 1 
ATOM   56   O OE2 . GLU A 1 11  ? 21.535  3.746   -16.216 1.00 32.13 ? 9   GLU A OE2 1 
ATOM   57   N N   . ARG A 1 12  ? 16.913  7.647   -14.825 1.00 19.69 ? 10  ARG A N   1 
ATOM   58   C CA  . ARG A 1 12  ? 15.906  8.285   -13.966 1.00 19.69 ? 10  ARG A CA  1 
ATOM   59   C C   . ARG A 1 12  ? 15.033  7.218   -13.283 1.00 19.54 ? 10  ARG A C   1 
ATOM   60   O O   . ARG A 1 12  ? 14.684  7.360   -12.119 1.00 19.09 ? 10  ARG A O   1 
ATOM   61   C CB  . ARG A 1 12  ? 15.044  9.266   -14.756 1.00 21.08 ? 10  ARG A CB  1 
ATOM   62   C CG  . ARG A 1 12  ? 15.836  10.459  -15.361 1.00 24.15 ? 10  ARG A CG  1 
ATOM   63   C CD  . ARG A 1 12  ? 16.725  11.189  -14.333 1.00 30.11 ? 10  ARG A CD  1 
ATOM   64   N NE  . ARG A 1 12  ? 16.013  11.519  -13.099 1.00 34.51 ? 10  ARG A NE  1 
ATOM   65   C CZ  . ARG A 1 12  ? 16.576  11.586  -11.893 1.00 37.06 ? 10  ARG A CZ  1 
ATOM   66   N NH1 . ARG A 1 12  ? 17.882  11.359  -11.742 1.00 38.69 ? 10  ARG A NH1 1 
ATOM   67   N NH2 . ARG A 1 12  ? 15.826  11.878  -10.831 1.00 37.44 ? 10  ARG A NH2 1 
ATOM   68   N N   . LEU A 1 13  ? 14.705  6.154   -14.009 1.00 18.18 ? 11  LEU A N   1 
ATOM   69   C CA  . LEU A 1 13  ? 14.000  5.016   -13.406 1.00 18.07 ? 11  LEU A CA  1 
ATOM   70   C C   . LEU A 1 13  ? 14.829  4.350   -12.307 1.00 18.12 ? 11  LEU A C   1 
ATOM   71   O O   . LEU A 1 13  ? 14.299  4.035   -11.228 1.00 17.29 ? 11  LEU A O   1 
ATOM   72   C CB  . LEU A 1 13  ? 13.558  3.993   -14.480 1.00 16.99 ? 11  LEU A CB  1 
ATOM   73   C CG  . LEU A 1 13  ? 13.001  2.664   -13.954 1.00 16.56 ? 11  LEU A CG  1 
ATOM   74   C CD1 . LEU A 1 13  ? 11.714  2.905   -13.134 1.00 15.10 ? 11  LEU A CD1 1 
ATOM   75   C CD2 . LEU A 1 13  ? 12.742  1.714   -15.096 1.00 14.54 ? 11  LEU A CD2 1 
ATOM   76   N N   . ARG A 1 14  ? 16.130  4.140   -12.565 1.00 17.59 ? 12  ARG A N   1 
ATOM   77   C CA  . ARG A 1 14  ? 16.985  3.459   -11.594 1.00 18.25 ? 12  ARG A CA  1 
ATOM   78   C C   . ARG A 1 14  ? 17.137  4.275   -10.299 1.00 18.87 ? 12  ARG A C   1 
ATOM   79   O O   . ARG A 1 14  ? 17.069  3.715   -9.208  1.00 18.62 ? 12  ARG A O   1 
ATOM   80   C CB  . ARG A 1 14  ? 18.379  3.164   -12.176 1.00 18.28 ? 12  ARG A CB  1 
ATOM   81   C CG  . ARG A 1 14  ? 19.056  1.951   -11.508 1.00 19.84 ? 12  ARG A CG  1 
ATOM   82   C CD  . ARG A 1 14  ? 20.561  1.946   -11.776 1.00 23.29 ? 12  ARG A CD  1 
ATOM   83   N NE  . ARG A 1 14  ? 20.885  1.940   -13.204 1.00 22.68 ? 12  ARG A NE  1 
ATOM   84   C CZ  . ARG A 1 14  ? 21.169  0.835   -13.898 1.00 24.80 ? 12  ARG A CZ  1 
ATOM   85   N NH1 . ARG A 1 14  ? 21.134  -0.376  -13.315 1.00 24.09 ? 12  ARG A NH1 1 
ATOM   86   N NH2 . ARG A 1 14  ? 21.474  0.933   -15.182 1.00 24.91 ? 12  ARG A NH2 1 
ATOM   87   N N   . VAL A 1 15  ? 17.359  5.584   -10.443 1.00 19.67 ? 13  VAL A N   1 
ATOM   88   C CA  . VAL A 1 15  ? 17.515  6.471   -9.303  1.00 20.08 ? 13  VAL A CA  1 
ATOM   89   C C   . VAL A 1 15  ? 16.216  6.443   -8.480  1.00 20.02 ? 13  VAL A C   1 
ATOM   90   O O   . VAL A 1 15  ? 16.254  6.215   -7.276  1.00 19.40 ? 13  VAL A O   1 
ATOM   91   C CB  . VAL A 1 15  ? 17.850  7.929   -9.719  1.00 20.41 ? 13  VAL A CB  1 
ATOM   92   C CG1 . VAL A 1 15  ? 17.676  8.870   -8.515  1.00 22.63 ? 13  VAL A CG1 1 
ATOM   93   C CG2 . VAL A 1 15  ? 19.305  8.036   -10.250 1.00 21.02 ? 13  VAL A CG2 1 
ATOM   94   N N   . ASN A 1 16  ? 15.087  6.633   -9.163  1.00 19.51 ? 14  ASN A N   1 
ATOM   95   C CA  . ASN A 1 16  ? 13.811  6.754   -8.471  1.00 19.77 ? 14  ASN A CA  1 
ATOM   96   C C   . ASN A 1 16  ? 13.348  5.453   -7.821  1.00 18.99 ? 14  ASN A C   1 
ATOM   97   O O   . ASN A 1 16  ? 12.695  5.488   -6.781  1.00 18.25 ? 14  ASN A O   1 
ATOM   98   C CB  . ASN A 1 16  ? 12.769  7.432   -9.354  1.00 19.68 ? 14  ASN A CB  1 
ATOM   99   C CG  . ASN A 1 16  ? 12.987  8.925   -9.408  1.00 21.97 ? 14  ASN A CG  1 
ATOM   100  O OD1 . ASN A 1 16  ? 12.730  9.623   -8.417  1.00 25.29 ? 14  ASN A OD1 1 
ATOM   101  N ND2 . ASN A 1 16  ? 13.558  9.419   -10.520 1.00 21.18 ? 14  ASN A ND2 1 
ATOM   102  N N   . LEU A 1 17  ? 13.723  4.308   -8.395  1.00 18.35 ? 15  LEU A N   1 
ATOM   103  C CA  . LEU A 1 17  ? 13.475  3.037   -7.712  1.00 18.51 ? 15  LEU A CA  1 
ATOM   104  C C   . LEU A 1 17  ? 14.148  2.958   -6.352  1.00 18.81 ? 15  LEU A C   1 
ATOM   105  O O   . LEU A 1 17  ? 13.536  2.516   -5.373  1.00 18.15 ? 15  LEU A O   1 
ATOM   106  C CB  . LEU A 1 17  ? 13.862  1.834   -8.583  1.00 18.27 ? 15  LEU A CB  1 
ATOM   107  C CG  . LEU A 1 17  ? 12.914  1.463   -9.719  1.00 15.99 ? 15  LEU A CG  1 
ATOM   108  C CD1 . LEU A 1 17  ? 13.653  0.516   -10.654 1.00 16.63 ? 15  LEU A CD1 1 
ATOM   109  C CD2 . LEU A 1 17  ? 11.635  0.774   -9.177  1.00 16.90 ? 15  LEU A CD2 1 
ATOM   110  N N   . ARG A 1 18  ? 15.407  3.390   -6.272  1.00 19.44 ? 16  ARG A N   1 
ATOM   111  C CA  . ARG A 1 18  ? 16.105  3.381   -4.994  1.00 20.37 ? 16  ARG A CA  1 
ATOM   112  C C   . ARG A 1 18  ? 15.479  4.387   -4.012  1.00 19.98 ? 16  ARG A C   1 
ATOM   113  O O   . ARG A 1 18  ? 15.356  4.097   -2.813  1.00 20.96 ? 16  ARG A O   1 
ATOM   114  C CB  . ARG A 1 18  ? 17.604  3.696   -5.203  1.00 21.44 ? 16  ARG A CB  1 
ATOM   115  C CG  . ARG A 1 18  ? 18.483  3.658   -3.922  1.00 25.77 ? 16  ARG A CG  1 
ATOM   116  C CD  . ARG A 1 18  ? 18.272  2.429   -3.025  1.00 32.29 ? 16  ARG A CD  1 
ATOM   117  N NE  . ARG A 1 18  ? 18.836  1.198   -3.583  1.00 37.92 ? 16  ARG A NE  1 
ATOM   118  C CZ  . ARG A 1 18  ? 18.764  0.006   -2.991  1.00 40.10 ? 16  ARG A CZ  1 
ATOM   119  N NH1 . ARG A 1 18  ? 18.165  -0.127  -1.814  1.00 40.42 ? 16  ARG A NH1 1 
ATOM   120  N NH2 . ARG A 1 18  ? 19.302  -1.061  -3.571  1.00 42.30 ? 16  ARG A NH2 1 
ATOM   121  N N   . LEU A 1 19  ? 15.098  5.551   -4.525  1.00 19.57 ? 17  LEU A N   1 
ATOM   122  C CA  . LEU A 1 19  ? 14.503  6.588   -3.686  1.00 19.95 ? 17  LEU A CA  1 
ATOM   123  C C   . LEU A 1 19  ? 13.173  6.095   -3.124  1.00 19.39 ? 17  LEU A C   1 
ATOM   124  O O   . LEU A 1 19  ? 12.846  6.355   -1.951  1.00 19.21 ? 17  LEU A O   1 
ATOM   125  C CB  . LEU A 1 19  ? 14.317  7.898   -4.455  1.00 20.29 ? 17  LEU A CB  1 
ATOM   126  C CG  . LEU A 1 19  ? 15.542  8.788   -4.780  1.00 22.02 ? 17  LEU A CG  1 
ATOM   127  C CD1 . LEU A 1 19  ? 15.130  9.916   -5.687  1.00 21.80 ? 17  LEU A CD1 1 
ATOM   128  C CD2 . LEU A 1 19  ? 16.153  9.388   -3.535  1.00 25.36 ? 17  LEU A CD2 1 
ATOM   129  N N   . VAL A 1 20  ? 12.407  5.406   -3.971  1.00 18.23 ? 18  VAL A N   1 
ATOM   130  C CA  . VAL A 1 20  ? 11.165  4.775   -3.507  1.00 16.97 ? 18  VAL A CA  1 
ATOM   131  C C   . VAL A 1 20  ? 11.433  3.805   -2.362  1.00 17.23 ? 18  VAL A C   1 
ATOM   132  O O   . VAL A 1 20  ? 10.771  3.861   -1.327  1.00 15.90 ? 18  VAL A O   1 
ATOM   133  C CB  . VAL A 1 20  ? 10.376  4.083   -4.661  1.00 16.16 ? 18  VAL A CB  1 
ATOM   134  C CG1 . VAL A 1 20  ? 9.234   3.223   -4.084  1.00 15.70 ? 18  VAL A CG1 1 
ATOM   135  C CG2 . VAL A 1 20  ? 9.825   5.119   -5.617  1.00 16.22 ? 18  VAL A CG2 1 
ATOM   136  N N   . ILE A 1 21  ? 12.404  2.913   -2.519  1.00 17.05 ? 19  ILE A N   1 
ATOM   137  C CA  . ILE A 1 21  ? 12.675  1.939   -1.467  1.00 18.39 ? 19  ILE A CA  1 
ATOM   138  C C   . ILE A 1 21  ? 12.957  2.648   -0.129  1.00 18.74 ? 19  ILE A C   1 
ATOM   139  O O   . ILE A 1 21  ? 12.410  2.277   0.919   1.00 19.17 ? 19  ILE A O   1 
ATOM   140  C CB  . ILE A 1 21  ? 13.844  0.989   -1.842  1.00 18.01 ? 19  ILE A CB  1 
ATOM   141  C CG1 . ILE A 1 21  ? 13.397  0.037   -2.941  1.00 19.61 ? 19  ILE A CG1 1 
ATOM   142  C CG2 . ILE A 1 21  ? 14.347  0.202   -0.606  1.00 19.01 ? 19  ILE A CG2 1 
ATOM   143  C CD1 . ILE A 1 21  ? 14.565  -0.661  -3.705  1.00 22.81 ? 19  ILE A CD1 1 
ATOM   144  N N   . ASN A 1 22  ? 13.791  3.675   -0.169  1.00 18.88 ? 20  ASN A N   1 
ATOM   145  C CA  . ASN A 1 22  ? 14.151  4.368   1.068   1.00 19.77 ? 20  ASN A CA  1 
ATOM   146  C C   . ASN A 1 22  ? 12.949  5.097   1.675   1.00 19.63 ? 20  ASN A C   1 
ATOM   147  O O   . ASN A 1 22  ? 12.795  5.138   2.904   1.00 19.69 ? 20  ASN A O   1 
ATOM   148  C CB  . ASN A 1 22  ? 15.311  5.322   0.833   1.00 20.03 ? 20  ASN A CB  1 
ATOM   149  C CG  . ASN A 1 22  ? 16.591  4.588   0.472   1.00 20.85 ? 20  ASN A CG  1 
ATOM   150  O OD1 . ASN A 1 22  ? 16.812  3.470   0.914   1.00 24.22 ? 20  ASN A OD1 1 
ATOM   151  N ND2 . ASN A 1 22  ? 17.437  5.223   -0.325  1.00 21.78 ? 20  ASN A ND2 1 
ATOM   152  N N   . ARG A 1 23  ? 12.111  5.659   0.812   1.00 19.32 ? 21  ARG A N   1 
ATOM   153  C CA  . ARG A 1 23  ? 10.920  6.383   1.271   1.00 19.59 ? 21  ARG A CA  1 
ATOM   154  C C   . ARG A 1 23  ? 9.938   5.433   1.930   1.00 19.31 ? 21  ARG A C   1 
ATOM   155  O O   . ARG A 1 23  ? 9.292   5.803   2.932   1.00 18.33 ? 21  ARG A O   1 
ATOM   156  C CB  . ARG A 1 23  ? 10.272  7.149   0.114   1.00 19.87 ? 21  ARG A CB  1 
ATOM   157  C CG  . ARG A 1 23  ? 8.982   7.918   0.453   1.00 21.17 ? 21  ARG A CG  1 
ATOM   158  C CD  . ARG A 1 23  ? 9.220   9.014   1.491   1.00 22.57 ? 21  ARG A CD  1 
ATOM   159  N NE  . ARG A 1 23  ? 7.987   9.784   1.671   1.00 23.72 ? 21  ARG A NE  1 
ATOM   160  C CZ  . ARG A 1 23  ? 7.756   10.645  2.657   1.00 26.75 ? 21  ARG A CZ  1 
ATOM   161  N NH1 . ARG A 1 23  ? 8.679   10.887  3.593   1.00 25.78 ? 21  ARG A NH1 1 
ATOM   162  N NH2 . ARG A 1 23  ? 6.586   11.270  2.700   1.00 25.19 ? 21  ARG A NH2 1 
ATOM   163  N N   . LEU A 1 24  ? 9.809   4.224   1.372   1.00 18.49 ? 22  LEU A N   1 
ATOM   164  C CA  . LEU A 1 24  ? 8.894   3.211   1.914   1.00 19.01 ? 22  LEU A CA  1 
ATOM   165  C C   . LEU A 1 24  ? 9.391   2.699   3.253   1.00 20.00 ? 22  LEU A C   1 
ATOM   166  O O   . LEU A 1 24  ? 8.617   2.531   4.191   1.00 20.37 ? 22  LEU A O   1 
ATOM   167  C CB  . LEU A 1 24  ? 8.708   2.044   0.940   1.00 18.49 ? 22  LEU A CB  1 
ATOM   168  C CG  . LEU A 1 24  ? 7.972   2.305   -0.374  1.00 18.12 ? 22  LEU A CG  1 
ATOM   169  C CD1 . LEU A 1 24  ? 8.119   1.069   -1.243  1.00 18.63 ? 22  LEU A CD1 1 
ATOM   170  C CD2 . LEU A 1 24  ? 6.488   2.615   -0.132  1.00 20.40 ? 22  LEU A CD2 1 
ATOM   171  N N   . LYS A 1 25  ? 10.702  2.477   3.362   1.00 21.17 ? 23  LYS A N   1 
ATOM   172  C CA  . LYS A 1 25  ? 11.296  2.047   4.627   1.00 21.90 ? 23  LYS A CA  1 
ATOM   173  C C   . LYS A 1 25  ? 11.047  3.083   5.725   1.00 22.14 ? 23  LYS A C   1 
ATOM   174  O O   . LYS A 1 25  ? 10.734  2.721   6.873   1.00 22.58 ? 23  LYS A O   1 
ATOM   175  C CB  . LYS A 1 25  ? 12.803  1.834   4.464   1.00 22.20 ? 23  LYS A CB  1 
ATOM   176  C CG  . LYS A 1 25  ? 13.149  0.549   3.732   1.00 24.90 ? 23  LYS A CG  1 
ATOM   177  C CD  . LYS A 1 25  ? 14.650  0.411   3.460   1.00 28.61 ? 23  LYS A CD  1 
ATOM   178  C CE  . LYS A 1 25  ? 15.487  0.311   4.737   1.00 33.14 ? 23  LYS A CE  1 
ATOM   179  N NZ  . LYS A 1 25  ? 15.371  -1.006  5.457   1.00 38.59 ? 23  LYS A NZ  1 
ATOM   180  N N   . LEU A 1 26  ? 11.169  4.352   5.351   1.00 22.23 ? 24  LEU A N   1 
ATOM   181  C CA  . LEU A 1 26  ? 10.920  5.460   6.261   1.00 23.07 ? 24  LEU A CA  1 
ATOM   182  C C   . LEU A 1 26  ? 9.438   5.527   6.664   1.00 23.34 ? 24  LEU A C   1 
ATOM   183  O O   . LEU A 1 26  ? 9.114   5.657   7.854   1.00 22.83 ? 24  LEU A O   1 
ATOM   184  C CB  . LEU A 1 26  ? 11.373  6.773   5.635   1.00 23.29 ? 24  LEU A CB  1 
ATOM   185  C CG  . LEU A 1 26  ? 11.059  8.060   6.404   1.00 23.37 ? 24  LEU A CG  1 
ATOM   186  C CD1 . LEU A 1 26  ? 11.775  8.111   7.773   1.00 25.31 ? 24  LEU A CD1 1 
ATOM   187  C CD2 . LEU A 1 26  ? 11.399  9.259   5.589   1.00 23.82 ? 24  LEU A CD2 1 
ATOM   188  N N   . LEU A 1 27  ? 8.541   5.425   5.691   1.00 22.87 ? 25  LEU A N   1 
ATOM   189  C CA  . LEU A 1 27  ? 7.112   5.497   6.019   1.00 23.45 ? 25  LEU A CA  1 
ATOM   190  C C   . LEU A 1 27  ? 6.587   4.276   6.802   1.00 24.01 ? 25  LEU A C   1 
ATOM   191  O O   . LEU A 1 27  ? 5.668   4.425   7.627   1.00 24.35 ? 25  LEU A O   1 
ATOM   192  C CB  . LEU A 1 27  ? 6.275   5.809   4.767   1.00 23.74 ? 25  LEU A CB  1 
ATOM   193  C CG  . LEU A 1 27  ? 6.482   7.168   4.099   1.00 22.72 ? 25  LEU A CG  1 
ATOM   194  C CD1 . LEU A 1 27  ? 5.665   7.262   2.817   1.00 23.39 ? 25  LEU A CD1 1 
ATOM   195  C CD2 . LEU A 1 27  ? 6.170   8.349   5.049   1.00 25.61 ? 25  LEU A CD2 1 
ATOM   196  N N   . GLU A 1 28  ? 7.175   3.090   6.597   1.00 24.07 ? 26  GLU A N   1 
ATOM   197  C CA  . GLU A 1 28  ? 6.782   1.889   7.346   1.00 25.10 ? 26  GLU A CA  1 
ATOM   198  C C   . GLU A 1 28  ? 7.014   2.111   8.839   1.00 26.10 ? 26  GLU A C   1 
ATOM   199  O O   . GLU A 1 28  ? 6.128   1.839   9.669   1.00 26.13 ? 26  GLU A O   1 
ATOM   200  C CB  . GLU A 1 28  ? 7.551   0.651   6.883   1.00 25.29 ? 26  GLU A CB  1 
ATOM   201  C CG  . GLU A 1 28  ? 7.156   0.096   5.490   1.00 25.51 ? 26  GLU A CG  1 
ATOM   202  C CD  . GLU A 1 28  ? 8.278   -0.694  4.851   1.00 28.05 ? 26  GLU A CD  1 
ATOM   203  O OE1 . GLU A 1 28  ? 9.109   -1.265  5.605   1.00 28.70 ? 26  GLU A OE1 1 
ATOM   204  O OE2 . GLU A 1 28  ? 8.339   -0.753  3.598   1.00 24.85 ? 26  GLU A OE2 1 
ATOM   205  N N   . LYS A 1 29  ? 8.207   2.607   9.163   1.00 26.20 ? 27  LYS A N   1 
ATOM   206  C CA  . LYS A 1 29  ? 8.601   2.896   10.551  1.00 27.66 ? 27  LYS A CA  1 
ATOM   207  C C   . LYS A 1 29  ? 7.743   4.011   11.156  1.00 27.16 ? 27  LYS A C   1 
ATOM   208  O O   . LYS A 1 29  ? 7.136   3.820   12.217  1.00 27.61 ? 27  LYS A O   1 
ATOM   209  C CB  . LYS A 1 29  ? 10.089  3.263   10.609  1.00 28.29 ? 27  LYS A CB  1 
ATOM   210  C CG  . LYS A 1 29  ? 10.647  3.448   12.021  1.00 31.70 ? 27  LYS A CG  1 
ATOM   211  C CD  . LYS A 1 29  ? 12.035  4.073   11.965  1.00 36.30 ? 27  LYS A CD  1 
ATOM   212  C CE  . LYS A 1 29  ? 12.628  4.260   13.358  1.00 38.66 ? 27  LYS A CE  1 
ATOM   213  N NZ  . LYS A 1 29  ? 13.233  2.998   13.907  1.00 40.57 ? 27  LYS A NZ  1 
ATOM   214  N N   . LYS A 1 30  ? 7.667   5.146   10.464  1.00 26.88 ? 28  LYS A N   1 
ATOM   215  C CA  . LYS A 1 30  ? 6.917   6.309   10.941  1.00 26.64 ? 28  LYS A CA  1 
ATOM   216  C C   . LYS A 1 30  ? 5.433   5.996   11.163  1.00 26.02 ? 28  LYS A C   1 
ATOM   217  O O   . LYS A 1 30  ? 4.843   6.372   12.194  1.00 25.42 ? 28  LYS A O   1 
ATOM   218  C CB  . LYS A 1 30  ? 7.055   7.461   9.950   1.00 27.18 ? 28  LYS A CB  1 
ATOM   219  C CG  . LYS A 1 30  ? 6.441   8.764   10.432  1.00 30.52 ? 28  LYS A CG  1 
ATOM   220  C CD  . LYS A 1 30  ? 6.584   9.859   9.400   1.00 34.74 ? 28  LYS A CD  1 
ATOM   221  C CE  . LYS A 1 30  ? 6.263   11.215  10.015  1.00 37.32 ? 28  LYS A CE  1 
ATOM   222  N NZ  . LYS A 1 30  ? 6.897   12.331  9.237   1.00 39.98 ? 28  LYS A NZ  1 
ATOM   223  N N   . LYS A 1 31  ? 4.830   5.306   10.199  1.00 24.38 ? 29  LYS A N   1 
ATOM   224  C CA  . LYS A 1 31  ? 3.419   4.927   10.309  1.00 24.94 ? 29  LYS A CA  1 
ATOM   225  C C   . LYS A 1 31  ? 3.143   3.944   11.449  1.00 25.16 ? 29  LYS A C   1 
ATOM   226  O O   . LYS A 1 31  ? 2.091   4.016   12.116  1.00 26.18 ? 29  LYS A O   1 
ATOM   227  C CB  . LYS A 1 31  ? 2.919   4.373   8.981   1.00 24.00 ? 29  LYS A CB  1 
ATOM   228  C CG  . LYS A 1 31  ? 2.719   5.444   7.943   1.00 24.90 ? 29  LYS A CG  1 
ATOM   229  C CD  . LYS A 1 31  ? 2.130   4.860   6.654   1.00 27.24 ? 29  LYS A CD  1 
ATOM   230  C CE  . LYS A 1 31  ? 2.000   5.957   5.633   1.00 26.45 ? 29  LYS A CE  1 
ATOM   231  N NZ  . LYS A 1 31  ? 0.932   6.906   6.015   1.00 28.14 ? 29  LYS A NZ  1 
ATOM   232  N N   . THR A 1 32  ? 4.081   3.036   11.681  1.00 25.65 ? 30  THR A N   1 
ATOM   233  C CA  . THR A 1 32  ? 3.954   2.067   12.765  1.00 26.77 ? 30  THR A CA  1 
ATOM   234  C C   . THR A 1 32  ? 3.953   2.812   14.111  1.00 27.79 ? 30  THR A C   1 
ATOM   235  O O   . THR A 1 32  ? 3.100   2.564   14.959  1.00 27.34 ? 30  THR A O   1 
ATOM   236  C CB  . THR A 1 32  ? 5.037   0.989   12.661  1.00 27.24 ? 30  THR A CB  1 
ATOM   237  O OG1 . THR A 1 32  ? 4.833   0.285   11.430  1.00 26.62 ? 30  THR A OG1 1 
ATOM   238  C CG2 . THR A 1 32  ? 4.952   -0.039  13.817  1.00 27.20 ? 30  THR A CG2 1 
ATOM   239  N N   . GLU A 1 33  ? 4.862   3.774   14.252  1.00 28.26 ? 31  GLU A N   1 
ATOM   240  C CA  . GLU A 1 33  ? 4.967   4.570   15.483  1.00 29.38 ? 31  GLU A CA  1 
ATOM   241  C C   . GLU A 1 33  ? 3.727   5.438   15.708  1.00 29.26 ? 31  GLU A C   1 
ATOM   242  O O   . GLU A 1 33  ? 3.209   5.538   16.846  1.00 29.52 ? 31  GLU A O   1 
ATOM   243  C CB  . GLU A 1 33  ? 6.229   5.429   15.452  1.00 29.83 ? 31  GLU A CB  1 
ATOM   244  C CG  . GLU A 1 33  ? 7.548   4.649   15.424  1.00 33.54 ? 31  GLU A CG  1 
ATOM   245  C CD  . GLU A 1 33  ? 8.742   5.556   15.132  1.00 37.87 ? 31  GLU A CD  1 
ATOM   246  O OE1 . GLU A 1 33  ? 9.896   5.072   15.131  1.00 40.45 ? 31  GLU A OE1 1 
ATOM   247  O OE2 . GLU A 1 33  ? 8.523   6.764   14.893  1.00 40.51 ? 31  GLU A OE2 1 
ATOM   248  N N   A LEU A 1 34  ? 3.250   6.057   14.630  0.50 29.15 ? 32  LEU A N   1 
ATOM   249  N N   B LEU A 1 34  ? 3.249   6.072   14.640  0.50 28.89 ? 32  LEU A N   1 
ATOM   250  C CA  A LEU A 1 34  ? 2.040   6.870   14.663  0.50 29.33 ? 32  LEU A CA  1 
ATOM   251  C CA  B LEU A 1 34  ? 2.032   6.874   14.708  0.50 28.83 ? 32  LEU A CA  1 
ATOM   252  C C   A LEU A 1 34  ? 0.829   6.028   15.069  0.50 29.30 ? 32  LEU A C   1 
ATOM   253  C C   B LEU A 1 34  ? 0.830   6.016   15.102  0.50 29.02 ? 32  LEU A C   1 
ATOM   254  O O   A LEU A 1 34  ? -0.070  6.518   15.760  0.50 29.32 ? 32  LEU A O   1 
ATOM   255  O O   B LEU A 1 34  ? -0.061  6.484   15.818  0.50 29.05 ? 32  LEU A O   1 
ATOM   256  C CB  A LEU A 1 34  ? 1.795   7.523   13.300  0.50 29.22 ? 32  LEU A CB  1 
ATOM   257  C CB  B LEU A 1 34  ? 1.768   7.582   13.378  0.50 28.47 ? 32  LEU A CB  1 
ATOM   258  C CG  A LEU A 1 34  ? 0.914   8.772   13.307  0.50 30.00 ? 32  LEU A CG  1 
ATOM   259  C CG  B LEU A 1 34  ? 2.754   8.687   13.004  0.50 27.86 ? 32  LEU A CG  1 
ATOM   260  C CD1 A LEU A 1 34  ? 1.719   9.986   13.744  0.50 29.93 ? 32  LEU A CD1 1 
ATOM   261  C CD1 B LEU A 1 34  ? 2.386   9.269   11.654  0.50 27.27 ? 32  LEU A CD1 1 
ATOM   262  C CD2 A LEU A 1 34  ? 0.273   9.002   11.942  0.50 29.90 ? 32  LEU A CD2 1 
ATOM   263  C CD2 B LEU A 1 34  ? 2.793   9.768   14.081  0.50 27.45 ? 32  LEU A CD2 1 
ATOM   264  N N   . ALA A 1 35  ? 0.827   4.763   14.645  1.00 28.96 ? 33  ALA A N   1 
ATOM   265  C CA  . ALA A 1 35  ? -0.264  3.818   14.936  1.00 29.14 ? 33  ALA A CA  1 
ATOM   266  C C   . ALA A 1 35  ? -0.419  3.510   16.424  1.00 29.34 ? 33  ALA A C   1 
ATOM   267  O O   . ALA A 1 35  ? -1.542  3.331   16.912  1.00 29.00 ? 33  ALA A O   1 
ATOM   268  C CB  . ALA A 1 35  ? -0.091  2.530   14.141  1.00 29.05 ? 33  ALA A CB  1 
ATOM   269  N N   . GLN A 1 36  ? 0.693   3.473   17.148  1.00 29.27 ? 34  GLN A N   1 
ATOM   270  C CA  . GLN A 1 36  ? 0.624   3.318   18.592  1.00 29.75 ? 34  GLN A CA  1 
ATOM   271  C C   . GLN A 1 36  ? -0.085  4.495   19.252  1.00 28.74 ? 34  GLN A C   1 
ATOM   272  O O   . GLN A 1 36  ? -0.936  4.277   20.118  1.00 28.74 ? 34  GLN A O   1 
ATOM   273  C CB  . GLN A 1 36  ? 1.989   3.069   19.221  1.00 30.26 ? 34  GLN A CB  1 
ATOM   274  C CG  . GLN A 1 36  ? 1.898   2.520   20.651  1.00 34.38 ? 34  GLN A CG  1 
ATOM   275  C CD  . GLN A 1 36  ? 1.079   1.227   20.730  1.00 37.78 ? 34  GLN A CD  1 
ATOM   276  O OE1 . GLN A 1 36  ? -0.022  1.205   21.294  1.00 41.85 ? 34  GLN A OE1 1 
ATOM   277  N NE2 . GLN A 1 36  ? 1.598   0.158   20.137  1.00 39.44 ? 34  GLN A NE2 1 
ATOM   278  N N   . LYS A 1 37  ? 0.241   5.718   18.825  1.00 28.07 ? 35  LYS A N   1 
ATOM   279  C CA  A LYS A 1 37  ? -0.414  6.932   19.331  0.50 27.55 ? 35  LYS A CA  1 
ATOM   280  C CA  B LYS A 1 37  ? -0.413  6.909   19.362  0.50 27.51 ? 35  LYS A CA  1 
ATOM   281  C C   . LYS A 1 37  ? -1.909  6.904   19.053  1.00 27.04 ? 35  LYS A C   1 
ATOM   282  O O   . LYS A 1 37  ? -2.734  7.294   19.906  1.00 26.39 ? 35  LYS A O   1 
ATOM   283  C CB  A LYS A 1 37  ? 0.192   8.189   18.693  0.50 27.78 ? 35  LYS A CB  1 
ATOM   284  C CB  B LYS A 1 37  ? 0.239   8.183   18.821  0.50 27.75 ? 35  LYS A CB  1 
ATOM   285  C CG  A LYS A 1 37  ? 1.329   8.820   19.487  0.50 28.88 ? 35  LYS A CG  1 
ATOM   286  C CG  B LYS A 1 37  ? 1.707   8.362   19.227  0.50 28.54 ? 35  LYS A CG  1 
ATOM   287  C CD  A LYS A 1 37  ? 0.808   9.884   20.439  0.50 29.75 ? 35  LYS A CD  1 
ATOM   288  C CD  B LYS A 1 37  ? 2.316   9.501   18.431  0.50 28.87 ? 35  LYS A CD  1 
ATOM   289  C CE  A LYS A 1 37  ? 1.946   10.545  21.201  0.50 29.63 ? 35  LYS A CE  1 
ATOM   290  C CE  B LYS A 1 37  ? 1.457   10.743  18.546  0.50 29.71 ? 35  LYS A CE  1 
ATOM   291  N NZ  A LYS A 1 37  ? 2.803   11.356  20.307  0.50 30.48 ? 35  LYS A NZ  1 
ATOM   292  N NZ  B LYS A 1 37  ? 1.090   11.291  17.205  0.50 29.40 ? 35  LYS A NZ  1 
ATOM   293  N N   . ALA A 1 38  ? -2.259  6.459   17.845  1.00 25.60 ? 36  ALA A N   1 
ATOM   294  C CA  . ALA A 1 38  ? -3.658  6.394   17.428  1.00 24.38 ? 36  ALA A CA  1 
ATOM   295  C C   . ALA A 1 38  ? -4.463  5.363   18.215  1.00 23.56 ? 36  ALA A C   1 
ATOM   296  O O   . ALA A 1 38  ? -5.644  5.595   18.490  1.00 22.68 ? 36  ALA A O   1 
ATOM   297  C CB  . ALA A 1 38  ? -3.770  6.138   15.901  1.00 24.77 ? 36  ALA A CB  1 
ATOM   298  N N   . ARG A 1 39  ? -3.836  4.237   18.576  1.00 22.70 ? 37  ARG A N   1 
ATOM   299  C CA  . ARG A 1 39  ? -4.495  3.194   19.374  1.00 23.08 ? 37  ARG A CA  1 
ATOM   300  C C   . ARG A 1 39  ? -4.775  3.722   20.770  1.00 23.30 ? 37  ARG A C   1 
ATOM   301  O O   . ARG A 1 39  ? -5.835  3.458   21.343  1.00 23.33 ? 37  ARG A O   1 
ATOM   302  C CB  . ARG A 1 39  ? -3.650  1.913   19.444  1.00 23.28 ? 37  ARG A CB  1 
ATOM   303  C CG  . ARG A 1 39  ? -3.654  1.152   18.146  1.00 22.83 ? 37  ARG A CG  1 
ATOM   304  C CD  . ARG A 1 39  ? -2.459  0.230   17.985  1.00 25.49 ? 37  ARG A CD  1 
ATOM   305  N NE  . ARG A 1 39  ? -2.609  -0.535  16.749  1.00 26.89 ? 37  ARG A NE  1 
ATOM   306  C CZ  . ARG A 1 39  ? -3.253  -1.696  16.647  1.00 30.12 ? 37  ARG A CZ  1 
ATOM   307  N NH1 . ARG A 1 39  ? -3.805  -2.264  17.722  1.00 33.20 ? 37  ARG A NH1 1 
ATOM   308  N NH2 . ARG A 1 39  ? -3.352  -2.297  15.464  1.00 29.68 ? 37  ARG A NH2 1 
ATOM   309  N N   . LYS A 1 40  ? -3.822  4.492   21.291  1.00 24.00 ? 38  LYS A N   1 
ATOM   310  C CA  . LYS A 1 40  ? -3.972  5.101   22.613  1.00 23.98 ? 38  LYS A CA  1 
ATOM   311  C C   . LYS A 1 40  ? -5.147  6.071   22.617  1.00 23.40 ? 38  LYS A C   1 
ATOM   312  O O   . LYS A 1 40  ? -5.906  6.119   23.591  1.00 22.75 ? 38  LYS A O   1 
ATOM   313  C CB  . LYS A 1 40  ? -2.671  5.791   23.043  1.00 24.01 ? 38  LYS A CB  1 
ATOM   314  C CG  . LYS A 1 40  ? -2.820  6.762   24.204  1.00 26.71 ? 38  LYS A CG  1 
ATOM   315  C CD  . LYS A 1 40  ? -3.157  6.070   25.504  1.00 31.60 ? 38  LYS A CD  1 
ATOM   316  C CE  . LYS A 1 40  ? -3.254  7.105   26.643  1.00 34.08 ? 38  LYS A CE  1 
ATOM   317  N NZ  . LYS A 1 40  ? -3.523  6.412   27.939  1.00 36.12 ? 38  LYS A NZ  1 
ATOM   318  N N   . GLU A 1 41  ? -5.293  6.840   21.534  1.00 22.65 ? 39  GLU A N   1 
ATOM   319  C CA  . GLU A 1 41  ? -6.407  7.770   21.389  1.00 23.06 ? 39  GLU A CA  1 
ATOM   320  C C   . GLU A 1 41  ? -7.750  7.022   21.334  1.00 22.08 ? 39  GLU A C   1 
ATOM   321  O O   . GLU A 1 41  ? -8.743  7.467   21.926  1.00 23.04 ? 39  GLU A O   1 
ATOM   322  C CB  . GLU A 1 41  ? -6.200  8.653   20.151  1.00 23.48 ? 39  GLU A CB  1 
ATOM   323  C CG  . GLU A 1 41  ? -7.298  9.622   19.836  1.00 25.95 ? 39  GLU A CG  1 
ATOM   324  C CD  . GLU A 1 41  ? -6.977  10.449  18.595  1.00 30.29 ? 39  GLU A CD  1 
ATOM   325  O OE1 . GLU A 1 41  ? -7.056  9.925   17.459  1.00 31.77 ? 39  GLU A OE1 1 
ATOM   326  O OE2 . GLU A 1 41  ? -6.636  11.633  18.767  1.00 33.98 ? 39  GLU A OE2 1 
ATOM   327  N N   . ILE A 1 42  ? -7.787  5.885   20.643  1.00 21.18 ? 40  ILE A N   1 
ATOM   328  C CA  . ILE A 1 42  ? -8.975  5.023   20.652  1.00 20.88 ? 40  ILE A CA  1 
ATOM   329  C C   . ILE A 1 42  ? -9.266  4.532   22.067  1.00 21.44 ? 40  ILE A C   1 
ATOM   330  O O   . ILE A 1 42  ? -10.430 4.482   22.489  1.00 21.35 ? 40  ILE A O   1 
ATOM   331  C CB  . ILE A 1 42  ? -8.826  3.799   19.707  1.00 20.74 ? 40  ILE A CB  1 
ATOM   332  C CG1 . ILE A 1 42  ? -8.795  4.238   18.231  1.00 19.19 ? 40  ILE A CG1 1 
ATOM   333  C CG2 . ILE A 1 42  ? -9.919  2.762   19.962  1.00 20.39 ? 40  ILE A CG2 1 
ATOM   334  C CD1 . ILE A 1 42  ? -9.953  5.158   17.780  1.00 21.02 ? 40  ILE A CD1 1 
ATOM   335  N N   . ALA A 1 43  ? -8.222  4.170   22.807  1.00 21.27 ? 41  ALA A N   1 
ATOM   336  C CA  . ALA A 1 43  ? -8.444  3.743   24.191  1.00 22.54 ? 41  ALA A CA  1 
ATOM   337  C C   . ALA A 1 43  ? -9.035  4.877   25.045  1.00 22.87 ? 41  ALA A C   1 
ATOM   338  O O   . ALA A 1 43  ? -9.942  4.634   25.847  1.00 22.69 ? 41  ALA A O   1 
ATOM   339  C CB  . ALA A 1 43  ? -7.175  3.185   24.802  1.00 22.09 ? 41  ALA A CB  1 
ATOM   340  N N   . ASP A 1 44  ? -8.533  6.101   24.862  1.00 23.36 ? 42  ASP A N   1 
ATOM   341  C CA  . ASP A 1 44  ? -9.134  7.308   25.484  1.00 25.02 ? 42  ASP A CA  1 
ATOM   342  C C   . ASP A 1 44  ? -10.613 7.507   25.159  1.00 24.64 ? 42  ASP A C   1 
ATOM   343  O O   . ASP A 1 44  ? -11.408 7.890   26.034  1.00 24.49 ? 42  ASP A O   1 
ATOM   344  C CB  . ASP A 1 44  ? -8.374  8.569   25.063  1.00 25.53 ? 42  ASP A CB  1 
ATOM   345  C CG  . ASP A 1 44  ? -6.990  8.652   25.681  1.00 29.45 ? 42  ASP A CG  1 
ATOM   346  O OD1 . ASP A 1 44  ? -6.773  8.109   26.792  1.00 32.14 ? 42  ASP A OD1 1 
ATOM   347  O OD2 . ASP A 1 44  ? -6.112  9.266   25.037  1.00 32.63 ? 42  ASP A OD2 1 
ATOM   348  N N   . TYR A 1 45  ? -10.978 7.271   23.896  1.00 24.30 ? 43  TYR A N   1 
ATOM   349  C CA  . TYR A 1 45  ? -12.377 7.290   23.467  1.00 24.09 ? 43  TYR A CA  1 
ATOM   350  C C   . TYR A 1 45  ? -13.198 6.273   24.268  1.00 24.12 ? 43  TYR A C   1 
ATOM   351  O O   . TYR A 1 45  ? -14.218 6.630   24.860  1.00 23.57 ? 43  TYR A O   1 
ATOM   352  C CB  . TYR A 1 45  ? -12.500 6.974   21.970  1.00 24.02 ? 43  TYR A CB  1 
ATOM   353  C CG  . TYR A 1 45  ? -12.388 8.161   21.030  1.00 25.62 ? 43  TYR A CG  1 
ATOM   354  C CD1 . TYR A 1 45  ? -11.356 9.093   21.155  1.00 27.84 ? 43  TYR A CD1 1 
ATOM   355  C CD2 . TYR A 1 45  ? -13.303 8.330   19.990  1.00 28.22 ? 43  TYR A CD2 1 
ATOM   356  C CE1 . TYR A 1 45  ? -11.254 10.195  20.275  1.00 28.61 ? 43  TYR A CE1 1 
ATOM   357  C CE2 . TYR A 1 45  ? -13.199 9.409   19.102  1.00 28.79 ? 43  TYR A CE2 1 
ATOM   358  C CZ  . TYR A 1 45  ? -12.182 10.336  19.255  1.00 29.10 ? 43  TYR A CZ  1 
ATOM   359  O OH  . TYR A 1 45  ? -12.086 11.403  18.377  1.00 28.05 ? 43  TYR A OH  1 
ATOM   360  N N   . LEU A 1 46  ? -12.718 5.024   24.306  1.00 23.90 ? 44  LEU A N   1 
ATOM   361  C CA  . LEU A 1 46  ? -13.390 3.918   25.005  1.00 24.89 ? 44  LEU A CA  1 
ATOM   362  C C   . LEU A 1 46  ? -13.522 4.148   26.512  1.00 25.67 ? 44  LEU A C   1 
ATOM   363  O O   . LEU A 1 46  ? -14.557 3.827   27.091  1.00 25.66 ? 44  LEU A O   1 
ATOM   364  C CB  . LEU A 1 46  ? -12.686 2.580   24.735  1.00 24.48 ? 44  LEU A CB  1 
ATOM   365  C CG  . LEU A 1 46  ? -12.642 2.119   23.272  1.00 24.23 ? 44  LEU A CG  1 
ATOM   366  C CD1 . LEU A 1 46  ? -12.022 0.742   23.116  1.00 23.12 ? 44  LEU A CD1 1 
ATOM   367  C CD2 . LEU A 1 46  ? -14.019 2.143   22.629  1.00 24.77 ? 44  LEU A CD2 1 
ATOM   368  N N   . ALA A 1 47  ? -12.490 4.719   27.126  1.00 26.36 ? 45  ALA A N   1 
ATOM   369  C CA  . ALA A 1 47  ? -12.512 5.062   28.553  1.00 27.09 ? 45  ALA A CA  1 
ATOM   370  C C   . ALA A 1 47  ? -13.573 6.134   28.850  1.00 27.73 ? 45  ALA A C   1 
ATOM   371  O O   . ALA A 1 47  ? -13.993 6.309   30.011  1.00 27.45 ? 45  ALA A O   1 
ATOM   372  C CB  . ALA A 1 47  ? -11.133 5.522   29.014  1.00 27.38 ? 45  ALA A CB  1 
ATOM   373  N N   . ALA A 1 48  ? -14.036 6.816   27.802  1.00 27.49 ? 46  ALA A N   1 
ATOM   374  C CA  . ALA A 1 48  ? -14.968 7.938   27.961  1.00 28.78 ? 46  ALA A CA  1 
ATOM   375  C C   . ALA A 1 48  ? -16.506 7.937   27.628  1.00 29.41 ? 46  ALA A C   1 
ATOM   376  O O   . ALA A 1 48  ? -17.091 8.970   27.799  1.00 31.00 ? 46  ALA A O   1 
ATOM   377  C CB  . ALA A 1 48  ? -14.313 9.225   27.380  1.00 28.83 ? 46  ALA A CB  1 
ATOM   378  N N   . GLY A 1 49  ? -17.241 6.937   27.152  1.00 30.50 ? 47  GLY A N   1 
ATOM   379  C CA  . GLY A 1 49  ? -16.914 5.644   26.639  1.00 29.81 ? 47  GLY A CA  1 
ATOM   380  C C   . GLY A 1 49  ? -17.652 5.859   25.310  1.00 30.15 ? 47  GLY A C   1 
ATOM   381  O O   . GLY A 1 49  ? -18.806 5.436   25.094  1.00 30.76 ? 47  GLY A O   1 
ATOM   382  N N   . LYS A 1 50  ? -16.967 6.603   24.452  1.00 29.22 ? 48  LYS A N   1 
ATOM   383  C CA  . LYS A 1 50  ? -17.461 7.069   23.162  1.00 28.35 ? 48  LYS A CA  1 
ATOM   384  C C   . LYS A 1 50  ? -17.319 5.953   22.147  1.00 28.38 ? 48  LYS A C   1 
ATOM   385  O O   . LYS A 1 50  ? -16.471 6.026   21.232  1.00 27.32 ? 48  LYS A O   1 
ATOM   386  C CB  . LYS A 1 50  ? -16.645 8.291   22.736  1.00 28.63 ? 48  LYS A CB  1 
ATOM   387  C CG  . LYS A 1 50  ? -16.801 9.506   23.639  1.00 29.81 ? 48  LYS A CG  1 
ATOM   388  C CD  . LYS A 1 50  ? -15.662 10.504  23.425  1.00 34.22 ? 48  LYS A CD  1 
ATOM   389  C CE  . LYS A 1 50  ? -15.895 11.805  24.180  1.00 36.16 ? 48  LYS A CE  1 
ATOM   390  N NZ  . LYS A 1 50  ? -14.644 12.580  24.426  1.00 37.40 ? 48  LYS A NZ  1 
ATOM   391  N N   . ASP A 1 51  ? -18.142 4.920   22.319  1.00 27.82 ? 49  ASP A N   1 
ATOM   392  C CA  . ASP A 1 51  ? -18.068 3.688   21.525  1.00 28.88 ? 49  ASP A CA  1 
ATOM   393  C C   . ASP A 1 51  ? -18.290 3.936   20.041  1.00 28.32 ? 49  ASP A C   1 
ATOM   394  O O   . ASP A 1 51  ? -17.542 3.419   19.193  1.00 27.29 ? 49  ASP A O   1 
ATOM   395  C CB  . ASP A 1 51  ? -19.137 2.685   21.976  1.00 30.00 ? 49  ASP A CB  1 
ATOM   396  C CG  . ASP A 1 51  ? -18.736 1.877   23.199  1.00 33.14 ? 49  ASP A CG  1 
ATOM   397  O OD1 . ASP A 1 51  ? -17.914 2.338   24.025  1.00 35.66 ? 49  ASP A OD1 1 
ATOM   398  O OD2 . ASP A 1 51  ? -19.285 0.756   23.333  1.00 37.97 ? 49  ASP A OD2 1 
ATOM   399  N N   . GLU A 1 52  ? -19.345 4.697   19.732  1.00 27.93 ? 50  GLU A N   1 
ATOM   400  C CA  . GLU A 1 52  ? -19.726 4.939   18.345  1.00 27.94 ? 50  GLU A CA  1 
ATOM   401  C C   . GLU A 1 52  ? -18.605 5.682   17.628  1.00 26.29 ? 50  GLU A C   1 
ATOM   402  O O   . GLU A 1 52  ? -18.233 5.314   16.513  1.00 25.88 ? 50  GLU A O   1 
ATOM   403  C CB  . GLU A 1 52  ? -21.074 5.680   18.266  1.00 28.70 ? 50  GLU A CB  1 
ATOM   404  C CG  . GLU A 1 52  ? -21.507 6.134   16.868  1.00 32.42 ? 50  GLU A CG  1 
ATOM   405  C CD  . GLU A 1 52  ? -21.848 4.991   15.916  1.00 36.85 ? 50  GLU A CD  1 
ATOM   406  O OE1 . GLU A 1 52  ? -21.761 3.800   16.315  1.00 39.28 ? 50  GLU A OE1 1 
ATOM   407  O OE2 . GLU A 1 52  ? -22.194 5.298   14.749  1.00 39.41 ? 50  GLU A OE2 1 
ATOM   408  N N   . ARG A 1 53  ? -18.058 6.704   18.295  1.00 25.31 ? 51  ARG A N   1 
ATOM   409  C CA  . ARG A 1 53  ? -16.969 7.512   17.748  1.00 23.57 ? 51  ARG A CA  1 
ATOM   410  C C   . ARG A 1 53  ? -15.696 6.659   17.548  1.00 23.23 ? 51  ARG A C   1 
ATOM   411  O O   . ARG A 1 53  ? -14.983 6.795   16.544  1.00 21.08 ? 51  ARG A O   1 
ATOM   412  C CB  . ARG A 1 53  ? -16.710 8.724   18.650  1.00 23.91 ? 51  ARG A CB  1 
ATOM   413  C CG  . ARG A 1 53  ? -17.809 9.824   18.551  1.00 23.71 ? 51  ARG A CG  1 
ATOM   414  C CD  . ARG A 1 53  ? -17.559 11.031  19.428  1.00 24.21 ? 51  ARG A CD  1 
ATOM   415  N NE  . ARG A 1 53  ? -16.323 11.746  19.113  1.00 24.88 ? 51  ARG A NE  1 
ATOM   416  C CZ  . ARG A 1 53  ? -15.836 12.760  19.823  1.00 27.80 ? 51  ARG A CZ  1 
ATOM   417  N NH1 . ARG A 1 53  ? -16.488 13.206  20.890  1.00 29.90 ? 51  ARG A NH1 1 
ATOM   418  N NH2 . ARG A 1 53  ? -14.699 13.341  19.458  1.00 29.39 ? 51  ARG A NH2 1 
ATOM   419  N N   . ALA A 1 54  ? -15.434 5.744   18.481  1.00 22.19 ? 52  ALA A N   1 
ATOM   420  C CA  . ALA A 1 54  ? -14.285 4.835   18.333  1.00 22.95 ? 52  ALA A CA  1 
ATOM   421  C C   . ALA A 1 54  ? -14.377 3.903   17.117  1.00 22.94 ? 52  ALA A C   1 
ATOM   422  O O   . ALA A 1 54  ? -13.369 3.673   16.418  1.00 22.04 ? 52  ALA A O   1 
ATOM   423  C CB  . ALA A 1 54  ? -14.082 4.016   19.611  1.00 22.83 ? 52  ALA A CB  1 
ATOM   424  N N   . ARG A 1 55  ? -15.575 3.350   16.886  1.00 22.61 ? 53  ARG A N   1 
ATOM   425  C CA  . ARG A 1 55  ? -15.847 2.475   15.747  1.00 23.31 ? 53  ARG A CA  1 
ATOM   426  C C   . ARG A 1 55  ? -15.555 3.141   14.393  1.00 22.48 ? 53  ARG A C   1 
ATOM   427  O O   . ARG A 1 55  ? -15.091 2.473   13.470  1.00 23.21 ? 53  ARG A O   1 
ATOM   428  C CB  . ARG A 1 55  ? -17.303 1.968   15.764  1.00 23.42 ? 53  ARG A CB  1 
ATOM   429  C CG  . ARG A 1 55  ? -17.623 1.006   16.891  1.00 26.93 ? 53  ARG A CG  1 
ATOM   430  C CD  . ARG A 1 55  ? -19.007 0.396   16.737  1.00 30.96 ? 53  ARG A CD  1 
ATOM   431  N NE  . ARG A 1 55  ? -19.268 -0.509  17.851  1.00 37.22 ? 53  ARG A NE  1 
ATOM   432  C CZ  . ARG A 1 55  ? -19.890 -0.160  18.972  1.00 37.54 ? 53  ARG A CZ  1 
ATOM   433  N NH1 . ARG A 1 55  ? -20.349 1.075   19.122  1.00 38.56 ? 53  ARG A NH1 1 
ATOM   434  N NH2 . ARG A 1 55  ? -20.074 -1.057  19.935  1.00 39.71 ? 53  ARG A NH2 1 
ATOM   435  N N   . ILE A 1 56  ? -15.828 4.442   14.288  1.00 21.89 ? 54  ILE A N   1 
ATOM   436  C CA  . ILE A 1 56  ? -15.593 5.206   13.052  1.00 21.31 ? 54  ILE A CA  1 
ATOM   437  C C   . ILE A 1 56  ? -14.085 5.469   12.976  1.00 21.92 ? 54  ILE A C   1 
ATOM   438  O O   . ILE A 1 56  ? -13.418 5.085   11.996  1.00 21.26 ? 54  ILE A O   1 
ATOM   439  C CB  . ILE A 1 56  ? -16.406 6.553   13.038  1.00 21.89 ? 54  ILE A CB  1 
ATOM   440  C CG1 . ILE A 1 56  ? -17.926 6.288   13.029  1.00 21.94 ? 54  ILE A CG1 1 
ATOM   441  C CG2 . ILE A 1 56  ? -15.995 7.443   11.857  1.00 20.27 ? 54  ILE A CG2 1 
ATOM   442  C CD1 . ILE A 1 56  ? -18.766 7.454   13.588  1.00 23.11 ? 54  ILE A CD1 1 
ATOM   443  N N   . ARG A 1 57  ? -13.543 6.049   14.050  1.00 21.23 ? 55  ARG A N   1 
ATOM   444  C CA  . ARG A 1 57  ? -12.169 6.528   14.036  1.00 21.62 ? 55  ARG A CA  1 
ATOM   445  C C   . ARG A 1 57  ? -11.138 5.404   13.873  1.00 20.83 ? 55  ARG A C   1 
ATOM   446  O O   . ARG A 1 57  ? -10.067 5.641   13.325  1.00 20.59 ? 55  ARG A O   1 
ATOM   447  C CB  . ARG A 1 57  ? -11.867 7.386   15.271  1.00 22.24 ? 55  ARG A CB  1 
ATOM   448  C CG  . ARG A 1 57  ? -10.447 7.980   15.272  1.00 25.73 ? 55  ARG A CG  1 
ATOM   449  C CD  . ARG A 1 57  ? -10.243 9.058   16.335  1.00 32.42 ? 55  ARG A CD  1 
ATOM   450  N NE  . ARG A 1 57  ? -10.965 10.270  15.984  1.00 38.74 ? 55  ARG A NE  1 
ATOM   451  C CZ  . ARG A 1 57  ? -10.489 11.272  15.252  1.00 39.03 ? 55  ARG A CZ  1 
ATOM   452  N NH1 . ARG A 1 57  ? -9.245  11.267  14.785  1.00 42.29 ? 55  ARG A NH1 1 
ATOM   453  N NH2 . ARG A 1 57  ? -11.266 12.308  15.010  1.00 39.49 ? 55  ARG A NH2 1 
ATOM   454  N N   . VAL A 1 58  ? -11.466 4.193   14.330  1.00 19.82 ? 56  VAL A N   1 
ATOM   455  C CA  . VAL A 1 58  ? -10.511 3.080   14.285  1.00 19.96 ? 56  VAL A CA  1 
ATOM   456  C C   . VAL A 1 58  ? -10.266 2.618   12.834  1.00 19.72 ? 56  VAL A C   1 
ATOM   457  O O   . VAL A 1 58  ? -9.264  1.947   12.555  1.00 20.55 ? 56  VAL A O   1 
ATOM   458  C CB  . VAL A 1 58  ? -10.940 1.893   15.190  1.00 19.05 ? 56  VAL A CB  1 
ATOM   459  C CG1 . VAL A 1 58  ? -12.087 1.071   14.562  1.00 18.66 ? 56  VAL A CG1 1 
ATOM   460  C CG2 . VAL A 1 58  ? -9.752  1.003   15.528  1.00 20.56 ? 56  VAL A CG2 1 
ATOM   461  N N   . GLU A 1 59  ? -11.170 2.993   11.917  1.00 19.44 ? 57  GLU A N   1 
ATOM   462  C CA  . GLU A 1 59  ? -11.009 2.619   10.508  1.00 19.62 ? 57  GLU A CA  1 
ATOM   463  C C   . GLU A 1 59  ? -9.695  3.135   9.943   1.00 19.47 ? 57  GLU A C   1 
ATOM   464  O O   . GLU A 1 59  ? -9.096  2.486   9.088   1.00 19.63 ? 57  GLU A O   1 
ATOM   465  C CB  . GLU A 1 59  ? -12.175 3.093   9.639   1.00 19.99 ? 57  GLU A CB  1 
ATOM   466  C CG  . GLU A 1 59  ? -13.473 2.341   9.877   1.00 20.23 ? 57  GLU A CG  1 
ATOM   467  C CD  . GLU A 1 59  ? -14.527 2.596   8.794   1.00 26.58 ? 57  GLU A CD  1 
ATOM   468  O OE1 . GLU A 1 59  ? -14.179 3.101   7.701   1.00 26.53 ? 57  GLU A OE1 1 
ATOM   469  O OE2 . GLU A 1 59  ? -15.709 2.275   9.036   1.00 28.74 ? 57  GLU A OE2 1 
ATOM   470  N N   . HIS A 1 60  ? -9.250  4.294   10.419  1.00 19.64 ? 58  HIS A N   1 
ATOM   471  C CA  . HIS A 1 60  ? -7.982  4.855   9.984   1.00 20.45 ? 58  HIS A CA  1 
ATOM   472  C C   . HIS A 1 60  ? -6.800  3.969   10.371  1.00 20.29 ? 58  HIS A C   1 
ATOM   473  O O   . HIS A 1 60  ? -5.858  3.796   9.578   1.00 18.80 ? 58  HIS A O   1 
ATOM   474  C CB  . HIS A 1 60  ? -7.796  6.266   10.524  1.00 21.52 ? 58  HIS A CB  1 
ATOM   475  C CG  . HIS A 1 60  ? -6.631  6.984   9.928   1.00 25.32 ? 58  HIS A CG  1 
ATOM   476  N ND1 . HIS A 1 60  ? -5.501  7.296   10.652  1.00 30.11 ? 58  HIS A ND1 1 
ATOM   477  C CD2 . HIS A 1 60  ? -6.414  7.441   8.673   1.00 28.45 ? 58  HIS A CD2 1 
ATOM   478  C CE1 . HIS A 1 60  ? -4.641  7.923   9.871   1.00 30.23 ? 58  HIS A CE1 1 
ATOM   479  N NE2 . HIS A 1 60  ? -5.174  8.030   8.667   1.00 31.74 ? 58  HIS A NE2 1 
ATOM   480  N N   . ILE A 1 61  ? -6.857  3.416   11.583  1.00 19.50 ? 59  ILE A N   1 
ATOM   481  C CA  . ILE A 1 61  ? -5.789  2.554   12.096  1.00 19.33 ? 59  ILE A CA  1 
ATOM   482  C C   . ILE A 1 61  ? -5.681  1.290   11.251  1.00 19.26 ? 59  ILE A C   1 
ATOM   483  O O   . ILE A 1 61  ? -4.574  0.891   10.866  1.00 19.24 ? 59  ILE A O   1 
ATOM   484  C CB  . ILE A 1 61  ? -6.003  2.220   13.581  1.00 19.47 ? 59  ILE A CB  1 
ATOM   485  C CG1 . ILE A 1 61  ? -5.878  3.500   14.420  1.00 18.64 ? 59  ILE A CG1 1 
ATOM   486  C CG2 . ILE A 1 61  ? -5.001  1.163   14.044  1.00 21.40 ? 59  ILE A CG2 1 
ATOM   487  C CD1 . ILE A 1 61  ? -6.276  3.332   15.857  1.00 21.02 ? 59  ILE A CD1 1 
ATOM   488  N N   . ILE A 1 62  ? -6.827  0.683   10.954  1.00 18.68 ? 60  ILE A N   1 
ATOM   489  C CA  . ILE A 1 62  ? -6.889  -0.498  10.093  1.00 20.25 ? 60  ILE A CA  1 
ATOM   490  C C   . ILE A 1 62  ? -6.262  -0.174  8.726   1.00 19.50 ? 60  ILE A C   1 
ATOM   491  O O   . ILE A 1 62  ? -5.407  -0.933  8.225   1.00 19.91 ? 60  ILE A O   1 
ATOM   492  C CB  . ILE A 1 62  ? -8.364  -0.995  9.895   1.00 20.36 ? 60  ILE A CB  1 
ATOM   493  C CG1 . ILE A 1 62  ? -8.979  -1.445  11.226  1.00 22.88 ? 60  ILE A CG1 1 
ATOM   494  C CG2 . ILE A 1 62  ? -8.429  -2.134  8.875   1.00 22.12 ? 60  ILE A CG2 1 
ATOM   495  C CD1 . ILE A 1 62  ? -10.515 -1.517  11.204  1.00 22.23 ? 60  ILE A CD1 1 
ATOM   496  N N   . ARG A 1 63  ? -6.678  0.936   8.127   1.00 19.39 ? 61  ARG A N   1 
ATOM   497  C CA  . ARG A 1 63  ? -6.157  1.294   6.801   1.00 20.07 ? 61  ARG A CA  1 
ATOM   498  C C   . ARG A 1 63  ? -4.639  1.491   6.846   1.00 19.96 ? 61  ARG A C   1 
ATOM   499  O O   . ARG A 1 63  ? -3.929  1.049   5.940   1.00 19.21 ? 61  ARG A O   1 
ATOM   500  C CB  . ARG A 1 63  ? -6.848  2.529   6.217   1.00 21.11 ? 61  ARG A CB  1 
ATOM   501  C CG  . ARG A 1 63  ? -8.270  2.234   5.718   1.00 26.01 ? 61  ARG A CG  1 
ATOM   502  C CD  . ARG A 1 63  ? -8.864  3.411   4.968   1.00 32.61 ? 61  ARG A CD  1 
ATOM   503  N NE  . ARG A 1 63  ? -10.308 3.381   5.129   1.00 38.07 ? 61  ARG A NE  1 
ATOM   504  C CZ  . ARG A 1 63  ? -10.990 4.115   6.008   1.00 41.20 ? 61  ARG A CZ  1 
ATOM   505  N NH1 . ARG A 1 63  ? -10.366 4.980   6.814   1.00 41.48 ? 61  ARG A NH1 1 
ATOM   506  N NH2 . ARG A 1 63  ? -12.312 3.986   6.072   1.00 41.93 ? 61  ARG A NH2 1 
ATOM   507  N N   . GLU A 1 64  ? -4.150  2.136   7.905   1.00 19.55 ? 62  GLU A N   1 
ATOM   508  C CA  . GLU A 1 64  ? -2.713  2.406   8.045   1.00 20.03 ? 62  GLU A CA  1 
ATOM   509  C C   . GLU A 1 64  ? -1.906  1.129   8.273   1.00 19.63 ? 62  GLU A C   1 
ATOM   510  O O   . GLU A 1 64  ? -0.788  1.004   7.759   1.00 19.57 ? 62  GLU A O   1 
ATOM   511  C CB  . GLU A 1 64  ? -2.458  3.446   9.153   1.00 20.48 ? 62  GLU A CB  1 
ATOM   512  C CG  . GLU A 1 64  ? -2.922  4.870   8.784   1.00 24.50 ? 62  GLU A CG  1 
ATOM   513  C CD  . GLU A 1 64  ? -2.253  5.430   7.524   1.00 29.81 ? 62  GLU A CD  1 
ATOM   514  O OE1 . GLU A 1 64  ? -1.070  5.816   7.603   1.00 31.98 ? 62  GLU A OE1 1 
ATOM   515  O OE2 . GLU A 1 64  ? -2.913  5.509   6.456   1.00 34.13 ? 62  GLU A OE2 1 
ATOM   516  N N   . ASP A 1 65  ? -2.463  0.192   9.030   1.00 18.93 ? 63  ASP A N   1 
ATOM   517  C CA  . ASP A 1 65  ? -1.806  -1.109  9.241   1.00 20.14 ? 63  ASP A CA  1 
ATOM   518  C C   . ASP A 1 65  ? -1.668  -1.870  7.929   1.00 19.61 ? 63  ASP A C   1 
ATOM   519  O O   . ASP A 1 65  ? -0.579  -2.408  7.612   1.00 19.31 ? 63  ASP A O   1 
ATOM   520  C CB  . ASP A 1 65  ? -2.561  -1.942  10.254  1.00 20.72 ? 63  ASP A CB  1 
ATOM   521  C CG  . ASP A 1 65  ? -2.265  -1.525  11.681  1.00 24.35 ? 63  ASP A CG  1 
ATOM   522  O OD1 . ASP A 1 65  ? -1.412  -0.628  11.890  1.00 25.74 ? 63  ASP A OD1 1 
ATOM   523  O OD2 . ASP A 1 65  ? -2.911  -2.086  12.591  1.00 29.49 ? 63  ASP A OD2 1 
ATOM   524  N N   . TYR A 1 66  ? -2.754  -1.898  7.162   1.00 18.52 ? 64  TYR A N   1 
ATOM   525  C CA  . TYR A 1 66  ? -2.730  -2.519  5.829   1.00 19.59 ? 64  TYR A CA  1 
ATOM   526  C C   . TYR A 1 66  ? -1.737  -1.807  4.903   1.00 18.67 ? 64  TYR A C   1 
ATOM   527  O O   . TYR A 1 66  ? -1.047  -2.461  4.105   1.00 17.72 ? 64  TYR A O   1 
ATOM   528  C CB  . TYR A 1 66  ? -4.116  -2.509  5.207   1.00 19.83 ? 64  TYR A CB  1 
ATOM   529  C CG  . TYR A 1 66  ? -4.989  -3.686  5.604   1.00 24.71 ? 64  TYR A CG  1 
ATOM   530  C CD1 . TYR A 1 66  ? -4.705  -4.975  5.140   1.00 29.56 ? 64  TYR A CD1 1 
ATOM   531  C CD2 . TYR A 1 66  ? -6.117  -3.507  6.391   1.00 30.42 ? 64  TYR A CD2 1 
ATOM   532  C CE1 . TYR A 1 66  ? -5.505  -6.058  5.470   1.00 32.33 ? 64  TYR A CE1 1 
ATOM   533  C CE2 . TYR A 1 66  ? -6.927  -4.595  6.738   1.00 32.86 ? 64  TYR A CE2 1 
ATOM   534  C CZ  . TYR A 1 66  ? -6.611  -5.859  6.268   1.00 34.38 ? 64  TYR A CZ  1 
ATOM   535  O OH  . TYR A 1 66  ? -7.395  -6.929  6.598   1.00 37.41 ? 64  TYR A OH  1 
ATOM   536  N N   . LEU A 1 67  ? -1.664  -0.486  5.022   1.00 18.45 ? 65  LEU A N   1 
ATOM   537  C CA  . LEU A 1 67  ? -0.769  0.312   4.165   1.00 18.69 ? 65  LEU A CA  1 
ATOM   538  C C   . LEU A 1 67  ? 0.700   -0.035  4.402   1.00 18.71 ? 65  LEU A C   1 
ATOM   539  O O   . LEU A 1 67  ? 1.469   -0.174  3.452   1.00 17.82 ? 65  LEU A O   1 
ATOM   540  C CB  . LEU A 1 67  ? -1.016  1.813   4.323   1.00 19.06 ? 65  LEU A CB  1 
ATOM   541  C CG  . LEU A 1 67  ? -0.065  2.769   3.596   1.00 18.34 ? 65  LEU A CG  1 
ATOM   542  C CD1 . LEU A 1 67  ? -0.054  2.545   2.062   1.00 18.51 ? 65  LEU A CD1 1 
ATOM   543  C CD2 . LEU A 1 67  ? -0.415  4.191   3.924   1.00 21.42 ? 65  LEU A CD2 1 
ATOM   544  N N   . VAL A 1 68  ? 1.080   -0.211  5.662   1.00 18.40 ? 66  VAL A N   1 
ATOM   545  C CA  . VAL A 1 68  ? 2.458   -0.573  5.976   1.00 18.45 ? 66  VAL A CA  1 
ATOM   546  C C   . VAL A 1 68  ? 2.814   -1.935  5.361   1.00 18.39 ? 66  VAL A C   1 
ATOM   547  O O   . VAL A 1 68  ? 3.926   -2.127  4.846   1.00 18.02 ? 66  VAL A O   1 
ATOM   548  C CB  . VAL A 1 68  ? 2.712   -0.533  7.488   1.00 18.36 ? 66  VAL A CB  1 
ATOM   549  C CG1 . VAL A 1 68  ? 4.019   -1.243  7.828   1.00 19.58 ? 66  VAL A CG1 1 
ATOM   550  C CG2 . VAL A 1 68  ? 2.732   0.913   7.967   1.00 17.83 ? 66  VAL A CG2 1 
ATOM   551  N N   . GLU A 1 69  ? 1.861   -2.860  5.368   1.00 17.80 ? 67  GLU A N   1 
ATOM   552  C CA  . GLU A 1 69  ? 2.092   -4.168  4.753   1.00 18.52 ? 67  GLU A CA  1 
ATOM   553  C C   . GLU A 1 69  ? 2.183   -4.063  3.232   1.00 17.82 ? 67  GLU A C   1 
ATOM   554  O O   . GLU A 1 69  ? 2.998   -4.755  2.618   1.00 16.99 ? 67  GLU A O   1 
ATOM   555  C CB  . GLU A 1 69  ? 1.017   -5.167  5.145   1.00 19.36 ? 67  GLU A CB  1 
ATOM   556  C CG  . GLU A 1 69  ? 1.020   -5.484  6.623   1.00 23.50 ? 67  GLU A CG  1 
ATOM   557  C CD  . GLU A 1 69  ? -0.117  -6.380  7.024   1.00 28.43 ? 67  GLU A CD  1 
ATOM   558  O OE1 . GLU A 1 69  ? -0.853  -6.877  6.144   1.00 30.00 ? 67  GLU A OE1 1 
ATOM   559  O OE2 . GLU A 1 69  ? -0.295  -6.574  8.240   1.00 32.54 ? 67  GLU A OE2 1 
ATOM   560  N N   . ALA A 1 70  ? 1.371   -3.185  2.636   1.00 17.17 ? 68  ALA A N   1 
ATOM   561  C CA  . ALA A 1 70  ? 1.482   -2.887  1.189   1.00 16.96 ? 68  ALA A CA  1 
ATOM   562  C C   . ALA A 1 70  ? 2.844   -2.288  0.836   1.00 17.18 ? 68  ALA A C   1 
ATOM   563  O O   . ALA A 1 70  ? 3.451   -2.629  -0.192  1.00 16.45 ? 68  ALA A O   1 
ATOM   564  C CB  . ALA A 1 70  ? 0.407   -1.948  0.762   1.00 17.08 ? 68  ALA A CB  1 
ATOM   565  N N   . MET A 1 71  ? 3.319   -1.367  1.667   1.00 16.65 ? 69  MET A N   1 
ATOM   566  C CA  . MET A 1 71  ? 4.621   -0.753  1.422   1.00 17.59 ? 69  MET A CA  1 
ATOM   567  C C   . MET A 1 71  ? 5.750   -1.785  1.405   1.00 17.86 ? 69  MET A C   1 
ATOM   568  O O   . MET A 1 71  ? 6.670   -1.672  0.586   1.00 18.68 ? 69  MET A O   1 
ATOM   569  C CB  . MET A 1 71  ? 4.879   0.352   2.450   1.00 17.17 ? 69  MET A CB  1 
ATOM   570  C CG  . MET A 1 71  ? 3.993   1.547   2.207   1.00 17.91 ? 69  MET A CG  1 
ATOM   571  S SD  . MET A 1 71  ? 4.422   2.978   3.221   1.00 24.63 ? 69  MET A SD  1 
ATOM   572  C CE  . MET A 1 71  ? 3.423   4.188   2.406   1.00 25.56 ? 69  MET A CE  1 
ATOM   573  N N   . GLU A 1 72  ? 5.674   -2.784  2.282   1.00 18.24 ? 70  GLU A N   1 
ATOM   574  C CA  A GLU A 1 72  ? 6.689   -3.823  2.276   0.50 18.96 ? 70  GLU A CA  1 
ATOM   575  C CA  B GLU A 1 72  ? 6.634   -3.904  2.328   0.50 18.41 ? 70  GLU A CA  1 
ATOM   576  C C   . GLU A 1 72  ? 6.637   -4.656  1.000   1.00 18.65 ? 70  GLU A C   1 
ATOM   577  O O   . GLU A 1 72  ? 7.692   -5.028  0.469   1.00 19.31 ? 70  GLU A O   1 
ATOM   578  C CB  A GLU A 1 72  ? 6.593   -4.689  3.511   0.50 19.47 ? 70  GLU A CB  1 
ATOM   579  C CB  B GLU A 1 72  ? 6.268   -4.897  3.438   0.50 18.61 ? 70  GLU A CB  1 
ATOM   580  C CG  A GLU A 1 72  ? 7.160   -4.002  4.717   0.50 21.43 ? 70  GLU A CG  1 
ATOM   581  C CG  B GLU A 1 72  ? 6.454   -4.393  4.846   0.50 18.00 ? 70  GLU A CG  1 
ATOM   582  C CD  A GLU A 1 72  ? 6.799   -4.727  5.963   0.50 24.53 ? 70  GLU A CD  1 
ATOM   583  C CD  B GLU A 1 72  ? 7.880   -4.569  5.356   0.50 17.28 ? 70  GLU A CD  1 
ATOM   584  O OE1 A GLU A 1 72  ? 7.601   -4.705  6.919   0.50 24.29 ? 70  GLU A OE1 1 
ATOM   585  O OE1 B GLU A 1 72  ? 8.724   -5.109  4.607   0.50 15.87 ? 70  GLU A OE1 1 
ATOM   586  O OE2 A GLU A 1 72  ? 5.697   -5.312  5.971   0.50 24.84 ? 70  GLU A OE2 1 
ATOM   587  O OE2 B GLU A 1 72  ? 8.143   -4.154  6.508   0.50 18.15 ? 70  GLU A OE2 1 
ATOM   588  N N   . ILE A 1 73  ? 5.444   -4.900  0.479   1.00 17.89 ? 71  ILE A N   1 
ATOM   589  C CA  . ILE A 1 73  ? 5.327   -5.597  -0.789  1.00 17.69 ? 71  ILE A CA  1 
ATOM   590  C C   . ILE A 1 73  ? 5.979   -4.750  -1.886  1.00 17.00 ? 71  ILE A C   1 
ATOM   591  O O   . ILE A 1 73  ? 6.751   -5.276  -2.702  1.00 17.46 ? 71  ILE A O   1 
ATOM   592  C CB  . ILE A 1 73  ? 3.866   -5.931  -1.167  1.00 17.06 ? 71  ILE A CB  1 
ATOM   593  C CG1 . ILE A 1 73  ? 3.313   -6.999  -0.220  1.00 18.20 ? 71  ILE A CG1 1 
ATOM   594  C CG2 . ILE A 1 73  ? 3.804   -6.421  -2.629  1.00 16.76 ? 71  ILE A CG2 1 
ATOM   595  C CD1 . ILE A 1 73  ? 1.802   -7.194  -0.279  1.00 19.24 ? 71  ILE A CD1 1 
ATOM   596  N N   . LEU A 1 74  ? 5.630   -3.464  -1.940  1.00 16.62 ? 72  LEU A N   1 
ATOM   597  C CA  . LEU A 1 74  ? 6.157   -2.574  -2.995  1.00 16.57 ? 72  LEU A CA  1 
ATOM   598  C C   . LEU A 1 74  ? 7.654   -2.462  -2.930  1.00 17.45 ? 72  LEU A C   1 
ATOM   599  O O   . LEU A 1 74  ? 8.331   -2.374  -3.970  1.00 16.44 ? 72  LEU A O   1 
ATOM   600  C CB  . LEU A 1 74  ? 5.516   -1.185  -2.945  1.00 16.43 ? 72  LEU A CB  1 
ATOM   601  C CG  . LEU A 1 74  ? 4.013   -1.209  -3.231  1.00 17.11 ? 72  LEU A CG  1 
ATOM   602  C CD1 . LEU A 1 74  ? 3.385   0.169   -3.033  1.00 16.40 ? 72  LEU A CD1 1 
ATOM   603  C CD2 . LEU A 1 74  ? 3.819   -1.662  -4.671  1.00 18.61 ? 72  LEU A CD2 1 
ATOM   604  N N   . GLU A 1 75  ? 8.182   -2.466  -1.703  1.00 18.54 ? 73  GLU A N   1 
ATOM   605  C CA  . GLU A 1 75  ? 9.624   -2.441  -1.495  1.00 20.11 ? 73  GLU A CA  1 
ATOM   606  C C   . GLU A 1 75  ? 10.276  -3.635  -2.179  1.00 19.59 ? 73  GLU A C   1 
ATOM   607  O O   . GLU A 1 75  ? 11.316  -3.477  -2.829  1.00 20.61 ? 73  GLU A O   1 
ATOM   608  C CB  . GLU A 1 75  ? 9.913   -2.507  0.001   1.00 20.83 ? 73  GLU A CB  1 
ATOM   609  C CG  . GLU A 1 75  ? 10.943  -1.587  0.499   1.00 25.46 ? 73  GLU A CG  1 
ATOM   610  C CD  . GLU A 1 75  ? 11.443  -2.032  1.852   1.00 27.11 ? 73  GLU A CD  1 
ATOM   611  O OE1 . GLU A 1 75  ? 10.677  -1.955  2.830   1.00 25.05 ? 73  GLU A OE1 1 
ATOM   612  O OE2 . GLU A 1 75  ? 12.598  -2.478  1.923   1.00 29.95 ? 73  GLU A OE2 1 
ATOM   613  N N   . LEU A 1 76  ? 9.675   -4.821  -2.037  1.00 19.83 ? 74  LEU A N   1 
ATOM   614  C CA  . LEU A 1 76  ? 10.180  -6.046  -2.684  1.00 20.01 ? 74  LEU A CA  1 
ATOM   615  C C   . LEU A 1 76  ? 10.224  -5.894  -4.207  1.00 18.92 ? 74  LEU A C   1 
ATOM   616  O O   . LEU A 1 76  ? 11.189  -6.315  -4.867  1.00 17.59 ? 74  LEU A O   1 
ATOM   617  C CB  . LEU A 1 76  ? 9.295   -7.277  -2.374  1.00 21.46 ? 74  LEU A CB  1 
ATOM   618  C CG  . LEU A 1 76  ? 9.243   -8.076  -1.063  1.00 24.89 ? 74  LEU A CG  1 
ATOM   619  C CD1 . LEU A 1 76  ? 8.371   -9.316  -1.257  1.00 24.94 ? 74  LEU A CD1 1 
ATOM   620  C CD2 . LEU A 1 76  ? 10.654  -8.473  -0.584  1.00 27.35 ? 74  LEU A CD2 1 
ATOM   621  N N   . TYR A 1 77  ? 9.167   -5.313  -4.770  1.00 17.41 ? 75  TYR A N   1 
ATOM   622  C CA  . TYR A 1 77  ? 9.061   -5.198  -6.230  1.00 16.98 ? 75  TYR A CA  1 
ATOM   623  C C   . TYR A 1 77  ? 10.079  -4.220  -6.805  1.00 17.38 ? 75  TYR A C   1 
ATOM   624  O O   . TYR A 1 77  ? 10.665  -4.466  -7.874  1.00 17.65 ? 75  TYR A O   1 
ATOM   625  C CB  . TYR A 1 77  ? 7.646   -4.779  -6.640  1.00 17.02 ? 75  TYR A CB  1 
ATOM   626  C CG  . TYR A 1 77  ? 6.616   -5.862  -6.417  1.00 18.41 ? 75  TYR A CG  1 
ATOM   627  C CD1 . TYR A 1 77  ? 6.981   -7.201  -6.340  1.00 23.19 ? 75  TYR A CD1 1 
ATOM   628  C CD2 . TYR A 1 77  ? 5.266   -5.543  -6.298  1.00 20.79 ? 75  TYR A CD2 1 
ATOM   629  C CE1 . TYR A 1 77  ? 6.017   -8.201  -6.148  1.00 23.46 ? 75  TYR A CE1 1 
ATOM   630  C CE2 . TYR A 1 77  ? 4.315   -6.528  -6.101  1.00 21.09 ? 75  TYR A CE2 1 
ATOM   631  C CZ  . TYR A 1 77  ? 4.691   -7.839  -6.041  1.00 21.43 ? 75  TYR A CZ  1 
ATOM   632  O OH  . TYR A 1 77  ? 3.731   -8.790  -5.855  1.00 20.52 ? 75  TYR A OH  1 
ATOM   633  N N   . CYS A 1 78  ? 10.307  -3.125  -6.089  1.00 16.42 ? 76  CYS A N   1 
ATOM   634  C CA  . CYS A 1 78  ? 11.320  -2.158  -6.498  1.00 17.09 ? 76  CYS A CA  1 
ATOM   635  C C   . CYS A 1 78  ? 12.691  -2.808  -6.468  1.00 17.62 ? 76  CYS A C   1 
ATOM   636  O O   . CYS A 1 78  ? 13.467  -2.632  -7.408  1.00 17.27 ? 76  CYS A O   1 
ATOM   637  C CB  . CYS A 1 78  ? 11.326  -0.938  -5.579  1.00 16.93 ? 76  CYS A CB  1 
ATOM   638  S SG  . CYS A 1 78  ? 9.877   0.166   -5.772  1.00 18.65 ? 76  CYS A SG  1 
ATOM   639  N N   . ASP A 1 79  ? 12.978  -3.548  -5.391  1.00 17.86 ? 77  ASP A N   1 
ATOM   640  C CA  A ASP A 1 79  ? 14.268  -4.232  -5.271  0.50 18.78 ? 77  ASP A CA  1 
ATOM   641  C CA  B ASP A 1 79  ? 14.256  -4.254  -5.252  0.50 18.91 ? 77  ASP A CA  1 
ATOM   642  C C   . ASP A 1 79  ? 14.468  -5.270  -6.376  1.00 18.53 ? 77  ASP A C   1 
ATOM   643  O O   . ASP A 1 79  ? 15.588  -5.400  -6.916  1.00 18.78 ? 77  ASP A O   1 
ATOM   644  C CB  A ASP A 1 79  ? 14.449  -4.868  -3.890  0.50 19.18 ? 77  ASP A CB  1 
ATOM   645  C CB  B ASP A 1 79  ? 14.368  -4.927  -3.876  0.50 19.40 ? 77  ASP A CB  1 
ATOM   646  C CG  A ASP A 1 79  ? 15.879  -5.340  -3.651  0.50 20.47 ? 77  ASP A CG  1 
ATOM   647  C CG  B ASP A 1 79  ? 15.308  -4.181  -2.927  0.50 21.36 ? 77  ASP A CG  1 
ATOM   648  O OD1 A ASP A 1 79  ? 16.757  -4.507  -3.350  0.50 22.18 ? 77  ASP A OD1 1 
ATOM   649  O OD1 B ASP A 1 79  ? 16.150  -3.391  -3.403  0.50 23.47 ? 77  ASP A OD1 1 
ATOM   650  O OD2 A ASP A 1 79  ? 16.116  -6.548  -3.766  0.50 23.01 ? 77  ASP A OD2 1 
ATOM   651  O OD2 B ASP A 1 79  ? 15.227  -4.414  -1.699  0.50 24.85 ? 77  ASP A OD2 1 
ATOM   652  N N   . LEU A 1 80  ? 13.404  -5.987  -6.735  1.00 18.36 ? 78  LEU A N   1 
ATOM   653  C CA  . LEU A 1 80  ? 13.454  -6.921  -7.866  1.00 18.74 ? 78  LEU A CA  1 
ATOM   654  C C   . LEU A 1 80  ? 13.809  -6.222  -9.195  1.00 18.08 ? 78  LEU A C   1 
ATOM   655  O O   . LEU A 1 80  ? 14.691  -6.687  -9.935  1.00 17.89 ? 78  LEU A O   1 
ATOM   656  C CB  . LEU A 1 80  ? 12.149  -7.711  -7.989  1.00 18.67 ? 78  LEU A CB  1 
ATOM   657  C CG  . LEU A 1 80  ? 12.139  -8.818  -9.045  1.00 19.05 ? 78  LEU A CG  1 
ATOM   658  C CD1 . LEU A 1 80  ? 13.137  -9.896  -8.623  1.00 22.45 ? 78  LEU A CD1 1 
ATOM   659  C CD2 . LEU A 1 80  ? 10.771  -9.437  -9.199  1.00 22.60 ? 78  LEU A CD2 1 
ATOM   660  N N   . LEU A 1 81  ? 13.168  -5.083  -9.477  1.00 16.84 ? 79  LEU A N   1 
ATOM   661  C CA  . LEU A 1 81  ? 13.430  -4.356  -10.723 1.00 16.53 ? 79  LEU A CA  1 
ATOM   662  C C   . LEU A 1 81  ? 14.858  -3.817  -10.773 1.00 16.37 ? 79  LEU A C   1 
ATOM   663  O O   . LEU A 1 81  ? 15.492  -3.822  -11.832 1.00 16.47 ? 79  LEU A O   1 
ATOM   664  C CB  . LEU A 1 81  ? 12.419  -3.224  -10.920 1.00 16.21 ? 79  LEU A CB  1 
ATOM   665  C CG  . LEU A 1 81  ? 10.975  -3.686  -11.190 1.00 15.94 ? 79  LEU A CG  1 
ATOM   666  C CD1 . LEU A 1 81  ? 10.162  -2.486  -11.689 1.00 19.18 ? 79  LEU A CD1 1 
ATOM   667  C CD2 . LEU A 1 81  ? 10.928  -4.776  -12.252 1.00 18.41 ? 79  LEU A CD2 1 
ATOM   668  N N   . LEU A 1 82  ? 15.366  -3.379  -9.626  1.00 16.11 ? 80  LEU A N   1 
ATOM   669  C CA  . LEU A 1 82  ? 16.756  -2.953  -9.545  1.00 16.95 ? 80  LEU A CA  1 
ATOM   670  C C   . LEU A 1 82  ? 17.711  -4.112  -9.812  1.00 17.39 ? 80  LEU A C   1 
ATOM   671  O O   . LEU A 1 82  ? 18.663  -3.981  -10.612 1.00 18.74 ? 80  LEU A O   1 
ATOM   672  C CB  . LEU A 1 82  ? 17.053  -2.285  -8.206  1.00 16.22 ? 80  LEU A CB  1 
ATOM   673  C CG  . LEU A 1 82  ? 16.544  -0.845  -8.114  1.00 16.43 ? 80  LEU A CG  1 
ATOM   674  C CD1 . LEU A 1 82  ? 16.673  -0.318  -6.677  1.00 18.24 ? 80  LEU A CD1 1 
ATOM   675  C CD2 . LEU A 1 82  ? 17.275  0.060   -9.075  1.00 18.67 ? 80  LEU A CD2 1 
ATOM   676  N N   . ALA A 1 83  ? 17.442  -5.236  -9.170  1.00 18.03 ? 81  ALA A N   1 
ATOM   677  C CA  . ALA A 1 83  ? 18.254  -6.437  -9.349  1.00 18.51 ? 81  ALA A CA  1 
ATOM   678  C C   . ALA A 1 83  ? 18.228  -6.908  -10.818 1.00 18.26 ? 81  ALA A C   1 
ATOM   679  O O   . ALA A 1 83  ? 19.286  -7.229  -11.391 1.00 18.57 ? 81  ALA A O   1 
ATOM   680  C CB  . ALA A 1 83  ? 17.791  -7.534  -8.395  1.00 19.71 ? 81  ALA A CB  1 
ATOM   681  N N   . ARG A 1 84  ? 17.047  -6.881  -11.443 1.00 17.35 ? 82  ARG A N   1 
ATOM   682  C CA  . ARG A 1 84  ? 16.860  -7.369  -12.815 1.00 17.22 ? 82  ARG A CA  1 
ATOM   683  C C   . ARG A 1 84  ? 16.785  -6.252  -13.837 1.00 16.61 ? 82  ARG A C   1 
ATOM   684  O O   . ARG A 1 84  ? 16.186  -6.421  -14.897 1.00 17.07 ? 82  ARG A O   1 
ATOM   685  C CB  . ARG A 1 84  ? 15.598  -8.248  -12.939 1.00 17.62 ? 82  ARG A CB  1 
ATOM   686  C CG  . ARG A 1 84  ? 15.576  -9.468  -12.050 1.00 20.19 ? 82  ARG A CG  1 
ATOM   687  C CD  . ARG A 1 84  ? 16.592  -10.533 -12.489 1.00 23.08 ? 82  ARG A CD  1 
ATOM   688  N NE  . ARG A 1 84  ? 17.800  -10.434 -11.682 1.00 26.38 ? 82  ARG A NE  1 
ATOM   689  C CZ  . ARG A 1 84  ? 17.964  -10.988 -10.484 1.00 28.24 ? 82  ARG A CZ  1 
ATOM   690  N NH1 . ARG A 1 84  ? 16.998  -11.723 -9.934  1.00 31.02 ? 82  ARG A NH1 1 
ATOM   691  N NH2 . ARG A 1 84  ? 19.108  -10.826 -9.841  1.00 31.81 ? 82  ARG A NH2 1 
ATOM   692  N N   . PHE A 1 85  ? 17.404  -5.118  -13.522 1.00 15.93 ? 83  PHE A N   1 
ATOM   693  C CA  . PHE A 1 85  ? 17.279  -3.906  -14.322 1.00 16.66 ? 83  PHE A CA  1 
ATOM   694  C C   . PHE A 1 85  ? 17.756  -4.100  -15.756 1.00 17.21 ? 83  PHE A C   1 
ATOM   695  O O   . PHE A 1 85  ? 17.238  -3.494  -16.683 1.00 17.76 ? 83  PHE A O   1 
ATOM   696  C CB  . PHE A 1 85  ? 18.086  -2.769  -13.697 1.00 15.16 ? 83  PHE A CB  1 
ATOM   697  C CG  . PHE A 1 85  ? 17.618  -1.415  -14.139 1.00 17.33 ? 83  PHE A CG  1 
ATOM   698  C CD1 . PHE A 1 85  ? 16.445  -0.883  -13.607 1.00 18.44 ? 83  PHE A CD1 1 
ATOM   699  C CD2 . PHE A 1 85  ? 18.301  -0.706  -15.108 1.00 16.49 ? 83  PHE A CD2 1 
ATOM   700  C CE1 . PHE A 1 85  ? 15.986  0.367   -14.011 1.00 19.18 ? 83  PHE A CE1 1 
ATOM   701  C CE2 . PHE A 1 85  ? 17.846  0.582   -15.524 1.00 18.14 ? 83  PHE A CE2 1 
ATOM   702  C CZ  . PHE A 1 85  ? 16.687  1.092   -14.987 1.00 18.57 ? 83  PHE A CZ  1 
ATOM   703  N N   . GLY A 1 86  ? 18.770  -4.940  -15.930 1.00 17.95 ? 84  GLY A N   1 
ATOM   704  C CA  . GLY A 1 86  ? 19.240  -5.267  -17.271 1.00 18.98 ? 84  GLY A CA  1 
ATOM   705  C C   . GLY A 1 86  ? 18.151  -5.767  -18.211 1.00 20.20 ? 84  GLY A C   1 
ATOM   706  O O   . GLY A 1 86  ? 18.218  -5.520  -19.420 1.00 21.35 ? 84  GLY A O   1 
ATOM   707  N N   . LEU A 1 87  ? 17.178  -6.496  -17.676 1.00 20.78 ? 85  LEU A N   1 
ATOM   708  C CA  . LEU A 1 87  ? 16.046  -7.003  -18.450 1.00 22.40 ? 85  LEU A CA  1 
ATOM   709  C C   . LEU A 1 87  ? 15.149  -5.883  -18.963 1.00 23.92 ? 85  LEU A C   1 
ATOM   710  O O   . LEU A 1 87  ? 14.481  -6.036  -19.990 1.00 25.59 ? 85  LEU A O   1 
ATOM   711  C CB  . LEU A 1 87  ? 15.208  -7.987  -17.619 1.00 22.67 ? 85  LEU A CB  1 
ATOM   712  C CG  . LEU A 1 87  ? 15.769  -9.395  -17.430 1.00 22.21 ? 85  LEU A CG  1 
ATOM   713  C CD1 . LEU A 1 87  ? 14.848  -10.217 -16.510 1.00 24.50 ? 85  LEU A CD1 1 
ATOM   714  C CD2 . LEU A 1 87  ? 15.923  -10.083 -18.791 1.00 23.02 ? 85  LEU A CD2 1 
ATOM   715  N N   . ILE A 1 88  ? 15.112  -4.772  -18.230 1.00 23.90 ? 86  ILE A N   1 
ATOM   716  C CA  . ILE A 1 88  ? 14.283  -3.646  -18.632 1.00 24.91 ? 86  ILE A CA  1 
ATOM   717  C C   . ILE A 1 88  ? 15.046  -2.890  -19.698 1.00 26.82 ? 86  ILE A C   1 
ATOM   718  O O   . ILE A 1 88  ? 14.554  -2.692  -20.818 1.00 27.26 ? 86  ILE A O   1 
ATOM   719  C CB  . ILE A 1 88  ? 13.945  -2.718  -17.435 1.00 23.83 ? 86  ILE A CB  1 
ATOM   720  C CG1 . ILE A 1 88  ? 13.102  -3.463  -16.390 1.00 23.36 ? 86  ILE A CG1 1 
ATOM   721  C CG2 . ILE A 1 88  ? 13.233  -1.433  -17.924 1.00 24.62 ? 86  ILE A CG2 1 
ATOM   722  C CD1 . ILE A 1 88  ? 12.921  -2.693  -15.043 1.00 23.29 ? 86  ILE A CD1 1 
ATOM   723  N N   . GLN A 1 89  ? 16.265  -2.490  -19.366 1.00 29.05 ? 87  GLN A N   1 
ATOM   724  C CA  . GLN A 1 89  ? 16.940  -1.550  -20.239 1.00 31.86 ? 87  GLN A CA  1 
ATOM   725  C C   . GLN A 1 89  ? 17.541  -2.161  -21.498 1.00 32.87 ? 87  GLN A C   1 
ATOM   726  O O   . GLN A 1 89  ? 17.629  -1.479  -22.517 1.00 33.23 ? 87  GLN A O   1 
ATOM   727  C CB  . GLN A 1 89  ? 17.905  -0.644  -19.473 1.00 32.25 ? 87  GLN A CB  1 
ATOM   728  C CG  . GLN A 1 89  ? 19.182  -1.251  -18.965 1.00 33.76 ? 87  GLN A CG  1 
ATOM   729  C CD  . GLN A 1 89  ? 20.199  -0.167  -18.635 1.00 36.85 ? 87  GLN A CD  1 
ATOM   730  O OE1 . GLN A 1 89  ? 20.095  0.972   -19.113 1.00 37.78 ? 87  GLN A OE1 1 
ATOM   731  N NE2 . GLN A 1 89  ? 21.188  -0.513  -17.827 1.00 37.64 ? 87  GLN A NE2 1 
ATOM   732  N N   . SER A 1 90  ? 17.882  -3.450  -21.459 1.00 33.90 ? 88  SER A N   1 
ATOM   733  C CA  A SER A 1 90  ? 18.585  -4.103  -22.569 0.50 34.80 ? 88  SER A CA  1 
ATOM   734  C CA  B SER A 1 90  ? 18.577  -4.067  -22.585 0.50 34.80 ? 88  SER A CA  1 
ATOM   735  C C   . SER A 1 90  ? 17.628  -4.818  -23.511 1.00 35.55 ? 88  SER A C   1 
ATOM   736  O O   . SER A 1 90  ? 17.994  -5.190  -24.633 1.00 36.23 ? 88  SER A O   1 
ATOM   737  C CB  A SER A 1 90  ? 19.622  -5.105  -22.045 0.50 34.83 ? 88  SER A CB  1 
ATOM   738  C CB  B SER A 1 90  ? 19.712  -4.969  -22.091 0.50 34.84 ? 88  SER A CB  1 
ATOM   739  O OG  A SER A 1 90  ? 19.036  -6.382  -21.848 0.50 33.88 ? 88  SER A OG  1 
ATOM   740  O OG  B SER A 1 90  ? 20.649  -4.216  -21.341 0.50 33.89 ? 88  SER A OG  1 
ATOM   741  N N   . MET A 1 91  ? 16.404  -5.036  -23.053 1.00 36.68 ? 89  MET A N   1 
ATOM   742  C CA  . MET A 1 91  ? 15.440  -5.743  -23.869 1.00 38.34 ? 89  MET A CA  1 
ATOM   743  C C   . MET A 1 91  ? 14.171  -4.927  -24.065 1.00 38.67 ? 89  MET A C   1 
ATOM   744  O O   . MET A 1 91  ? 13.747  -4.200  -23.168 1.00 39.18 ? 89  MET A O   1 
ATOM   745  C CB  . MET A 1 91  ? 15.175  -7.126  -23.275 1.00 38.82 ? 89  MET A CB  1 
ATOM   746  C CG  . MET A 1 91  ? 16.426  -8.009  -23.315 1.00 40.75 ? 89  MET A CG  1 
ATOM   747  S SD  . MET A 1 91  ? 16.414  -9.383  -22.167 1.00 44.01 ? 89  MET A SD  1 
ATOM   748  C CE  . MET A 1 91  ? 15.424  -10.584 -23.065 1.00 43.31 ? 89  MET A CE  1 
ATOM   749  N N   . LYS A 1 92  ? 13.580  -5.037  -25.250 1.00 39.24 ? 90  LYS A N   1 
ATOM   750  C CA  . LYS A 1 92  ? 12.387  -4.256  -25.588 1.00 39.49 ? 90  LYS A CA  1 
ATOM   751  C C   . LYS A 1 92  ? 11.074  -4.829  -25.026 1.00 39.07 ? 90  LYS A C   1 
ATOM   752  O O   . LYS A 1 92  ? 10.192  -4.069  -24.627 1.00 39.37 ? 90  LYS A O   1 
ATOM   753  C CB  . LYS A 1 92  ? 12.293  -4.043  -27.107 1.00 39.95 ? 90  LYS A CB  1 
ATOM   754  C CG  . LYS A 1 92  ? 12.484  -5.316  -27.911 1.00 41.73 ? 90  LYS A CG  1 
ATOM   755  C CD  . LYS A 1 92  ? 13.548  -5.144  -28.988 1.00 43.66 ? 90  LYS A CD  1 
ATOM   756  C CE  . LYS A 1 92  ? 13.771  -6.447  -29.737 1.00 45.09 ? 90  LYS A CE  1 
ATOM   757  N NZ  . LYS A 1 92  ? 14.595  -7.452  -28.992 1.00 47.02 ? 90  LYS A NZ  1 
ATOM   758  N N   . GLU A 1 93  ? 10.950  -6.154  -24.994 1.00 38.53 ? 91  GLU A N   1 
ATOM   759  C CA  . GLU A 1 93  ? 9.729   -6.809  -24.505 1.00 38.13 ? 91  GLU A CA  1 
ATOM   760  C C   . GLU A 1 93  ? 9.713   -6.856  -22.974 1.00 36.62 ? 91  GLU A C   1 
ATOM   761  O O   . GLU A 1 93  ? 10.766  -6.899  -22.344 1.00 36.34 ? 91  GLU A O   1 
ATOM   762  C CB  . GLU A 1 93  ? 9.615   -8.227  -25.075 1.00 38.61 ? 91  GLU A CB  1 
ATOM   763  C CG  . GLU A 1 93  ? 9.245   -8.278  -26.570 1.00 42.19 ? 91  GLU A CG  1 
ATOM   764  C CD  . GLU A 1 93  ? 9.137   -9.699  -27.153 1.00 46.30 ? 91  GLU A CD  1 
ATOM   765  O OE1 . GLU A 1 93  ? 8.991   -10.685 -26.385 1.00 48.56 ? 91  GLU A OE1 1 
ATOM   766  O OE2 . GLU A 1 93  ? 9.185   -9.833  -28.399 1.00 48.32 ? 91  GLU A OE2 1 
ATOM   767  N N   . LEU A 1 94  ? 8.526   -6.842  -22.378 1.00 35.43 ? 92  LEU A N   1 
ATOM   768  C CA  . LEU A 1 94  ? 8.408   -7.029  -20.927 1.00 34.24 ? 92  LEU A CA  1 
ATOM   769  C C   . LEU A 1 94  ? 8.659   -8.492  -20.555 1.00 33.85 ? 92  LEU A C   1 
ATOM   770  O O   . LEU A 1 94  ? 7.953   -9.392  -21.024 1.00 33.88 ? 92  LEU A O   1 
ATOM   771  C CB  . LEU A 1 94  ? 7.033   -6.578  -20.421 1.00 34.09 ? 92  LEU A CB  1 
ATOM   772  C CG  . LEU A 1 94  ? 6.730   -6.762  -18.926 1.00 32.91 ? 92  LEU A CG  1 
ATOM   773  C CD1 . LEU A 1 94  ? 7.579   -5.847  -18.070 1.00 31.06 ? 92  LEU A CD1 1 
ATOM   774  C CD2 . LEU A 1 94  ? 5.266   -6.508  -18.679 1.00 32.94 ? 92  LEU A CD2 1 
ATOM   775  N N   . ASP A 1 95  ? 9.667   -8.719  -19.720 1.00 32.89 ? 93  ASP A N   1 
ATOM   776  C CA  . ASP A 1 95  ? 9.965   -10.053 -19.209 1.00 32.67 ? 93  ASP A CA  1 
ATOM   777  C C   . ASP A 1 95  ? 8.787   -10.611 -18.411 1.00 32.18 ? 93  ASP A C   1 
ATOM   778  O O   . ASP A 1 95  ? 8.246   -9.942  -17.534 1.00 31.56 ? 93  ASP A O   1 
ATOM   779  C CB  . ASP A 1 95  ? 11.216  -10.038 -18.329 1.00 32.98 ? 93  ASP A CB  1 
ATOM   780  C CG  . ASP A 1 95  ? 11.647  -11.430 -17.924 1.00 33.11 ? 93  ASP A CG  1 
ATOM   781  O OD1 . ASP A 1 95  ? 12.275  -12.115 -18.749 1.00 34.38 ? 93  ASP A OD1 1 
ATOM   782  O OD2 . ASP A 1 95  ? 11.359  -11.844 -16.785 1.00 32.68 ? 93  ASP A OD2 1 
ATOM   783  N N   . SER A 1 96  ? 8.401   -11.845 -18.729 1.00 31.37 ? 94  SER A N   1 
ATOM   784  C CA  . SER A 1 96  ? 7.256   -12.504 -18.113 1.00 31.13 ? 94  SER A CA  1 
ATOM   785  C C   . SER A 1 96  ? 7.356   -12.489 -16.601 1.00 29.91 ? 94  SER A C   1 
ATOM   786  O O   . SER A 1 96  ? 6.354   -12.326 -15.907 1.00 30.84 ? 94  SER A O   1 
ATOM   787  C CB  . SER A 1 96  ? 7.183   -13.966 -18.582 1.00 31.40 ? 94  SER A CB  1 
ATOM   788  O OG  . SER A 1 96  ? 8.253   -14.710 -17.993 1.00 33.45 ? 94  SER A OG  1 
ATOM   789  N N   . GLY A 1 97  ? 8.575   -12.652 -16.098 1.00 28.44 ? 95  GLY A N   1 
ATOM   790  C CA  . GLY A 1 97  ? 8.815   -12.736 -14.668 1.00 26.82 ? 95  GLY A CA  1 
ATOM   791  C C   . GLY A 1 97  ? 8.802   -11.391 -13.946 1.00 24.77 ? 95  GLY A C   1 
ATOM   792  O O   . GLY A 1 97  ? 8.726   -11.338 -12.708 1.00 25.62 ? 95  GLY A O   1 
ATOM   793  N N   . LEU A 1 98  ? 8.887   -10.316 -14.717 1.00 23.24 ? 96  LEU A N   1 
ATOM   794  C CA  . LEU A 1 98  ? 8.825   -8.957  -14.168 1.00 20.90 ? 96  LEU A CA  1 
ATOM   795  C C   . LEU A 1 98  ? 7.438   -8.324  -14.306 1.00 19.80 ? 96  LEU A C   1 
ATOM   796  O O   . LEU A 1 98  ? 7.200   -7.242  -13.763 1.00 17.70 ? 96  LEU A O   1 
ATOM   797  C CB  . LEU A 1 98  ? 9.865   -8.051  -14.839 1.00 21.08 ? 96  LEU A CB  1 
ATOM   798  C CG  . LEU A 1 98  ? 11.340  -8.385  -14.550 1.00 21.11 ? 96  LEU A CG  1 
ATOM   799  C CD1 . LEU A 1 98  ? 12.262  -7.286  -15.058 1.00 22.86 ? 96  LEU A CD1 1 
ATOM   800  C CD2 . LEU A 1 98  ? 11.565  -8.630  -13.046 1.00 23.10 ? 96  LEU A CD2 1 
ATOM   801  N N   . ALA A 1 99  ? 6.544   -8.965  -15.058 1.00 19.28 ? 97  ALA A N   1 
ATOM   802  C CA  . ALA A 1 99  ? 5.208   -8.395  -15.333 1.00 18.38 ? 97  ALA A CA  1 
ATOM   803  C C   . ALA A 1 99  ? 4.455   -8.027  -14.044 1.00 18.21 ? 97  ALA A C   1 
ATOM   804  O O   . ALA A 1 99  ? 3.838   -6.961  -13.969 1.00 17.14 ? 97  ALA A O   1 
ATOM   805  C CB  . ALA A 1 99  ? 4.366   -9.360  -16.196 1.00 19.11 ? 97  ALA A CB  1 
ATOM   806  N N   . GLU A 1 100 ? 4.523   -8.895  -13.035 1.00 17.53 ? 98  GLU A N   1 
ATOM   807  C CA  . GLU A 1 100 ? 3.821   -8.633  -11.771 1.00 17.26 ? 98  GLU A CA  1 
ATOM   808  C C   . GLU A 1 100 ? 4.395   -7.393  -11.096 1.00 16.41 ? 98  GLU A C   1 
ATOM   809  O O   . GLU A 1 100 ? 3.638   -6.500  -10.707 1.00 15.99 ? 98  GLU A O   1 
ATOM   810  C CB  . GLU A 1 100 ? 3.864   -9.837  -10.808 1.00 17.74 ? 98  GLU A CB  1 
ATOM   811  C CG  . GLU A 1 100 ? 3.201   -9.553  -9.444  1.00 18.34 ? 98  GLU A CG  1 
ATOM   812  C CD  . GLU A 1 100 ? 3.198   -10.747 -8.494  1.00 23.46 ? 98  GLU A CD  1 
ATOM   813  O OE1 . GLU A 1 100 ? 4.280   -11.284 -8.168  1.00 24.45 ? 98  GLU A OE1 1 
ATOM   814  O OE2 . GLU A 1 100 ? 2.111   -11.133 -8.042  1.00 23.42 ? 98  GLU A OE2 1 
ATOM   815  N N   . SER A 1 101 ? 5.723   -7.331  -10.998 1.00 16.21 ? 99  SER A N   1 
ATOM   816  C CA  A SER A 1 101 ? 6.392   -6.199  -10.353 0.50 15.88 ? 99  SER A CA  1 
ATOM   817  C CA  B SER A 1 101 ? 6.372   -6.203  -10.339 0.50 16.20 ? 99  SER A CA  1 
ATOM   818  C C   . SER A 1 101 ? 6.092   -4.898  -11.093 1.00 15.74 ? 99  SER A C   1 
ATOM   819  O O   . SER A 1 101 ? 5.720   -3.899  -10.474 1.00 14.44 ? 99  SER A O   1 
ATOM   820  C CB  A SER A 1 101 ? 7.906   -6.408  -10.298 0.50 16.48 ? 99  SER A CB  1 
ATOM   821  C CB  B SER A 1 101 ? 7.878   -6.437  -10.202 0.50 16.83 ? 99  SER A CB  1 
ATOM   822  O OG  A SER A 1 101 ? 8.246   -7.443  -9.399  0.50 16.04 ? 99  SER A OG  1 
ATOM   823  O OG  B SER A 1 101 ? 8.488   -6.545  -11.475 0.50 18.45 ? 99  SER A OG  1 
ATOM   824  N N   . VAL A 1 102 ? 6.266   -4.912  -12.422 1.00 15.09 ? 100 VAL A N   1 
ATOM   825  C CA  . VAL A 1 102 ? 6.061   -3.690  -13.228 1.00 14.84 ? 100 VAL A CA  1 
ATOM   826  C C   . VAL A 1 102 ? 4.599   -3.225  -13.167 1.00 14.46 ? 100 VAL A C   1 
ATOM   827  O O   . VAL A 1 102 ? 4.325   -2.045  -12.877 1.00 12.65 ? 100 VAL A O   1 
ATOM   828  C CB  . VAL A 1 102 ? 6.472   -3.908  -14.709 1.00 15.30 ? 100 VAL A CB  1 
ATOM   829  C CG1 . VAL A 1 102 ? 6.031   -2.745  -15.593 1.00 15.54 ? 100 VAL A CG1 1 
ATOM   830  C CG2 . VAL A 1 102 ? 7.973   -4.129  -14.818 1.00 14.91 ? 100 VAL A CG2 1 
ATOM   831  N N   . SER A 1 103 ? 3.662   -4.143  -13.398 1.00 13.95 ? 101 SER A N   1 
ATOM   832  C CA  A SER A 1 103 ? 2.240   -3.797  -13.409 0.50 14.49 ? 101 SER A CA  1 
ATOM   833  C CA  B SER A 1 103 ? 2.249   -3.764  -13.420 0.50 13.13 ? 101 SER A CA  1 
ATOM   834  C C   . SER A 1 103 ? 1.783   -3.278  -12.057 1.00 13.87 ? 101 SER A C   1 
ATOM   835  O O   . SER A 1 103 ? 1.024   -2.305  -11.972 1.00 13.28 ? 101 SER A O   1 
ATOM   836  C CB  A SER A 1 103 ? 1.400   -5.008  -13.789 0.50 14.99 ? 101 SER A CB  1 
ATOM   837  C CB  B SER A 1 103 ? 1.366   -4.907  -13.903 0.50 13.42 ? 101 SER A CB  1 
ATOM   838  O OG  A SER A 1 103 ? 1.637   -5.376  -15.136 0.50 18.08 ? 101 SER A OG  1 
ATOM   839  O OG  B SER A 1 103 ? 1.421   -6.020  -13.033 0.50 8.17  ? 101 SER A OG  1 
ATOM   840  N N   . THR A 1 104 ? 2.263   -3.936  -11.005 1.00 13.11 ? 102 THR A N   1 
ATOM   841  C CA  . THR A 1 104 ? 1.861   -3.584  -9.637  1.00 13.79 ? 102 THR A CA  1 
ATOM   842  C C   . THR A 1 104 ? 2.395   -2.204  -9.243  1.00 13.55 ? 102 THR A C   1 
ATOM   843  O O   . THR A 1 104 ? 1.694   -1.416  -8.603  1.00 12.97 ? 102 THR A O   1 
ATOM   844  C CB  . THR A 1 104 ? 2.334   -4.638  -8.597  1.00 14.22 ? 102 THR A CB  1 
ATOM   845  O OG1 . THR A 1 104 ? 1.748   -5.918  -8.899  1.00 15.96 ? 102 THR A OG1 1 
ATOM   846  C CG2 . THR A 1 104 ? 1.861   -4.254  -7.228  1.00 14.26 ? 102 THR A CG2 1 
ATOM   847  N N   . LEU A 1 105 ? 3.630   -1.900  -9.626  1.00 13.78 ? 103 LEU A N   1 
ATOM   848  C CA  . LEU A 1 105 ? 4.154   -0.553  -9.366  1.00 13.32 ? 103 LEU A CA  1 
ATOM   849  C C   . LEU A 1 105 ? 3.391   0.537   -10.081 1.00 13.65 ? 103 LEU A C   1 
ATOM   850  O O   . LEU A 1 105 ? 3.132   1.609   -9.487  1.00 13.37 ? 103 LEU A O   1 
ATOM   851  C CB  . LEU A 1 105 ? 5.661   -0.461  -9.670  1.00 13.29 ? 103 LEU A CB  1 
ATOM   852  C CG  . LEU A 1 105 ? 6.514   -1.255  -8.657  1.00 13.22 ? 103 LEU A CG  1 
ATOM   853  C CD1 . LEU A 1 105 ? 7.955   -1.326  -9.132  1.00 12.99 ? 103 LEU A CD1 1 
ATOM   854  C CD2 . LEU A 1 105 ? 6.482   -0.642  -7.254  1.00 13.18 ? 103 LEU A CD2 1 
ATOM   855  N N   . ILE A 1 106 ? 3.010   0.272   -11.338 1.00 13.17 ? 104 ILE A N   1 
ATOM   856  C CA  . ILE A 1 106 ? 2.212   1.228   -12.113 1.00 13.69 ? 104 ILE A CA  1 
ATOM   857  C C   . ILE A 1 106 ? 0.816   1.420   -11.481 1.00 14.13 ? 104 ILE A C   1 
ATOM   858  O O   . ILE A 1 106 ? 0.322   2.565   -11.352 1.00 13.22 ? 104 ILE A O   1 
ATOM   859  C CB  . ILE A 1 106 ? 2.103   0.821   -13.609 1.00 14.94 ? 104 ILE A CB  1 
ATOM   860  C CG1 . ILE A 1 106 ? 3.462   0.963   -14.288 1.00 14.93 ? 104 ILE A CG1 1 
ATOM   861  C CG2 . ILE A 1 106 ? 1.134   1.750   -14.355 1.00 14.75 ? 104 ILE A CG2 1 
ATOM   862  C CD1 . ILE A 1 106 ? 3.524   0.170   -15.631 1.00 17.21 ? 104 ILE A CD1 1 
ATOM   863  N N   . TRP A 1 107 ? 0.207   0.309   -11.083 1.00 13.50 ? 105 TRP A N   1 
ATOM   864  C CA  . TRP A 1 107 ? -1.099  0.347   -10.398 1.00 13.96 ? 105 TRP A CA  1 
ATOM   865  C C   . TRP A 1 107 ? -1.000  1.101   -9.076  1.00 14.31 ? 105 TRP A C   1 
ATOM   866  O O   . TRP A 1 107 ? -1.858  1.939   -8.774  1.00 14.51 ? 105 TRP A O   1 
ATOM   867  C CB  . TRP A 1 107 ? -1.660  -1.076  -10.197 1.00 13.93 ? 105 TRP A CB  1 
ATOM   868  C CG  . TRP A 1 107 ? -3.064  -1.105  -9.590  1.00 15.07 ? 105 TRP A CG  1 
ATOM   869  C CD1 . TRP A 1 107 ? -4.254  -1.137  -10.273 1.00 15.19 ? 105 TRP A CD1 1 
ATOM   870  C CD2 . TRP A 1 107 ? -3.400  -1.080  -8.193  1.00 13.62 ? 105 TRP A CD2 1 
ATOM   871  N NE1 . TRP A 1 107 ? -5.314  -1.128  -9.377  1.00 14.97 ? 105 TRP A NE1 1 
ATOM   872  C CE2 . TRP A 1 107 ? -4.812  -1.100  -8.100  1.00 14.83 ? 105 TRP A CE2 1 
ATOM   873  C CE3 . TRP A 1 107 ? -2.642  -1.074  -7.007  1.00 17.28 ? 105 TRP A CE3 1 
ATOM   874  C CZ2 . TRP A 1 107 ? -5.485  -1.102  -6.872  1.00 16.56 ? 105 TRP A CZ2 1 
ATOM   875  C CZ3 . TRP A 1 107 ? -3.323  -1.079  -5.771  1.00 18.97 ? 105 TRP A CZ3 1 
ATOM   876  C CH2 . TRP A 1 107 ? -4.735  -1.089  -5.720  1.00 18.27 ? 105 TRP A CH2 1 
ATOM   877  N N   . ALA A 1 108 ? 0.057   0.841   -8.298  1.00 13.97 ? 106 ALA A N   1 
ATOM   878  C CA  . ALA A 1 108 ? 0.167   1.425   -6.957  1.00 13.68 ? 106 ALA A CA  1 
ATOM   879  C C   . ALA A 1 108 ? 0.461   2.917   -6.986  1.00 13.75 ? 106 ALA A C   1 
ATOM   880  O O   . ALA A 1 108 ? 0.102   3.636   -6.054  1.00 13.84 ? 106 ALA A O   1 
ATOM   881  C CB  . ALA A 1 108 ? 1.246   0.735   -6.150  1.00 13.88 ? 106 ALA A CB  1 
ATOM   882  N N   . ALA A 1 109 ? 1.176   3.367   -8.010  1.00 14.29 ? 107 ALA A N   1 
ATOM   883  C CA  . ALA A 1 109 ? 1.648   4.760   -8.039  1.00 15.36 ? 107 ALA A CA  1 
ATOM   884  C C   . ALA A 1 109 ? 0.570   5.832   -7.720  1.00 15.87 ? 107 ALA A C   1 
ATOM   885  O O   . ALA A 1 109 ? 0.767   6.603   -6.774  1.00 16.13 ? 107 ALA A O   1 
ATOM   886  C CB  . ALA A 1 109 ? 2.415   5.080   -9.350  1.00 15.33 ? 107 ALA A CB  1 
ATOM   887  N N   A PRO A 1 110 ? -0.545  5.880   -8.494  0.50 16.56 ? 108 PRO A N   1 
ATOM   888  N N   B PRO A 1 110 ? -0.555  5.868   -8.467  0.50 16.58 ? 108 PRO A N   1 
ATOM   889  C CA  A PRO A 1 110 ? -1.605  6.852   -8.160  0.50 16.91 ? 108 PRO A CA  1 
ATOM   890  C CA  B PRO A 1 110 ? -1.509  6.937   -8.112  0.50 16.94 ? 108 PRO A CA  1 
ATOM   891  C C   A PRO A 1 110 ? -2.061  6.743   -6.720  0.50 17.10 ? 108 PRO A C   1 
ATOM   892  C C   B PRO A 1 110 ? -2.204  6.733   -6.766  0.50 17.17 ? 108 PRO A C   1 
ATOM   893  O O   A PRO A 1 110 ? -2.284  7.772   -6.047  0.50 17.35 ? 108 PRO A O   1 
ATOM   894  O O   B PRO A 1 110 ? -2.733  7.702   -6.194  0.50 17.38 ? 108 PRO A O   1 
ATOM   895  C CB  A PRO A 1 110 ? -2.763  6.458   -9.093  0.50 17.01 ? 108 PRO A CB  1 
ATOM   896  C CB  B PRO A 1 110 ? -2.510  6.920   -9.274  0.50 17.11 ? 108 PRO A CB  1 
ATOM   897  C CG  A PRO A 1 110 ? -2.329  5.210   -9.808  0.50 17.52 ? 108 PRO A CG  1 
ATOM   898  C CG  B PRO A 1 110 ? -2.436  5.545   -9.823  0.50 17.47 ? 108 PRO A CG  1 
ATOM   899  C CD  A PRO A 1 110 ? -0.844  5.198   -9.765  0.50 15.96 ? 108 PRO A CD  1 
ATOM   900  C CD  B PRO A 1 110 ? -1.012  5.099   -9.639  0.50 15.94 ? 108 PRO A CD  1 
ATOM   901  N N   . ARG A 1 111 ? -2.192  5.502   -6.246  1.00 16.66 ? 109 ARG A N   1 
ATOM   902  C CA  . ARG A 1 111 ? -2.703  5.259   -4.903  1.00 17.23 ? 109 ARG A CA  1 
ATOM   903  C C   . ARG A 1 111 ? -1.791  5.804   -3.807  1.00 18.09 ? 109 ARG A C   1 
ATOM   904  O O   . ARG A 1 111 ? -2.290  6.240   -2.764  1.00 18.24 ? 109 ARG A O   1 
ATOM   905  C CB  . ARG A 1 111 ? -3.026  3.786   -4.654  1.00 17.64 ? 109 ARG A CB  1 
ATOM   906  C CG  . ARG A 1 111 ? -4.358  3.346   -5.239  1.00 19.51 ? 109 ARG A CG  1 
ATOM   907  C CD  . ARG A 1 111 ? -4.202  2.595   -6.539  1.00 21.41 ? 109 ARG A CD  1 
ATOM   908  N NE  . ARG A 1 111 ? -5.490  2.253   -7.125  1.00 20.10 ? 109 ARG A NE  1 
ATOM   909  C CZ  . ARG A 1 111 ? -5.694  2.069   -8.425  1.00 20.43 ? 109 ARG A CZ  1 
ATOM   910  N NH1 . ARG A 1 111 ? -4.698  2.163   -9.292  1.00 18.97 ? 109 ARG A NH1 1 
ATOM   911  N NH2 . ARG A 1 111 ? -6.915  1.780   -8.865  1.00 22.69 ? 109 ARG A NH2 1 
ATOM   912  N N   . LEU A 1 112 ? -0.472  5.795   -4.032  1.00 16.21 ? 110 LEU A N   1 
ATOM   913  C CA  . LEU A 1 112 ? 0.485   6.172   -2.977  1.00 16.61 ? 110 LEU A CA  1 
ATOM   914  C C   . LEU A 1 112 ? 1.310   7.433   -3.243  1.00 16.36 ? 110 LEU A C   1 
ATOM   915  O O   . LEU A 1 112 ? 2.045   7.870   -2.354  1.00 16.25 ? 110 LEU A O   1 
ATOM   916  C CB  . LEU A 1 112 ? 1.450   4.996   -2.667  1.00 16.98 ? 110 LEU A CB  1 
ATOM   917  C CG  . LEU A 1 112 ? 0.855   3.686   -2.139  1.00 20.22 ? 110 LEU A CG  1 
ATOM   918  C CD1 . LEU A 1 112 ? 1.935   2.921   -1.359  1.00 24.18 ? 110 LEU A CD1 1 
ATOM   919  C CD2 . LEU A 1 112 ? -0.346  3.923   -1.244  1.00 23.74 ? 110 LEU A CD2 1 
ATOM   920  N N   . GLN A 1 113 ? 1.198   7.992   -4.450  1.00 16.04 ? 111 GLN A N   1 
ATOM   921  C CA  . GLN A 1 113 ? 2.072   9.099   -4.890  1.00 17.39 ? 111 GLN A CA  1 
ATOM   922  C C   . GLN A 1 113 ? 1.954   10.309  -3.963  1.00 17.38 ? 111 GLN A C   1 
ATOM   923  O O   . GLN A 1 113 ? 2.912   11.072  -3.813  1.00 17.48 ? 111 GLN A O   1 
ATOM   924  C CB  . GLN A 1 113 ? 1.832   9.501   -6.367  1.00 17.52 ? 111 GLN A CB  1 
ATOM   925  C CG  . GLN A 1 113 ? 0.486   10.188  -6.695  1.00 20.58 ? 111 GLN A CG  1 
ATOM   926  C CD  . GLN A 1 113 ? 0.344   10.559  -8.185  1.00 22.39 ? 111 GLN A CD  1 
ATOM   927  O OE1 . GLN A 1 113 ? 0.538   9.725   -9.073  1.00 24.83 ? 111 GLN A OE1 1 
ATOM   928  N NE2 . GLN A 1 113 ? -0.009  11.809  -8.449  1.00 24.90 ? 111 GLN A NE2 1 
ATOM   929  N N   . SER A 1 114 ? 0.801   10.472  -3.315  1.00 18.03 ? 112 SER A N   1 
ATOM   930  C CA  . SER A 1 114 ? 0.651   11.580  -2.384  1.00 18.68 ? 112 SER A CA  1 
ATOM   931  C C   . SER A 1 114 ? 1.662   11.517  -1.226  1.00 19.79 ? 112 SER A C   1 
ATOM   932  O O   . SER A 1 114 ? 2.051   12.560  -0.708  1.00 20.36 ? 112 SER A O   1 
ATOM   933  C CB  . SER A 1 114 ? -0.784  11.680  -1.847  1.00 18.87 ? 112 SER A CB  1 
ATOM   934  O OG  . SER A 1 114 ? -0.975  10.694  -0.856  1.00 20.38 ? 112 SER A OG  1 
ATOM   935  N N   . GLU A 1 115 ? 2.095   10.316  -0.837  1.00 19.36 ? 113 GLU A N   1 
ATOM   936  C CA  . GLU A 1 115 ? 3.079   10.148  0.233   1.00 20.88 ? 113 GLU A CA  1 
ATOM   937  C C   . GLU A 1 115 ? 4.465   9.722   -0.263  1.00 20.29 ? 113 GLU A C   1 
ATOM   938  O O   . GLU A 1 115 ? 5.463   9.883   0.447   1.00 19.63 ? 113 GLU A O   1 
ATOM   939  C CB  . GLU A 1 115 ? 2.574   9.134   1.247   1.00 21.33 ? 113 GLU A CB  1 
ATOM   940  C CG  . GLU A 1 115 ? 1.313   9.590   1.949   1.00 25.71 ? 113 GLU A CG  1 
ATOM   941  C CD  . GLU A 1 115 ? 1.164   8.954   3.304   1.00 32.83 ? 113 GLU A CD  1 
ATOM   942  O OE1 . GLU A 1 115 ? 0.913   7.731   3.348   1.00 36.21 ? 113 GLU A OE1 1 
ATOM   943  O OE2 . GLU A 1 115 ? 1.300   9.683   4.321   1.00 37.92 ? 113 GLU A OE2 1 
ATOM   944  N N   . VAL A 1 116 ? 4.498   9.164   -1.473  1.00 19.66 ? 114 VAL A N   1 
ATOM   945  C CA  . VAL A 1 116 ? 5.728   8.624   -2.077  1.00 19.59 ? 114 VAL A CA  1 
ATOM   946  C C   . VAL A 1 116 ? 5.803   9.190   -3.497  1.00 19.38 ? 114 VAL A C   1 
ATOM   947  O O   . VAL A 1 116 ? 5.450   8.520   -4.481  1.00 18.21 ? 114 VAL A O   1 
ATOM   948  C CB  . VAL A 1 116 ? 5.730   7.063   -2.136  1.00 19.89 ? 114 VAL A CB  1 
ATOM   949  C CG1 . VAL A 1 116 ? 7.116   6.538   -2.609  1.00 21.06 ? 114 VAL A CG1 1 
ATOM   950  C CG2 . VAL A 1 116 ? 5.368   6.436   -0.783  1.00 20.50 ? 114 VAL A CG2 1 
ATOM   951  N N   . ALA A 1 117 ? 6.255   10.439  -3.599  1.00 19.83 ? 115 ALA A N   1 
ATOM   952  C CA  . ALA A 1 117 ? 6.178   11.185  -4.857  1.00 20.87 ? 115 ALA A CA  1 
ATOM   953  C C   . ALA A 1 117 ? 6.943   10.507  -6.015  1.00 20.93 ? 115 ALA A C   1 
ATOM   954  O O   . ALA A 1 117 ? 6.537   10.559  -7.191  1.00 21.07 ? 115 ALA A O   1 
ATOM   955  C CB  . ALA A 1 117 ? 6.698   12.587  -4.640  1.00 22.49 ? 115 ALA A CB  1 
ATOM   956  N N   . GLU A 1 118 ? 8.032   9.851   -5.643  1.00 20.77 ? 116 GLU A N   1 
ATOM   957  C CA  . GLU A 1 118 ? 8.969   9.236   -6.583  1.00 20.88 ? 116 GLU A CA  1 
ATOM   958  C C   . GLU A 1 118 ? 8.390   7.984   -7.186  1.00 19.94 ? 116 GLU A C   1 
ATOM   959  O O   . GLU A 1 118 ? 8.893   7.500   -8.203  1.00 19.53 ? 116 GLU A O   1 
ATOM   960  C CB  . GLU A 1 118 ? 10.260  8.872   -5.866  1.00 21.43 ? 116 GLU A CB  1 
ATOM   961  C CG  . GLU A 1 118 ? 11.137  10.074  -5.518  1.00 25.28 ? 116 GLU A CG  1 
ATOM   962  C CD  . GLU A 1 118 ? 10.709  10.806  -4.243  1.00 29.81 ? 116 GLU A CD  1 
ATOM   963  O OE1 . GLU A 1 118 ? 9.778   10.347  -3.540  1.00 30.41 ? 116 GLU A OE1 1 
ATOM   964  O OE2 . GLU A 1 118 ? 11.331  11.850  -3.946  1.00 33.25 ? 116 GLU A OE2 1 
ATOM   965  N N   . LEU A 1 119 ? 7.367   7.422   -6.544  1.00 18.26 ? 117 LEU A N   1 
ATOM   966  C CA  . LEU A 1 119 ? 6.639   6.339   -7.190  1.00 18.56 ? 117 LEU A CA  1 
ATOM   967  C C   . LEU A 1 119 ? 5.914   6.768   -8.484  1.00 18.29 ? 117 LEU A C   1 
ATOM   968  O O   . LEU A 1 119 ? 5.796   5.958   -9.404  1.00 17.75 ? 117 LEU A O   1 
ATOM   969  C CB  . LEU A 1 119 ? 5.709   5.619   -6.197  1.00 19.61 ? 117 LEU A CB  1 
ATOM   970  C CG  . LEU A 1 119 ? 5.052   4.275   -6.558  1.00 21.38 ? 117 LEU A CG  1 
ATOM   971  C CD1 . LEU A 1 119 ? 6.044   3.214   -7.068  1.00 19.35 ? 117 LEU A CD1 1 
ATOM   972  C CD2 . LEU A 1 119 ? 4.323   3.779   -5.319  1.00 24.03 ? 117 LEU A CD2 1 
ATOM   973  N N   . LYS A 1 120 ? 5.440   8.021   -8.584  1.00 18.68 ? 118 LYS A N   1 
ATOM   974  C CA  A LYS A 1 120 ? 4.869   8.537   -9.828  0.50 19.06 ? 118 LYS A CA  1 
ATOM   975  C CA  B LYS A 1 120 ? 4.861   8.480   -9.843  0.50 19.02 ? 118 LYS A CA  1 
ATOM   976  C C   . LYS A 1 120 ? 5.932   8.538   -10.941 1.00 19.23 ? 118 LYS A C   1 
ATOM   977  O O   . LYS A 1 120 ? 5.651   8.188   -12.077 1.00 19.01 ? 118 LYS A O   1 
ATOM   978  C CB  A LYS A 1 120 ? 4.311   9.959   -9.634  0.50 19.74 ? 118 LYS A CB  1 
ATOM   979  C CB  B LYS A 1 120 ? 4.134   9.829   -9.730  0.50 19.72 ? 118 LYS A CB  1 
ATOM   980  C CG  A LYS A 1 120 ? 3.756   10.613  -10.905 0.50 20.72 ? 118 LYS A CG  1 
ATOM   981  C CG  B LYS A 1 120 ? 3.443   10.219  -11.041 0.50 20.50 ? 118 LYS A CG  1 
ATOM   982  C CD  A LYS A 1 120 ? 3.338   12.072  -10.670 0.50 22.02 ? 118 LYS A CD  1 
ATOM   983  C CD  B LYS A 1 120 ? 2.741   11.570  -11.012 0.50 22.11 ? 118 LYS A CD  1 
ATOM   984  C CE  A LYS A 1 120 ? 2.700   12.691  -11.912 0.50 23.65 ? 118 LYS A CE  1 
ATOM   985  C CE  B LYS A 1 120 ? 2.279   11.948  -12.419 0.50 21.56 ? 118 LYS A CE  1 
ATOM   986  N NZ  A LYS A 1 120 ? 3.553   12.562  -13.134 0.50 23.29 ? 118 LYS A NZ  1 
ATOM   987  N NZ  B LYS A 1 120 ? 1.722   10.790  -13.167 0.50 23.88 ? 118 LYS A NZ  1 
ATOM   988  N N   . ILE A 1 121 ? 7.141   8.957   -10.585 1.00 18.85 ? 119 ILE A N   1 
ATOM   989  C CA  . ILE A 1 121 ? 8.267   8.992   -11.543 1.00 19.61 ? 119 ILE A CA  1 
ATOM   990  C C   . ILE A 1 121 ? 8.607   7.566   -11.994 1.00 18.58 ? 119 ILE A C   1 
ATOM   991  O O   . ILE A 1 121 ? 8.756   7.323   -13.178 1.00 18.70 ? 119 ILE A O   1 
ATOM   992  C CB  . ILE A 1 121 ? 9.509   9.648   -10.959 1.00 20.16 ? 119 ILE A CB  1 
ATOM   993  C CG1 . ILE A 1 121 ? 9.180   11.071  -10.495 1.00 22.17 ? 119 ILE A CG1 1 
ATOM   994  C CG2 . ILE A 1 121 ? 10.630  9.650   -11.991 1.00 21.02 ? 119 ILE A CG2 1 
ATOM   995  C CD1 . ILE A 1 121 ? 10.221  11.634  -9.547  1.00 25.39 ? 119 ILE A CD1 1 
ATOM   996  N N   . VAL A 1 122 ? 8.716   6.632   -11.046 1.00 18.70 ? 120 VAL A N   1 
ATOM   997  C CA  . VAL A 1 122 ? 8.915   5.198   -11.394 1.00 17.41 ? 120 VAL A CA  1 
ATOM   998  C C   . VAL A 1 122 ? 7.857   4.718   -12.397 1.00 17.90 ? 120 VAL A C   1 
ATOM   999  O O   . VAL A 1 122 ? 8.181   4.172   -13.445 1.00 16.91 ? 120 VAL A O   1 
ATOM   1000 C CB  . VAL A 1 122 ? 8.933   4.286   -10.145 1.00 17.16 ? 120 VAL A CB  1 
ATOM   1001 C CG1 . VAL A 1 122 ? 8.835   2.780   -10.545 1.00 15.41 ? 120 VAL A CG1 1 
ATOM   1002 C CG2 . VAL A 1 122 ? 10.190  4.541   -9.323  1.00 16.81 ? 120 VAL A CG2 1 
ATOM   1003 N N   . ALA A 1 123 ? 6.585   4.938   -12.090 1.00 17.92 ? 121 ALA A N   1 
ATOM   1004 C CA  . ALA A 1 123 ? 5.528   4.486   -12.969 1.00 18.84 ? 121 ALA A CA  1 
ATOM   1005 C C   . ALA A 1 123 ? 5.502   5.200   -14.311 1.00 19.25 ? 121 ALA A C   1 
ATOM   1006 O O   . ALA A 1 123 ? 5.268   4.560   -15.336 1.00 19.39 ? 121 ALA A O   1 
ATOM   1007 C CB  . ALA A 1 123 ? 4.135   4.567   -12.239 1.00 18.49 ? 121 ALA A CB  1 
ATOM   1008 N N   . ASP A 1 124 ? 5.758   6.510   -14.326 1.00 20.58 ? 122 ASP A N   1 
ATOM   1009 C CA  . ASP A 1 124 ? 5.785   7.241   -15.595 1.00 21.72 ? 122 ASP A CA  1 
ATOM   1010 C C   . ASP A 1 124 ? 6.882   6.700   -16.511 1.00 20.72 ? 122 ASP A C   1 
ATOM   1011 O O   . ASP A 1 124 ? 6.679   6.571   -17.710 1.00 20.55 ? 122 ASP A O   1 
ATOM   1012 C CB  . ASP A 1 124 ? 5.981   8.743   -15.382 1.00 23.10 ? 122 ASP A CB  1 
ATOM   1013 C CG  . ASP A 1 124 ? 4.693   9.458   -14.947 1.00 27.14 ? 122 ASP A CG  1 
ATOM   1014 O OD1 . ASP A 1 124 ? 3.607   8.833   -14.931 1.00 31.09 ? 122 ASP A OD1 1 
ATOM   1015 O OD2 . ASP A 1 124 ? 4.792   10.646  -14.577 1.00 33.06 ? 122 ASP A OD2 1 
ATOM   1016 N N   . GLN A 1 125 ? 8.033   6.374   -15.922 1.00 20.32 ? 123 GLN A N   1 
ATOM   1017 C CA  . GLN A 1 125 ? 9.148   5.824   -16.687 1.00 19.73 ? 123 GLN A CA  1 
ATOM   1018 C C   . GLN A 1 125 ? 8.834   4.407   -17.184 1.00 19.22 ? 123 GLN A C   1 
ATOM   1019 O O   . GLN A 1 125 ? 9.179   4.039   -18.317 1.00 18.89 ? 123 GLN A O   1 
ATOM   1020 C CB  . GLN A 1 125 ? 10.432  5.848   -15.851 1.00 19.83 ? 123 GLN A CB  1 
ATOM   1021 C CG  . GLN A 1 125 ? 11.071  7.230   -15.762 1.00 21.84 ? 123 GLN A CG  1 
ATOM   1022 C CD  . GLN A 1 125 ? 11.388  7.783   -17.138 1.00 23.00 ? 123 GLN A CD  1 
ATOM   1023 O OE1 . GLN A 1 125 ? 11.802  7.045   -18.032 1.00 23.20 ? 123 GLN A OE1 1 
ATOM   1024 N NE2 . GLN A 1 125 ? 11.156  9.079   -17.328 1.00 25.58 ? 123 GLN A NE2 1 
ATOM   1025 N N   . LEU A 1 126 ? 8.176   3.598   -16.345 1.00 18.54 ? 124 LEU A N   1 
ATOM   1026 C CA  . LEU A 1 126 ? 7.784   2.251   -16.789 1.00 18.92 ? 124 LEU A CA  1 
ATOM   1027 C C   . LEU A 1 126 ? 6.765   2.332   -17.913 1.00 19.99 ? 124 LEU A C   1 
ATOM   1028 O O   . LEU A 1 126 ? 6.792   1.522   -18.836 1.00 20.49 ? 124 LEU A O   1 
ATOM   1029 C CB  . LEU A 1 126 ? 7.262   1.394   -15.619 1.00 17.59 ? 124 LEU A CB  1 
ATOM   1030 C CG  . LEU A 1 126 ? 8.276   0.972   -14.541 1.00 17.39 ? 124 LEU A CG  1 
ATOM   1031 C CD1 . LEU A 1 126 ? 7.551   0.459   -13.286 1.00 14.71 ? 124 LEU A CD1 1 
ATOM   1032 C CD2 . LEU A 1 126 ? 9.277   -0.110  -15.016 1.00 15.29 ? 124 LEU A CD2 1 
ATOM   1033 N N   . CYS A 1 127 ? 5.888   3.331   -17.838 1.00 20.21 ? 125 CYS A N   1 
ATOM   1034 C CA  . CYS A 1 127 ? 4.942   3.607   -18.913 1.00 22.08 ? 125 CYS A CA  1 
ATOM   1035 C C   . CYS A 1 127 ? 5.638   4.147   -20.169 1.00 21.92 ? 125 CYS A C   1 
ATOM   1036 O O   . CYS A 1 127 ? 5.225   3.848   -21.284 1.00 23.37 ? 125 CYS A O   1 
ATOM   1037 C CB  . CYS A 1 127 ? 3.849   4.557   -18.440 1.00 22.12 ? 125 CYS A CB  1 
ATOM   1038 S SG  . CYS A 1 127 ? 2.786   3.784   -17.187 1.00 26.35 ? 125 CYS A SG  1 
ATOM   1039 N N   . ALA A 1 128 ? 6.692   4.936   -19.990 1.00 22.44 ? 126 ALA A N   1 
ATOM   1040 C CA  . ALA A 1 128 ? 7.468   5.397   -21.149 1.00 22.75 ? 126 ALA A CA  1 
ATOM   1041 C C   . ALA A 1 128 ? 8.078   4.180   -21.843 1.00 22.84 ? 126 ALA A C   1 
ATOM   1042 O O   . ALA A 1 128 ? 8.118   4.083   -23.072 1.00 23.55 ? 126 ALA A O   1 
ATOM   1043 C CB  . ALA A 1 128 ? 8.555   6.377   -20.710 1.00 22.48 ? 126 ALA A CB  1 
ATOM   1044 N N   . LYS A 1 129 ? 8.561   3.234   -21.046 1.00 22.96 ? 127 LYS A N   1 
ATOM   1045 C CA  . LYS A 1 129 ? 9.240   2.064   -21.576 1.00 22.81 ? 127 LYS A CA  1 
ATOM   1046 C C   . LYS A 1 129 ? 8.264   1.097   -22.257 1.00 23.64 ? 127 LYS A C   1 
ATOM   1047 O O   . LYS A 1 129 ? 8.510   0.645   -23.381 1.00 23.02 ? 127 LYS A O   1 
ATOM   1048 C CB  . LYS A 1 129 ? 10.017  1.386   -20.441 1.00 23.18 ? 127 LYS A CB  1 
ATOM   1049 C CG  . LYS A 1 129 ? 10.606  0.023   -20.764 1.00 22.88 ? 127 LYS A CG  1 
ATOM   1050 C CD  . LYS A 1 129 ? 11.787  0.098   -21.701 1.00 25.24 ? 127 LYS A CD  1 
ATOM   1051 C CE  . LYS A 1 129 ? 12.202  -1.334  -22.045 1.00 25.79 ? 127 LYS A CE  1 
ATOM   1052 N NZ  . LYS A 1 129 ? 13.295  -1.372  -23.062 1.00 25.96 ? 127 LYS A NZ  1 
ATOM   1053 N N   . TYR A 1 130 ? 7.155   0.802   -21.579 1.00 23.27 ? 128 TYR A N   1 
ATOM   1054 C CA  . TYR A 1 130 ? 6.242   -0.267  -22.001 1.00 24.26 ? 128 TYR A CA  1 
ATOM   1055 C C   . TYR A 1 130 ? 4.955   0.199   -22.673 1.00 25.68 ? 128 TYR A C   1 
ATOM   1056 O O   . TYR A 1 130 ? 4.112   -0.634  -22.996 1.00 26.29 ? 128 TYR A O   1 
ATOM   1057 C CB  . TYR A 1 130 ? 5.962   -1.236  -20.841 1.00 22.88 ? 128 TYR A CB  1 
ATOM   1058 C CG  . TYR A 1 130 ? 7.218   -1.941  -20.397 1.00 22.41 ? 128 TYR A CG  1 
ATOM   1059 C CD1 . TYR A 1 130 ? 7.902   -2.800  -21.272 1.00 23.32 ? 128 TYR A CD1 1 
ATOM   1060 C CD2 . TYR A 1 130 ? 7.761   -1.710  -19.143 1.00 20.76 ? 128 TYR A CD2 1 
ATOM   1061 C CE1 . TYR A 1 130 ? 9.056   -3.432  -20.890 1.00 23.09 ? 128 TYR A CE1 1 
ATOM   1062 C CE2 . TYR A 1 130 ? 8.933   -2.352  -18.736 1.00 21.44 ? 128 TYR A CE2 1 
ATOM   1063 C CZ  . TYR A 1 130 ? 9.575   -3.206  -19.620 1.00 20.96 ? 128 TYR A CZ  1 
ATOM   1064 O OH  . TYR A 1 130 ? 10.738  -3.834  -19.250 1.00 20.93 ? 128 TYR A OH  1 
ATOM   1065 N N   . SER A 1 131 ? 4.830   1.517   -22.862 1.00 27.66 ? 129 SER A N   1 
ATOM   1066 C CA  . SER A 1 131 ? 3.700   2.199   -23.553 1.00 29.08 ? 129 SER A CA  1 
ATOM   1067 C C   . SER A 1 131 ? 2.648   2.761   -22.586 1.00 29.94 ? 129 SER A C   1 
ATOM   1068 O O   . SER A 1 131 ? 2.399   2.181   -21.522 1.00 29.19 ? 129 SER A O   1 
ATOM   1069 C CB  . SER A 1 131 ? 3.072   1.351   -24.671 1.00 29.32 ? 129 SER A CB  1 
ATOM   1070 O OG  . SER A 1 131 ? 2.295   0.288   -24.171 1.00 30.28 ? 129 SER A OG  1 
ATOM   1071 N N   . LYS A 1 132 ? 2.077   3.915   -22.945 1.00 30.96 ? 130 LYS A N   1 
ATOM   1072 C CA  . LYS A 1 132 ? 0.967   4.527   -22.195 1.00 32.30 ? 130 LYS A CA  1 
ATOM   1073 C C   . LYS A 1 132 ? -0.253  3.616   -22.195 1.00 32.16 ? 130 LYS A C   1 
ATOM   1074 O O   . LYS A 1 132 ? -1.011  3.594   -21.221 1.00 33.04 ? 130 LYS A O   1 
ATOM   1075 C CB  . LYS A 1 132 ? 0.566   5.888   -22.790 1.00 32.61 ? 130 LYS A CB  1 
ATOM   1076 C CG  . LYS A 1 132 ? 1.407   7.071   -22.294 1.00 35.84 ? 130 LYS A CG  1 
ATOM   1077 C CD  . LYS A 1 132 ? 0.844   8.432   -22.764 1.00 39.76 ? 130 LYS A CD  1 
ATOM   1078 C CE  . LYS A 1 132 ? -0.361  8.882   -21.937 1.00 41.17 ? 130 LYS A CE  1 
ATOM   1079 N NZ  . LYS A 1 132 ? -0.902  10.201  -22.383 1.00 43.16 ? 130 LYS A NZ  1 
ATOM   1080 N N   . GLU A 1 133 ? -0.438  2.883   -23.294 1.00 31.96 ? 131 GLU A N   1 
ATOM   1081 C CA  . GLU A 1 133 ? -1.553  1.956   -23.445 1.00 32.12 ? 131 GLU A CA  1 
ATOM   1082 C C   . GLU A 1 133 ? -1.448  0.843   -22.410 1.00 30.92 ? 131 GLU A C   1 
ATOM   1083 O O   . GLU A 1 133 ? -2.416  0.545   -21.713 1.00 30.41 ? 131 GLU A O   1 
ATOM   1084 C CB  . GLU A 1 133 ? -1.595  1.355   -24.850 1.00 32.77 ? 131 GLU A CB  1 
ATOM   1085 C CG  . GLU A 1 133 ? -1.714  2.380   -25.970 1.00 35.91 ? 131 GLU A CG  1 
ATOM   1086 C CD  . GLU A 1 133 ? -0.355  2.880   -26.463 1.00 40.08 ? 131 GLU A CD  1 
ATOM   1087 O OE1 . GLU A 1 133 ? 0.261   3.739   -25.787 1.00 39.40 ? 131 GLU A OE1 1 
ATOM   1088 O OE2 . GLU A 1 133 ? 0.086   2.420   -27.542 1.00 42.84 ? 131 GLU A OE2 1 
ATOM   1089 N N   . TYR A 1 134 ? -0.267  0.243   -22.308 1.00 29.31 ? 132 TYR A N   1 
ATOM   1090 C CA  . TYR A 1 134 ? -0.022  -0.746  -21.263 1.00 28.12 ? 132 TYR A CA  1 
ATOM   1091 C C   . TYR A 1 134 ? -0.228  -0.140  -19.875 1.00 28.19 ? 132 TYR A C   1 
ATOM   1092 O O   . TYR A 1 134 ? -0.891  -0.748  -19.034 1.00 27.57 ? 132 TYR A O   1 
ATOM   1093 C CB  . TYR A 1 134 ? 1.370   -1.365  -21.411 1.00 27.54 ? 132 TYR A CB  1 
ATOM   1094 C CG  . TYR A 1 134 ? 1.809   -2.241  -20.253 1.00 24.67 ? 132 TYR A CG  1 
ATOM   1095 C CD1 . TYR A 1 134 ? 1.310   -3.534  -20.105 1.00 24.87 ? 132 TYR A CD1 1 
ATOM   1096 C CD2 . TYR A 1 134 ? 2.747   -1.777  -19.323 1.00 22.63 ? 132 TYR A CD2 1 
ATOM   1097 C CE1 . TYR A 1 134 ? 1.724   -4.356  -19.051 1.00 23.87 ? 132 TYR A CE1 1 
ATOM   1098 C CE2 . TYR A 1 134 ? 3.174   -2.591  -18.262 1.00 21.83 ? 132 TYR A CE2 1 
ATOM   1099 C CZ  . TYR A 1 134 ? 2.650   -3.875  -18.134 1.00 21.75 ? 132 TYR A CZ  1 
ATOM   1100 O OH  . TYR A 1 134 ? 3.036   -4.698  -17.103 1.00 23.39 ? 132 TYR A OH  1 
ATOM   1101 N N   . GLY A 1 135 ? 0.303   1.065   -19.654 1.00 28.09 ? 133 GLY A N   1 
ATOM   1102 C CA  . GLY A 1 135 ? 0.165   1.758   -18.373 1.00 28.19 ? 133 GLY A CA  1 
ATOM   1103 C C   . GLY A 1 135 ? -1.277  1.971   -17.926 1.00 28.81 ? 133 GLY A C   1 
ATOM   1104 O O   . GLY A 1 135 ? -1.611  1.834   -16.741 1.00 28.29 ? 133 GLY A O   1 
ATOM   1105 N N   . LYS A 1 136 ? -2.147  2.300   -18.871 1.00 28.70 ? 134 LYS A N   1 
ATOM   1106 C CA  . LYS A 1 136 ? -3.553  2.513   -18.524 1.00 29.08 ? 134 LYS A CA  1 
ATOM   1107 C C   . LYS A 1 136 ? -4.248  1.192   -18.145 1.00 28.28 ? 134 LYS A C   1 
ATOM   1108 O O   . LYS A 1 136 ? -5.100  1.175   -17.248 1.00 28.17 ? 134 LYS A O   1 
ATOM   1109 C CB  . LYS A 1 136 ? -4.276  3.264   -19.643 1.00 30.03 ? 134 LYS A CB  1 
ATOM   1110 C CG  . LYS A 1 136 ? -3.929  4.760   -19.652 1.00 31.80 ? 134 LYS A CG  1 
ATOM   1111 C CD  . LYS A 1 136 ? -4.534  5.487   -20.859 1.00 37.75 ? 134 LYS A CD  1 
ATOM   1112 C CE  . LYS A 1 136 ? -3.655  5.364   -22.091 1.00 38.71 ? 134 LYS A CE  1 
ATOM   1113 N NZ  . LYS A 1 136 ? -4.303  6.006   -23.269 1.00 41.03 ? 134 LYS A NZ  1 
ATOM   1114 N N   . LEU A 1 137 ? -3.834  0.096   -18.784 1.00 27.17 ? 135 LEU A N   1 
ATOM   1115 C CA  . LEU A 1 137 ? -4.352  -1.246  -18.471 1.00 26.23 ? 135 LEU A CA  1 
ATOM   1116 C C   . LEU A 1 137 ? -3.848  -1.734  -17.115 1.00 25.43 ? 135 LEU A C   1 
ATOM   1117 O O   . LEU A 1 137 ? -4.520  -2.526  -16.449 1.00 24.75 ? 135 LEU A O   1 
ATOM   1118 C CB  . LEU A 1 137 ? -3.989  -2.257  -19.552 1.00 27.08 ? 135 LEU A CB  1 
ATOM   1119 C CG  . LEU A 1 137 ? -4.596  -2.032  -20.934 1.00 27.95 ? 135 LEU A CG  1 
ATOM   1120 C CD1 . LEU A 1 137 ? -4.170  -3.183  -21.830 1.00 29.56 ? 135 LEU A CD1 1 
ATOM   1121 C CD2 . LEU A 1 137 ? -6.127  -1.927  -20.855 1.00 30.93 ? 135 LEU A CD2 1 
ATOM   1122 N N   . CYS A 1 138 ? -2.667  -1.257  -16.710 1.00 23.76 ? 136 CYS A N   1 
ATOM   1123 C CA  . CYS A 1 138 ? -2.145  -1.554  -15.373 1.00 22.76 ? 136 CYS A CA  1 
ATOM   1124 C C   . CYS A 1 138 ? -2.863  -0.779  -14.272 1.00 22.60 ? 136 CYS A C   1 
ATOM   1125 O O   . CYS A 1 138 ? -3.124  -1.340  -13.210 1.00 21.63 ? 136 CYS A O   1 
ATOM   1126 C CB  . CYS A 1 138 ? -0.643  -1.270  -15.289 1.00 22.33 ? 136 CYS A CB  1 
ATOM   1127 S SG  . CYS A 1 138 ? 0.371   -2.367  -16.261 1.00 22.72 ? 136 CYS A SG  1 
ATOM   1128 N N   . ARG A 1 139 ? -3.174  0.500   -14.515 1.00 22.97 ? 137 ARG A N   1 
ATOM   1129 C CA  . ARG A 1 139 ? -3.765  1.347   -13.476 1.00 24.14 ? 137 ARG A CA  1 
ATOM   1130 C C   . ARG A 1 139 ? -5.161  0.906   -13.074 1.00 23.98 ? 137 ARG A C   1 
ATOM   1131 O O   . ARG A 1 139 ? -5.628  1.232   -11.983 1.00 24.00 ? 137 ARG A O   1 
ATOM   1132 C CB  . ARG A 1 139 ? -3.763  2.828   -13.873 1.00 24.58 ? 137 ARG A CB  1 
ATOM   1133 C CG  . ARG A 1 139 ? -2.450  3.530   -13.543 1.00 27.76 ? 137 ARG A CG  1 
ATOM   1134 C CD  . ARG A 1 139 ? -2.554  5.045   -13.747 1.00 31.78 ? 137 ARG A CD  1 
ATOM   1135 N NE  . ARG A 1 139 ? -2.624  5.384   -15.161 1.00 35.26 ? 137 ARG A NE  1 
ATOM   1136 C CZ  . ARG A 1 139 ? -1.566  5.516   -15.953 1.00 38.69 ? 137 ARG A CZ  1 
ATOM   1137 N NH1 . ARG A 1 139 ? -0.335  5.357   -15.468 1.00 39.56 ? 137 ARG A NH1 1 
ATOM   1138 N NH2 . ARG A 1 139 ? -1.736  5.815   -17.235 1.00 40.06 ? 137 ARG A NH2 1 
ATOM   1139 N N   . THR A 1 140 ? -5.806  0.135   -13.951 1.00 24.27 ? 138 THR A N   1 
ATOM   1140 C CA  . THR A 1 140 ? -7.131  -0.437  -13.685 1.00 24.11 ? 138 THR A CA  1 
ATOM   1141 C C   . THR A 1 140 ? -7.083  -1.947  -13.414 1.00 23.69 ? 138 THR A C   1 
ATOM   1142 O O   . THR A 1 140 ? -8.121  -2.573  -13.163 1.00 23.34 ? 138 THR A O   1 
ATOM   1143 C CB  . THR A 1 140 ? -8.028  -0.261  -14.928 1.00 23.90 ? 138 THR A CB  1 
ATOM   1144 O OG1 . THR A 1 140 ? -7.365  -0.872  -16.034 1.00 24.47 ? 138 THR A OG1 1 
ATOM   1145 C CG2 . THR A 1 140 ? -8.251  1.216   -15.241 1.00 25.24 ? 138 THR A CG2 1 
ATOM   1146 N N   . ASN A 1 141 ? -5.889  -2.531  -13.484 1.00 23.59 ? 139 ASN A N   1 
ATOM   1147 C CA  . ASN A 1 141 ? -5.702  -3.995  -13.518 1.00 23.29 ? 139 ASN A CA  1 
ATOM   1148 C C   . ASN A 1 141 ? -6.555  -4.765  -14.556 1.00 23.85 ? 139 ASN A C   1 
ATOM   1149 O O   . ASN A 1 141 ? -6.865  -5.952  -14.390 1.00 22.88 ? 139 ASN A O   1 
ATOM   1150 C CB  . ASN A 1 141 ? -5.793  -4.636  -12.126 1.00 23.60 ? 139 ASN A CB  1 
ATOM   1151 C CG  . ASN A 1 141 ? -5.317  -6.078  -12.133 1.00 23.25 ? 139 ASN A CG  1 
ATOM   1152 O OD1 . ASN A 1 141 ? -4.322  -6.419  -12.790 1.00 23.67 ? 139 ASN A OD1 1 
ATOM   1153 N ND2 . ASN A 1 141 ? -6.036  -6.938  -11.439 1.00 24.66 ? 139 ASN A ND2 1 
ATOM   1154 N N   . GLN A 1 142 ? -6.908  -4.076  -15.636 1.00 24.74 ? 140 GLN A N   1 
ATOM   1155 C CA  . GLN A 1 142 ? -7.447  -4.735  -16.830 1.00 25.64 ? 140 GLN A CA  1 
ATOM   1156 C C   . GLN A 1 142 ? -6.435  -5.738  -17.365 1.00 25.59 ? 140 GLN A C   1 
ATOM   1157 O O   . GLN A 1 142 ? -6.792  -6.793  -17.896 1.00 26.21 ? 140 GLN A O   1 
ATOM   1158 C CB  . GLN A 1 142 ? -7.734  -3.677  -17.889 1.00 25.70 ? 140 GLN A CB  1 
ATOM   1159 C CG  . GLN A 1 142 ? -9.027  -2.913  -17.648 1.00 29.19 ? 140 GLN A CG  1 
ATOM   1160 C CD  . GLN A 1 142 ? -9.145  -1.742  -18.576 1.00 32.78 ? 140 GLN A CD  1 
ATOM   1161 O OE1 . GLN A 1 142 ? -8.448  -0.741  -18.418 1.00 33.00 ? 140 GLN A OE1 1 
ATOM   1162 N NE2 . GLN A 1 142 ? -10.017 -1.863  -19.574 1.00 34.90 ? 140 GLN A NE2 1 
ATOM   1163 N N   . ILE A 1 143 ? -5.163  -5.387  -17.200 1.00 25.57 ? 141 ILE A N   1 
ATOM   1164 C CA  . ILE A 1 143 ? -4.019  -6.241  -17.534 1.00 25.94 ? 141 ILE A CA  1 
ATOM   1165 C C   . ILE A 1 143 ? -4.004  -7.588  -16.761 1.00 25.71 ? 141 ILE A C   1 
ATOM   1166 O O   . ILE A 1 143 ? -3.463  -8.593  -17.241 1.00 26.53 ? 141 ILE A O   1 
ATOM   1167 C CB  . ILE A 1 143 ? -2.680  -5.416  -17.373 1.00 25.72 ? 141 ILE A CB  1 
ATOM   1168 C CG1 . ILE A 1 143 ? -1.525  -6.041  -18.162 1.00 27.47 ? 141 ILE A CG1 1 
ATOM   1169 C CG2 . ILE A 1 143 ? -2.334  -5.204  -15.880 1.00 25.60 ? 141 ILE A CG2 1 
ATOM   1170 C CD1 . ILE A 1 143 ? -1.609  -5.821  -19.667 1.00 30.11 ? 141 ILE A CD1 1 
ATOM   1171 N N   . GLY A 1 144 ? -4.603  -7.620  -15.573 1.00 25.27 ? 142 GLY A N   1 
ATOM   1172 C CA  . GLY A 1 144 ? -4.754  -8.883  -14.834 1.00 24.85 ? 142 GLY A CA  1 
ATOM   1173 C C   . GLY A 1 144 ? -3.495  -9.456  -14.184 1.00 24.33 ? 142 GLY A C   1 
ATOM   1174 O O   . GLY A 1 144 ? -3.477  -10.621 -13.761 1.00 25.57 ? 142 GLY A O   1 
ATOM   1175 N N   . THR A 1 145 ? -2.431  -8.664  -14.098 1.00 22.01 ? 143 THR A N   1 
ATOM   1176 C CA  . THR A 1 145 ? -1.208  -9.171  -13.484 1.00 21.32 ? 143 THR A CA  1 
ATOM   1177 C C   . THR A 1 145 ? -0.828  -8.423  -12.207 1.00 19.12 ? 143 THR A C   1 
ATOM   1178 O O   . THR A 1 145 ? 0.175   -8.734  -11.588 1.00 18.31 ? 143 THR A O   1 
ATOM   1179 C CB  . THR A 1 145 ? -0.024  -9.074  -14.443 1.00 21.27 ? 143 THR A CB  1 
ATOM   1180 O OG1 . THR A 1 145 ? 0.095   -7.720  -14.867 1.00 23.14 ? 143 THR A OG1 1 
ATOM   1181 C CG2 . THR A 1 145 ? -0.227  -9.981  -15.658 1.00 23.72 ? 143 THR A CG2 1 
ATOM   1182 N N   . VAL A 1 146 ? -1.614  -7.431  -11.833 1.00 17.77 ? 144 VAL A N   1 
ATOM   1183 C CA  . VAL A 1 146 ? -1.337  -6.711  -10.583 1.00 18.07 ? 144 VAL A CA  1 
ATOM   1184 C C   . VAL A 1 146 ? -1.525  -7.653  -9.378  1.00 18.59 ? 144 VAL A C   1 
ATOM   1185 O O   . VAL A 1 146 ? -2.469  -8.450  -9.339  1.00 18.55 ? 144 VAL A O   1 
ATOM   1186 C CB  . VAL A 1 146 ? -2.188  -5.448  -10.465 1.00 17.47 ? 144 VAL A CB  1 
ATOM   1187 C CG1 . VAL A 1 146 ? -1.932  -4.747  -9.117  1.00 17.33 ? 144 VAL A CG1 1 
ATOM   1188 C CG2 . VAL A 1 146 ? -1.869  -4.506  -11.632 1.00 17.56 ? 144 VAL A CG2 1 
ATOM   1189 N N   . ASN A 1 147 ? -0.603  -7.590  -8.425  1.00 18.97 ? 145 ASN A N   1 
ATOM   1190 C CA  . ASN A 1 147 ? -0.641  -8.497  -7.291  1.00 19.19 ? 145 ASN A CA  1 
ATOM   1191 C C   . ASN A 1 147 ? -1.915  -8.356  -6.470  1.00 19.39 ? 145 ASN A C   1 
ATOM   1192 O O   . ASN A 1 147 ? -2.248  -7.265  -5.979  1.00 16.83 ? 145 ASN A O   1 
ATOM   1193 C CB  . ASN A 1 147 ? 0.578   -8.306  -6.399  1.00 19.54 ? 145 ASN A CB  1 
ATOM   1194 C CG  . ASN A 1 147 ? 0.609   -9.305  -5.256  1.00 21.09 ? 145 ASN A CG  1 
ATOM   1195 O OD1 . ASN A 1 147 ? 0.229   -8.988  -4.136  1.00 24.15 ? 145 ASN A OD1 1 
ATOM   1196 N ND2 . ASN A 1 147 ? 1.031   -10.538 -5.551  1.00 23.21 ? 145 ASN A ND2 1 
ATOM   1197 N N   . ASP A 1 148 ? -2.648  -9.460  -6.346  1.00 19.98 ? 146 ASP A N   1 
ATOM   1198 C CA  . ASP A 1 148 ? -3.955  -9.387  -5.689  1.00 22.17 ? 146 ASP A CA  1 
ATOM   1199 C C   . ASP A 1 148 ? -3.872  -9.017  -4.207  1.00 21.62 ? 146 ASP A C   1 
ATOM   1200 O O   . ASP A 1 148 ? -4.741  -8.283  -3.709  1.00 21.77 ? 146 ASP A O   1 
ATOM   1201 C CB  . ASP A 1 148 ? -4.757  -10.691 -5.896  1.00 23.64 ? 146 ASP A CB  1 
ATOM   1202 C CG  . ASP A 1 148 ? -5.237  -10.869 -7.359  1.00 28.53 ? 146 ASP A CG  1 
ATOM   1203 O OD1 . ASP A 1 148 ? -5.708  -9.889  -7.993  1.00 33.87 ? 146 ASP A OD1 1 
ATOM   1204 O OD2 . ASP A 1 148 ? -5.165  -12.012 -7.883  1.00 36.64 ? 146 ASP A OD2 1 
ATOM   1205 N N   . ARG A 1 149 ? -2.850  -9.508  -3.507  1.00 21.58 ? 147 ARG A N   1 
ATOM   1206 C CA  . ARG A 1 149 ? -2.691  -9.199  -2.079  1.00 22.23 ? 147 ARG A CA  1 
ATOM   1207 C C   . ARG A 1 149 ? -2.409  -7.707  -1.880  1.00 20.85 ? 147 ARG A C   1 
ATOM   1208 O O   . ARG A 1 149 ? -2.959  -7.056  -0.985  1.00 19.47 ? 147 ARG A O   1 
ATOM   1209 C CB  . ARG A 1 149 ? -1.574  -10.049 -1.465  1.00 23.45 ? 147 ARG A CB  1 
ATOM   1210 C CG  . ARG A 1 149 ? -1.814  -11.565 -1.548  1.00 28.74 ? 147 ARG A CG  1 
ATOM   1211 C CD  . ARG A 1 149 ? -3.205  -11.990 -1.061  1.00 37.90 ? 147 ARG A CD  1 
ATOM   1212 N NE  . ARG A 1 149 ? -3.336  -13.451 -1.026  1.00 45.21 ? 147 ARG A NE  1 
ATOM   1213 C CZ  . ARG A 1 149 ? -4.333  -14.123 -0.437  1.00 48.55 ? 147 ARG A CZ  1 
ATOM   1214 N NH1 . ARG A 1 149 ? -5.323  -13.475 0.180   1.00 50.22 ? 147 ARG A NH1 1 
ATOM   1215 N NH2 . ARG A 1 149 ? -4.340  -15.456 -0.467  1.00 49.38 ? 147 ARG A NH2 1 
ATOM   1216 N N   . LEU A 1 150 ? -1.564  -7.162  -2.747  1.00 19.30 ? 148 LEU A N   1 
ATOM   1217 C CA  . LEU A 1 150 ? -1.290  -5.724  -2.716  1.00 18.90 ? 148 LEU A CA  1 
ATOM   1218 C C   . LEU A 1 150 ? -2.565  -4.896  -2.916  1.00 18.86 ? 148 LEU A C   1 
ATOM   1219 O O   . LEU A 1 150 ? -2.843  -3.969  -2.155  1.00 17.54 ? 148 LEU A O   1 
ATOM   1220 C CB  . LEU A 1 150 ? -0.272  -5.394  -3.793  1.00 18.58 ? 148 LEU A CB  1 
ATOM   1221 C CG  . LEU A 1 150 ? 0.318   -3.999  -3.760  1.00 20.12 ? 148 LEU A CG  1 
ATOM   1222 C CD1 . LEU A 1 150 ? 1.720   -4.125  -4.269  1.00 24.78 ? 148 LEU A CD1 1 
ATOM   1223 C CD2 . LEU A 1 150 ? -0.517  -3.028  -4.605  1.00 16.15 ? 148 LEU A CD2 1 
ATOM   1224 N N   . MET A 1 151 ? -3.345  -5.214  -3.950  1.00 20.04 ? 149 MET A N   1 
ATOM   1225 C CA  A MET A 1 151 ? -4.577  -4.465  -4.204  0.50 21.04 ? 149 MET A CA  1 
ATOM   1226 C CA  B MET A 1 151 ? -4.585  -4.478  -4.211  0.50 20.80 ? 149 MET A CA  1 
ATOM   1227 C C   . MET A 1 151 ? -5.515  -4.531  -3.001  1.00 21.78 ? 149 MET A C   1 
ATOM   1228 O O   . MET A 1 151 ? -6.115  -3.525  -2.624  1.00 22.25 ? 149 MET A O   1 
ATOM   1229 C CB  A MET A 1 151 ? -5.279  -4.974  -5.462  0.50 21.20 ? 149 MET A CB  1 
ATOM   1230 C CB  B MET A 1 151 ? -5.290  -5.046  -5.441  0.50 20.76 ? 149 MET A CB  1 
ATOM   1231 C CG  A MET A 1 151 ? -4.598  -4.513  -6.731  0.50 20.83 ? 149 MET A CG  1 
ATOM   1232 C CG  B MET A 1 151 ? -4.437  -4.957  -6.680  0.50 19.27 ? 149 MET A CG  1 
ATOM   1233 S SD  A MET A 1 151 ? -5.516  -4.967  -8.204  0.50 23.36 ? 149 MET A SD  1 
ATOM   1234 S SD  B MET A 1 151 ? -5.286  -5.561  -8.138  0.50 19.87 ? 149 MET A SD  1 
ATOM   1235 C CE  A MET A 1 151 ? -5.541  -6.744  -7.985  0.50 22.58 ? 149 MET A CE  1 
ATOM   1236 C CE  B MET A 1 151 ? -6.591  -4.341  -8.272  0.50 16.06 ? 149 MET A CE  1 
ATOM   1237 N N   . HIS A 1 152 ? -5.602  -5.708  -2.390  1.00 22.23 ? 150 HIS A N   1 
ATOM   1238 C CA  . HIS A 1 152 ? -6.435  -5.871  -1.203  1.00 24.36 ? 150 HIS A CA  1 
ATOM   1239 C C   . HIS A 1 152 ? -6.013  -4.923  -0.062  1.00 23.95 ? 150 HIS A C   1 
ATOM   1240 O O   . HIS A 1 152 ? -6.857  -4.293  0.584   1.00 23.88 ? 150 HIS A O   1 
ATOM   1241 C CB  . HIS A 1 152 ? -6.429  -7.308  -0.709  1.00 25.17 ? 150 HIS A CB  1 
ATOM   1242 C CG  . HIS A 1 152 ? -7.240  -7.492  0.533   1.00 29.07 ? 150 HIS A CG  1 
ATOM   1243 N ND1 . HIS A 1 152 ? -6.672  -7.770  1.756   1.00 32.26 ? 150 HIS A ND1 1 
ATOM   1244 C CD2 . HIS A 1 152 ? -8.570  -7.360  0.753   1.00 32.24 ? 150 HIS A CD2 1 
ATOM   1245 C CE1 . HIS A 1 152 ? -7.624  -7.836  2.673   1.00 33.24 ? 150 HIS A CE1 1 
ATOM   1246 N NE2 . HIS A 1 152 ? -8.783  -7.590  2.092   1.00 34.37 ? 150 HIS A NE2 1 
ATOM   1247 N N   . LYS A 1 153 ? -4.714  -4.814  0.166   1.00 23.21 ? 151 LYS A N   1 
ATOM   1248 C CA  . LYS A 1 153 ? -4.212  -3.969  1.252   1.00 23.59 ? 151 LYS A CA  1 
ATOM   1249 C C   . LYS A 1 153 ? -4.474  -2.494  0.992   1.00 24.11 ? 151 LYS A C   1 
ATOM   1250 O O   . LYS A 1 153 ? -4.576  -1.692  1.931   1.00 23.74 ? 151 LYS A O   1 
ATOM   1251 C CB  . LYS A 1 153 ? -2.731  -4.239  1.508   1.00 23.70 ? 151 LYS A CB  1 
ATOM   1252 C CG  . LYS A 1 153 ? -2.466  -5.651  1.985   1.00 25.23 ? 151 LYS A CG  1 
ATOM   1253 C CD  . LYS A 1 153 ? -0.975  -5.947  2.056   1.00 29.42 ? 151 LYS A CD  1 
ATOM   1254 C CE  . LYS A 1 153 ? -0.716  -7.429  2.352   1.00 30.34 ? 151 LYS A CE  1 
ATOM   1255 N NZ  . LYS A 1 153 ? -1.352  -7.899  3.611   1.00 31.14 ? 151 LYS A NZ  1 
ATOM   1256 N N   . LEU A 1 154 ? -4.587  -2.132  -0.281  1.00 23.99 ? 152 LEU A N   1 
ATOM   1257 C CA  . LEU A 1 154 ? -4.804  -0.734  -0.652  1.00 26.07 ? 152 LEU A CA  1 
ATOM   1258 C C   . LEU A 1 154 ? -6.252  -0.459  -1.042  1.00 28.24 ? 152 LEU A C   1 
ATOM   1259 O O   . LEU A 1 154 ? -6.536  0.565   -1.645  1.00 27.70 ? 152 LEU A O   1 
ATOM   1260 C CB  . LEU A 1 154 ? -3.848  -0.325  -1.784  1.00 25.08 ? 152 LEU A CB  1 
ATOM   1261 C CG  . LEU A 1 154 ? -2.361  -0.318  -1.400  1.00 24.12 ? 152 LEU A CG  1 
ATOM   1262 C CD1 . LEU A 1 154 ? -1.466  0.112   -2.568  1.00 23.78 ? 152 LEU A CD1 1 
ATOM   1263 C CD2 . LEU A 1 154 ? -2.120  0.596   -0.220  1.00 24.09 ? 152 LEU A CD2 1 
ATOM   1264 N N   . SER A 1 155 ? -7.158  -1.386  -0.705  1.00 30.34 ? 153 SER A N   1 
ATOM   1265 C CA  A SER A 1 155 ? -8.578  -1.207  -0.994  0.50 31.90 ? 153 SER A CA  1 
ATOM   1266 C CA  B SER A 1 155 ? -8.587  -1.217  -0.977  0.50 31.92 ? 153 SER A CA  1 
ATOM   1267 C C   . SER A 1 155 ? -9.141  -0.014  -0.232  1.00 33.12 ? 153 SER A C   1 
ATOM   1268 O O   . SER A 1 155 ? -8.893  0.154   0.966   1.00 33.17 ? 153 SER A O   1 
ATOM   1269 C CB  A SER A 1 155 ? -9.378  -2.469  -0.668  0.50 32.01 ? 153 SER A CB  1 
ATOM   1270 C CB  B SER A 1 155 ? -9.376  -2.465  -0.576  0.50 32.06 ? 153 SER A CB  1 
ATOM   1271 O OG  A SER A 1 155 ? -9.307  -3.404  -1.727  0.50 31.92 ? 153 SER A OG  1 
ATOM   1272 O OG  B SER A 1 155 ? -10.672 -2.109  -0.112  0.50 32.01 ? 153 SER A OG  1 
ATOM   1273 N N   . VAL A 1 156 ? -9.899  0.811   -0.949  1.00 35.18 ? 154 VAL A N   1 
ATOM   1274 C CA  . VAL A 1 156 ? -10.506 2.008   -0.370  1.00 37.38 ? 154 VAL A CA  1 
ATOM   1275 C C   . VAL A 1 156 ? -11.920 1.711   0.137   1.00 37.91 ? 154 VAL A C   1 
ATOM   1276 O O   . VAL A 1 156 ? -12.664 2.621   0.508   1.00 37.37 ? 154 VAL A O   1 
ATOM   1277 C CB  . VAL A 1 156 ? -10.480 3.193   -1.361  1.00 37.33 ? 154 VAL A CB  1 
ATOM   1278 C CG1 . VAL A 1 156 ? -9.189  3.977   -1.197  1.00 38.59 ? 154 VAL A CG1 1 
ATOM   1279 C CG2 . VAL A 1 156 ? -10.576 2.696   -2.777  1.00 38.28 ? 154 VAL A CG2 1 
ATOM   1280 N N   . GLU A 1 157 ? -12.257 0.418   0.155   1.00 39.06 ? 155 GLU A N   1 
ATOM   1281 C CA  . GLU A 1 157 ? -13.488 -0.089  0.752   1.00 39.82 ? 155 GLU A CA  1 
ATOM   1282 C C   . GLU A 1 157 ? -13.415 0.026   2.269   1.00 40.00 ? 155 GLU A C   1 
ATOM   1283 O O   . GLU A 1 157 ? -12.381 -0.284  2.870   1.00 40.72 ? 155 GLU A O   1 
ATOM   1284 C CB  . GLU A 1 157 ? -13.714 -1.564  0.379   1.00 40.40 ? 155 GLU A CB  1 
ATOM   1285 C CG  . GLU A 1 157 ? -13.962 -1.808  -1.112  1.00 42.66 ? 155 GLU A CG  1 
ATOM   1286 C CD  . GLU A 1 157 ? -14.122 -3.285  -1.468  1.00 46.34 ? 155 GLU A CD  1 
ATOM   1287 O OE1 . GLU A 1 157 ? -14.801 -4.025  -0.713  1.00 47.01 ? 155 GLU A OE1 1 
ATOM   1288 O OE2 . GLU A 1 157 ? -13.578 -3.703  -2.520  1.00 48.21 ? 155 GLU A OE2 1 
ATOM   1289 N N   . ALA A 1 158 ? -14.512 0.472   2.876   1.00 39.55 ? 156 ALA A N   1 
ATOM   1290 C CA  . ALA A 1 158 ? -14.651 0.457   4.323   1.00 39.08 ? 156 ALA A CA  1 
ATOM   1291 C C   . ALA A 1 158 ? -14.397 -0.964  4.796   1.00 38.63 ? 156 ALA A C   1 
ATOM   1292 O O   . ALA A 1 158 ? -14.879 -1.916  4.172   1.00 38.18 ? 156 ALA A O   1 
ATOM   1293 C CB  . ALA A 1 158 ? -16.042 0.910   4.740   1.00 39.40 ? 156 ALA A CB  1 
ATOM   1294 N N   . PRO A 1 159 ? -13.618 -1.110  5.888   1.00 37.95 ? 157 PRO A N   1 
ATOM   1295 C CA  . PRO A 1 159 ? -13.325 -2.401  6.492   1.00 37.45 ? 157 PRO A CA  1 
ATOM   1296 C C   . PRO A 1 159 ? -14.617 -3.093  6.932   1.00 36.73 ? 157 PRO A C   1 
ATOM   1297 O O   . PRO A 1 159 ? -15.575 -2.410  7.282   1.00 36.81 ? 157 PRO A O   1 
ATOM   1298 C CB  . PRO A 1 159 ? -12.494 -2.037  7.728   1.00 37.52 ? 157 PRO A CB  1 
ATOM   1299 C CG  . PRO A 1 159 ? -11.976 -0.665  7.475   1.00 38.18 ? 157 PRO A CG  1 
ATOM   1300 C CD  . PRO A 1 159 ? -13.018 0.007   6.643   1.00 38.26 ? 157 PRO A CD  1 
ATOM   1301 N N   . PRO A 1 160 ? -14.654 -4.435  6.893   1.00 35.84 ? 158 PRO A N   1 
ATOM   1302 C CA  . PRO A 1 160 ? -15.803 -5.182  7.399   1.00 35.15 ? 158 PRO A CA  1 
ATOM   1303 C C   . PRO A 1 160 ? -16.077 -4.831  8.862   1.00 34.31 ? 158 PRO A C   1 
ATOM   1304 O O   . PRO A 1 160 ? -15.132 -4.586  9.610   1.00 33.58 ? 158 PRO A O   1 
ATOM   1305 C CB  . PRO A 1 160 ? -15.337 -6.635  7.290   1.00 35.44 ? 158 PRO A CB  1 
ATOM   1306 C CG  . PRO A 1 160 ? -14.362 -6.623  6.169   1.00 35.83 ? 158 PRO A CG  1 
ATOM   1307 C CD  . PRO A 1 160 ? -13.624 -5.333  6.339   1.00 36.44 ? 158 PRO A CD  1 
ATOM   1308 N N   . LYS A 1 161 ? -17.352 -4.788  9.258   1.00 33.62 ? 159 LYS A N   1 
ATOM   1309 C CA  . LYS A 1 161 ? -17.727 -4.550  10.661  1.00 33.36 ? 159 LYS A CA  1 
ATOM   1310 C C   . LYS A 1 161 ? -16.970 -5.443  11.650  1.00 32.55 ? 159 LYS A C   1 
ATOM   1311 O O   . LYS A 1 161 ? -16.568 -4.986  12.726  1.00 31.98 ? 159 LYS A O   1 
ATOM   1312 C CB  . LYS A 1 161 ? -19.241 -4.709  10.866  1.00 33.61 ? 159 LYS A CB  1 
ATOM   1313 C CG  . LYS A 1 161 ? -20.061 -3.471  10.531  1.00 36.25 ? 159 LYS A CG  1 
ATOM   1314 C CD  . LYS A 1 161 ? -21.550 -3.807  10.455  1.00 38.84 ? 159 LYS A CD  1 
ATOM   1315 C CE  . LYS A 1 161 ? -22.371 -2.663  9.869   1.00 41.32 ? 159 LYS A CE  1 
ATOM   1316 N NZ  . LYS A 1 161 ? -22.881 -1.762  10.935  1.00 43.84 ? 159 LYS A NZ  1 
ATOM   1317 N N   . ILE A 1 162 ? -16.775 -6.711  11.285  1.00 31.89 ? 160 ILE A N   1 
ATOM   1318 C CA  . ILE A 1 162 ? -16.088 -7.679  12.150  1.00 31.51 ? 160 ILE A CA  1 
ATOM   1319 C C   . ILE A 1 162 ? -14.636 -7.298  12.401  1.00 30.66 ? 160 ILE A C   1 
ATOM   1320 O O   . ILE A 1 162 ? -14.098 -7.526  13.487  1.00 30.17 ? 160 ILE A O   1 
ATOM   1321 C CB  . ILE A 1 162 ? -16.192 -9.149  11.596  1.00 31.96 ? 160 ILE A CB  1 
ATOM   1322 C CG1 . ILE A 1 162 ? -15.751 -10.176 12.647  1.00 33.02 ? 160 ILE A CG1 1 
ATOM   1323 C CG2 . ILE A 1 162 ? -15.411 -9.333  10.291  1.00 32.81 ? 160 ILE A CG2 1 
ATOM   1324 C CD1 . ILE A 1 162 ? -16.686 -10.286 13.828  1.00 33.22 ? 160 ILE A CD1 1 
ATOM   1325 N N   . LEU A 1 163 ? -14.001 -6.723  11.386  1.00 29.98 ? 161 LEU A N   1 
ATOM   1326 C CA  . LEU A 1 163 ? -12.631 -6.277  11.542  1.00 29.18 ? 161 LEU A CA  1 
ATOM   1327 C C   . LEU A 1 163 ? -12.556 -5.091  12.500  1.00 28.93 ? 161 LEU A C   1 
ATOM   1328 O O   . LEU A 1 163 ? -11.662 -5.039  13.361  1.00 29.02 ? 161 LEU A O   1 
ATOM   1329 C CB  . LEU A 1 163 ? -12.000 -5.932  10.191  1.00 29.32 ? 161 LEU A CB  1 
ATOM   1330 C CG  . LEU A 1 163 ? -10.479 -5.743  10.211  1.00 29.19 ? 161 LEU A CG  1 
ATOM   1331 C CD1 . LEU A 1 163 ? -9.740  -6.868  10.943  1.00 29.54 ? 161 LEU A CD1 1 
ATOM   1332 C CD2 . LEU A 1 163 ? -9.972  -5.594  8.778   1.00 30.13 ? 161 LEU A CD2 1 
ATOM   1333 N N   . VAL A 1 164 ? -13.495 -4.154  12.342  1.00 28.22 ? 162 VAL A N   1 
ATOM   1334 C CA  . VAL A 1 164 ? -13.604 -2.986  13.227  1.00 27.32 ? 162 VAL A CA  1 
ATOM   1335 C C   . VAL A 1 164 ? -13.777 -3.482  14.658  1.00 27.58 ? 162 VAL A C   1 
ATOM   1336 O O   . VAL A 1 164 ? -13.048 -3.066  15.552  1.00 27.47 ? 162 VAL A O   1 
ATOM   1337 C CB  . VAL A 1 164 ? -14.786 -2.060  12.820  1.00 27.51 ? 162 VAL A CB  1 
ATOM   1338 C CG1 . VAL A 1 164 ? -15.082 -1.003  13.908  1.00 26.59 ? 162 VAL A CG1 1 
ATOM   1339 C CG2 . VAL A 1 164 ? -14.506 -1.388  11.474  1.00 27.57 ? 162 VAL A CG2 1 
ATOM   1340 N N   . GLU A 1 165 ? -14.721 -4.400  14.867  1.00 27.33 ? 163 GLU A N   1 
ATOM   1341 C CA  . GLU A 1 165 ? -14.941 -4.958  16.199  1.00 27.84 ? 163 GLU A CA  1 
ATOM   1342 C C   . GLU A 1 165 ? -13.677 -5.630  16.733  1.00 27.06 ? 163 GLU A C   1 
ATOM   1343 O O   . GLU A 1 165 ? -13.292 -5.382  17.864  1.00 26.66 ? 163 GLU A O   1 
ATOM   1344 C CB  . GLU A 1 165 ? -16.117 -5.950  16.210  1.00 28.76 ? 163 GLU A CB  1 
ATOM   1345 C CG  . GLU A 1 165 ? -17.479 -5.325  15.936  1.00 31.68 ? 163 GLU A CG  1 
ATOM   1346 C CD  . GLU A 1 165 ? -17.831 -4.229  16.931  1.00 36.27 ? 163 GLU A CD  1 
ATOM   1347 O OE1 . GLU A 1 165 ? -18.367 -3.194  16.492  1.00 39.91 ? 163 GLU A OE1 1 
ATOM   1348 O OE2 . GLU A 1 165 ? -17.554 -4.385  18.140  1.00 37.58 ? 163 GLU A OE2 1 
ATOM   1349 N N   . ARG A 1 166 ? -13.023 -6.459  15.918  1.00 26.74 ? 164 ARG A N   1 
ATOM   1350 C CA  . ARG A 1 166 ? -11.806 -7.151  16.375  1.00 27.11 ? 164 ARG A CA  1 
ATOM   1351 C C   . ARG A 1 166 ? -10.681 -6.214  16.803  1.00 26.39 ? 164 ARG A C   1 
ATOM   1352 O O   . ARG A 1 166 ? -10.015 -6.468  17.796  1.00 26.39 ? 164 ARG A O   1 
ATOM   1353 C CB  . ARG A 1 166 ? -11.316 -8.167  15.341  1.00 27.67 ? 164 ARG A CB  1 
ATOM   1354 C CG  . ARG A 1 166 ? -12.064 -9.468  15.463  1.00 30.43 ? 164 ARG A CG  1 
ATOM   1355 C CD  . ARG A 1 166 ? -11.938 -10.354 14.247  1.00 34.85 ? 164 ARG A CD  1 
ATOM   1356 N NE  . ARG A 1 166 ? -12.793 -11.531 14.421  1.00 38.85 ? 164 ARG A NE  1 
ATOM   1357 C CZ  . ARG A 1 166 ? -13.159 -12.374 13.455  1.00 41.16 ? 164 ARG A CZ  1 
ATOM   1358 N NH1 . ARG A 1 166 ? -12.763 -12.196 12.197  1.00 41.64 ? 164 ARG A NH1 1 
ATOM   1359 N NH2 . ARG A 1 166 ? -13.937 -13.406 13.754  1.00 42.78 ? 164 ARG A NH2 1 
ATOM   1360 N N   . TYR A 1 167 ? -10.484 -5.124  16.065  1.00 25.81 ? 165 TYR A N   1 
ATOM   1361 C CA  . TYR A 1 167 ? -9.505  -4.105  16.459  1.00 24.96 ? 165 TYR A CA  1 
ATOM   1362 C C   . TYR A 1 167 ? -9.837  -3.409  17.792  1.00 24.13 ? 165 TYR A C   1 
ATOM   1363 O O   . TYR A 1 167 ? -8.952  -3.161  18.615  1.00 21.96 ? 165 TYR A O   1 
ATOM   1364 C CB  . TYR A 1 167 ? -9.386  -3.057  15.368  1.00 25.50 ? 165 TYR A CB  1 
ATOM   1365 C CG  . TYR A 1 167 ? -8.260  -3.294  14.383  1.00 26.94 ? 165 TYR A CG  1 
ATOM   1366 C CD1 . TYR A 1 167 ? -7.115  -2.492  14.409  1.00 28.59 ? 165 TYR A CD1 1 
ATOM   1367 C CD2 . TYR A 1 167 ? -8.346  -4.299  13.410  1.00 29.17 ? 165 TYR A CD2 1 
ATOM   1368 C CE1 . TYR A 1 167 ? -6.073  -2.685  13.500  1.00 28.92 ? 165 TYR A CE1 1 
ATOM   1369 C CE2 . TYR A 1 167 ? -7.301  -4.499  12.491  1.00 30.23 ? 165 TYR A CE2 1 
ATOM   1370 C CZ  . TYR A 1 167 ? -6.180  -3.685  12.543  1.00 31.18 ? 165 TYR A CZ  1 
ATOM   1371 O OH  . TYR A 1 167 ? -5.152  -3.871  11.643  1.00 33.35 ? 165 TYR A OH  1 
ATOM   1372 N N   . LEU A 1 168 ? -11.106 -3.046  17.969  1.00 23.49 ? 166 LEU A N   1 
ATOM   1373 C CA  . LEU A 1 168 ? -11.525 -2.421  19.229  1.00 23.95 ? 166 LEU A CA  1 
ATOM   1374 C C   . LEU A 1 168 ? -11.392 -3.393  20.388  1.00 24.15 ? 166 LEU A C   1 
ATOM   1375 O O   . LEU A 1 168 ? -10.937 -3.002  21.462  1.00 24.10 ? 166 LEU A O   1 
ATOM   1376 C CB  . LEU A 1 168 ? -12.942 -1.853  19.144  1.00 23.63 ? 166 LEU A CB  1 
ATOM   1377 C CG  . LEU A 1 168 ? -13.138 -0.727  18.137  1.00 24.70 ? 166 LEU A CG  1 
ATOM   1378 C CD1 . LEU A 1 168 ? -14.606 -0.294  18.057  1.00 25.26 ? 166 LEU A CD1 1 
ATOM   1379 C CD2 . LEU A 1 168 ? -12.267 0.473   18.492  1.00 25.25 ? 166 LEU A CD2 1 
ATOM   1380 N N   . ILE A 1 169 ? -11.763 -4.652  20.161  1.00 24.29 ? 167 ILE A N   1 
ATOM   1381 C CA  . ILE A 1 169 ? -11.595 -5.692  21.183  1.00 25.61 ? 167 ILE A CA  1 
ATOM   1382 C C   . ILE A 1 169 ? -10.128 -5.770  21.657  1.00 25.74 ? 167 ILE A C   1 
ATOM   1383 O O   . ILE A 1 169 ? -9.863  -5.759  22.864  1.00 26.25 ? 167 ILE A O   1 
ATOM   1384 C CB  . ILE A 1 169 ? -12.130 -7.072  20.699  1.00 25.80 ? 167 ILE A CB  1 
ATOM   1385 C CG1 . ILE A 1 169 ? -13.653 -7.009  20.529  1.00 25.84 ? 167 ILE A CG1 1 
ATOM   1386 C CG2 . ILE A 1 169 ? -11.738 -8.200  21.656  1.00 25.87 ? 167 ILE A CG2 1 
ATOM   1387 C CD1 . ILE A 1 169 ? -14.223 -8.116  19.694  1.00 27.05 ? 167 ILE A CD1 1 
ATOM   1388 N N   . GLU A 1 170 ? -9.200  -5.818  20.700  1.00 26.44 ? 168 GLU A N   1 
ATOM   1389 C CA  A GLU A 1 170 ? -7.783  -5.948  21.027  0.50 26.47 ? 168 GLU A CA  1 
ATOM   1390 C CA  B GLU A 1 170 ? -7.755  -5.904  20.967  0.50 26.45 ? 168 GLU A CA  1 
ATOM   1391 C C   . GLU A 1 170 ? -7.233  -4.689  21.723  1.00 26.32 ? 168 GLU A C   1 
ATOM   1392 O O   . GLU A 1 170 ? -6.532  -4.808  22.731  1.00 26.18 ? 168 GLU A O   1 
ATOM   1393 C CB  A GLU A 1 170 ? -6.930  -6.345  19.804  0.50 26.96 ? 168 GLU A CB  1 
ATOM   1394 C CB  B GLU A 1 170 ? -6.981  -6.069  19.648  0.50 26.95 ? 168 GLU A CB  1 
ATOM   1395 C CG  A GLU A 1 170 ? -7.486  -7.425  18.820  0.50 28.37 ? 168 GLU A CG  1 
ATOM   1396 C CG  B GLU A 1 170 ? -5.469  -5.886  19.777  0.50 28.15 ? 168 GLU A CG  1 
ATOM   1397 C CD  A GLU A 1 170 ? -8.437  -8.475  19.412  0.50 29.61 ? 168 GLU A CD  1 
ATOM   1398 C CD  B GLU A 1 170 ? -4.751  -5.968  18.456  0.50 30.71 ? 168 GLU A CD  1 
ATOM   1399 O OE1 A GLU A 1 170 ? -8.220  -8.950  20.551  0.50 31.13 ? 168 GLU A OE1 1 
ATOM   1400 O OE1 B GLU A 1 170 ? -4.924  -6.977  17.747  0.50 32.83 ? 168 GLU A OE1 1 
ATOM   1401 O OE2 A GLU A 1 170 ? -9.414  -8.843  18.706  0.50 29.17 ? 168 GLU A OE2 1 
ATOM   1402 O OE2 B GLU A 1 170 ? -4.005  -5.020  18.122  0.50 33.14 ? 168 GLU A OE2 1 
ATOM   1403 N N   . ILE A 1 171 ? -7.565  -3.501  21.212  1.00 26.11 ? 169 ILE A N   1 
ATOM   1404 C CA  . ILE A 1 171 ? -7.141  -2.238  21.833  1.00 26.02 ? 169 ILE A CA  1 
ATOM   1405 C C   . ILE A 1 171 ? -7.693  -2.123  23.263  1.00 26.48 ? 169 ILE A C   1 
ATOM   1406 O O   . ILE A 1 171 ? -6.982  -1.703  24.179  1.00 26.48 ? 169 ILE A O   1 
ATOM   1407 C CB  . ILE A 1 171 ? -7.570  -0.992  20.975  1.00 25.48 ? 169 ILE A CB  1 
ATOM   1408 C CG1 . ILE A 1 171 ? -6.828  -0.971  19.626  1.00 25.58 ? 169 ILE A CG1 1 
ATOM   1409 C CG2 . ILE A 1 171 ? -7.314  0.326   21.720  1.00 24.59 ? 169 ILE A CG2 1 
ATOM   1410 C CD1 . ILE A 1 171 ? -7.341  0.092   18.652  1.00 23.84 ? 169 ILE A CD1 1 
ATOM   1411 N N   . ALA A 1 172 ? -8.951  -2.523  23.447  1.00 27.10 ? 170 ALA A N   1 
ATOM   1412 C CA  . ALA A 1 172 ? -9.598  -2.441  24.762  1.00 27.62 ? 170 ALA A CA  1 
ATOM   1413 C C   . ALA A 1 172 ? -8.909  -3.361  25.783  1.00 28.60 ? 170 ALA A C   1 
ATOM   1414 O O   . ALA A 1 172 ? -8.723  -2.964  26.944  1.00 28.74 ? 170 ALA A O   1 
ATOM   1415 C CB  . ALA A 1 172 ? -11.094 -2.760  24.655  1.00 27.14 ? 170 ALA A CB  1 
ATOM   1416 N N   . LYS A 1 173 ? -8.549  -4.569  25.338  1.00 29.15 ? 171 LYS A N   1 
ATOM   1417 C CA  . LYS A 1 173 ? -7.753  -5.513  26.132  1.00 30.35 ? 171 LYS A CA  1 
ATOM   1418 C C   . LYS A 1 173 ? -6.407  -4.913  26.528  1.00 30.59 ? 171 LYS A C   1 
ATOM   1419 O O   . LYS A 1 173 ? -6.049  -4.912  27.704  1.00 31.27 ? 171 LYS A O   1 
ATOM   1420 C CB  . LYS A 1 173 ? -7.507  -6.809  25.357  1.00 30.34 ? 171 LYS A CB  1 
ATOM   1421 C CG  . LYS A 1 173 ? -8.674  -7.769  25.307  1.00 31.84 ? 171 LYS A CG  1 
ATOM   1422 C CD  . LYS A 1 173 ? -8.410  -8.856  24.290  1.00 34.88 ? 171 LYS A CD  1 
ATOM   1423 C CE  . LYS A 1 173 ? -9.562  -9.831  24.189  1.00 35.85 ? 171 LYS A CE  1 
ATOM   1424 N NZ  . LYS A 1 173 ? -9.266  -10.859 23.169  1.00 35.03 ? 171 LYS A NZ  1 
ATOM   1425 N N   . ASN A 1 174 ? -5.679  -4.401  25.538  1.00 30.77 ? 172 ASN A N   1 
ATOM   1426 C CA  . ASN A 1 174 ? -4.329  -3.879  25.714  1.00 31.07 ? 172 ASN A CA  1 
ATOM   1427 C C   . ASN A 1 174 ? -4.214  -2.663  26.607  1.00 31.03 ? 172 ASN A C   1 
ATOM   1428 O O   . ASN A 1 174 ? -3.183  -2.448  27.260  1.00 31.42 ? 172 ASN A O   1 
ATOM   1429 C CB  . ASN A 1 174 ? -3.717  -3.598  24.347  1.00 31.38 ? 172 ASN A CB  1 
ATOM   1430 C CG  . ASN A 1 174 ? -3.223  -4.857  23.691  1.00 33.34 ? 172 ASN A CG  1 
ATOM   1431 O OD1 . ASN A 1 174 ? -2.935  -5.842  24.377  1.00 37.79 ? 172 ASN A OD1 1 
ATOM   1432 N ND2 . ASN A 1 174 ? -3.120  -4.849  22.370  1.00 34.62 ? 172 ASN A ND2 1 
ATOM   1433 N N   . TYR A 1 175 ? -5.281  -1.876  26.652  1.00 29.95 ? 173 TYR A N   1 
ATOM   1434 C CA  . TYR A 1 175 ? -5.318  -0.695  27.503  1.00 30.01 ? 173 TYR A CA  1 
ATOM   1435 C C   . TYR A 1 175 ? -6.199  -0.844  28.744  1.00 29.68 ? 173 TYR A C   1 
ATOM   1436 O O   . TYR A 1 175 ? -6.323  0.087   29.539  1.00 29.56 ? 173 TYR A O   1 
ATOM   1437 C CB  . TYR A 1 175 ? -5.746  0.502   26.673  1.00 29.37 ? 173 TYR A CB  1 
ATOM   1438 C CG  . TYR A 1 175 ? -4.656  0.992   25.748  1.00 31.07 ? 173 TYR A CG  1 
ATOM   1439 C CD1 . TYR A 1 175 ? -3.775  1.997   26.154  1.00 32.17 ? 173 TYR A CD1 1 
ATOM   1440 C CD2 . TYR A 1 175 ? -4.489  0.435   24.472  1.00 31.06 ? 173 TYR A CD2 1 
ATOM   1441 C CE1 . TYR A 1 175 ? -2.767  2.450   25.309  1.00 34.10 ? 173 TYR A CE1 1 
ATOM   1442 C CE2 . TYR A 1 175 ? -3.479  0.877   23.619  1.00 32.59 ? 173 TYR A CE2 1 
ATOM   1443 C CZ  . TYR A 1 175 ? -2.624  1.882   24.043  1.00 34.59 ? 173 TYR A CZ  1 
ATOM   1444 O OH  . TYR A 1 175 ? -1.635  2.324   23.198  1.00 33.18 ? 173 TYR A OH  1 
ATOM   1445 N N   . ASN A 1 176 ? -6.816  -2.014  28.898  1.00 30.17 ? 174 ASN A N   1 
ATOM   1446 C CA  . ASN A 1 176 ? -7.686  -2.292  30.052  1.00 30.60 ? 174 ASN A CA  1 
ATOM   1447 C C   . ASN A 1 176 ? -8.801  -1.259  30.194  1.00 29.42 ? 174 ASN A C   1 
ATOM   1448 O O   . ASN A 1 176 ? -9.007  -0.673  31.263  1.00 29.31 ? 174 ASN A O   1 
ATOM   1449 C CB  . ASN A 1 176 ? -6.868  -2.378  31.355  1.00 31.30 ? 174 ASN A CB  1 
ATOM   1450 C CG  . ASN A 1 176 ? -5.825  -3.479  31.318  1.00 34.70 ? 174 ASN A CG  1 
ATOM   1451 O OD1 . ASN A 1 176 ? -6.106  -4.610  30.915  1.00 38.59 ? 174 ASN A OD1 1 
ATOM   1452 N ND2 . ASN A 1 176 ? -4.600  -3.145  31.731  1.00 39.87 ? 174 ASN A ND2 1 
ATOM   1453 N N   . VAL A 1 177 ? -9.502  -1.025  29.093  1.00 28.56 ? 175 VAL A N   1 
ATOM   1454 C CA  . VAL A 1 177 ? -10.657 -0.134  29.072  1.00 27.73 ? 175 VAL A CA  1 
ATOM   1455 C C   . VAL A 1 177 ? -11.886 -0.970  28.680  1.00 28.44 ? 175 VAL A C   1 
ATOM   1456 O O   . VAL A 1 177 ? -11.744 -2.002  27.990  1.00 27.89 ? 175 VAL A O   1 
ATOM   1457 C CB  . VAL A 1 177 ? -10.450 1.079   28.118  1.00 27.64 ? 175 VAL A CB  1 
ATOM   1458 C CG1 . VAL A 1 177 ? -9.427  2.069   28.696  1.00 26.28 ? 175 VAL A CG1 1 
ATOM   1459 C CG2 . VAL A 1 177 ? -10.027 0.616   26.738  1.00 26.78 ? 175 VAL A CG2 1 
ATOM   1460 N N   . PRO A 1 178 ? -13.085 -0.572  29.151  1.00 28.71 ? 176 PRO A N   1 
ATOM   1461 C CA  . PRO A 1 178 ? -14.255 -1.386  28.825  1.00 29.30 ? 176 PRO A CA  1 
ATOM   1462 C C   . PRO A 1 178 ? -14.605 -1.288  27.344  1.00 29.81 ? 176 PRO A C   1 
ATOM   1463 O O   . PRO A 1 178 ? -14.420 -0.231  26.722  1.00 29.86 ? 176 PRO A O   1 
ATOM   1464 C CB  . PRO A 1 178 ? -15.385 -0.761  29.663  1.00 29.52 ? 176 PRO A CB  1 
ATOM   1465 C CG  . PRO A 1 178 ? -14.755 0.199   30.568  1.00 29.16 ? 176 PRO A CG  1 
ATOM   1466 C CD  . PRO A 1 178 ? -13.439 0.594   29.981  1.00 28.90 ? 176 PRO A CD  1 
ATOM   1467 N N   . TYR A 1 179 ? -15.068 -2.393  26.782  1.00 30.02 ? 177 TYR A N   1 
ATOM   1468 C CA  . TYR A 1 179 ? -15.668 -2.387  25.457  1.00 30.76 ? 177 TYR A CA  1 
ATOM   1469 C C   . TYR A 1 179 ? -16.482 -3.649  25.280  1.00 31.41 ? 177 TYR A C   1 
ATOM   1470 O O   . TYR A 1 179 ? -16.003 -4.750  25.555  1.00 31.34 ? 177 TYR A O   1 
ATOM   1471 C CB  . TYR A 1 179 ? -14.626 -2.271  24.323  1.00 30.27 ? 177 TYR A CB  1 
ATOM   1472 C CG  . TYR A 1 179 ? -15.295 -2.218  22.966  1.00 29.72 ? 177 TYR A CG  1 
ATOM   1473 C CD1 . TYR A 1 179 ? -16.065 -1.113  22.601  1.00 30.05 ? 177 TYR A CD1 1 
ATOM   1474 C CD2 . TYR A 1 179 ? -15.199 -3.282  22.069  1.00 29.33 ? 177 TYR A CD2 1 
ATOM   1475 C CE1 . TYR A 1 179 ? -16.718 -1.057  21.378  1.00 29.89 ? 177 TYR A CE1 1 
ATOM   1476 C CE2 . TYR A 1 179 ? -15.853 -3.241  20.835  1.00 29.69 ? 177 TYR A CE2 1 
ATOM   1477 C CZ  . TYR A 1 179 ? -16.607 -2.118  20.499  1.00 29.89 ? 177 TYR A CZ  1 
ATOM   1478 O OH  . TYR A 1 179 ? -17.248 -2.032  19.295  1.00 31.03 ? 177 TYR A OH  1 
ATOM   1479 N N   . GLU A 1 180 ? -17.708 -3.481  24.812  1.00 32.04 ? 178 GLU A N   1 
ATOM   1480 C CA  . GLU A 1 180 ? -18.537 -4.614  24.461  1.00 32.93 ? 178 GLU A CA  1 
ATOM   1481 C C   . GLU A 1 180 ? -18.842 -4.532  22.972  1.00 33.19 ? 178 GLU A C   1 
ATOM   1482 O O   . GLU A 1 180 ? -19.391 -3.529  22.503  1.00 32.80 ? 178 GLU A O   1 
ATOM   1483 C CB  . GLU A 1 180 ? -19.814 -4.638  25.296  1.00 33.48 ? 178 GLU A CB  1 
ATOM   1484 C CG  . GLU A 1 180 ? -19.646 -5.247  26.686  1.00 34.54 ? 178 GLU A CG  1 
ATOM   1485 C CD  . GLU A 1 180 ? -20.950 -5.218  27.475  1.00 35.70 ? 178 GLU A CD  1 
ATOM   1486 O OE1 . GLU A 1 180 ? -21.678 -6.240  27.473  1.00 35.98 ? 178 GLU A OE1 1 
ATOM   1487 O OE2 . GLU A 1 180 ? -21.248 -4.158  28.079  1.00 37.05 ? 178 GLU A OE2 1 
ATOM   1488 N N   . PRO A 1 181 ? -18.437 -5.569  22.223  1.00 33.47 ? 179 PRO A N   1 
ATOM   1489 C CA  . PRO A 1 181 ? -18.635 -5.585  20.780  1.00 34.28 ? 179 PRO A CA  1 
ATOM   1490 C C   . PRO A 1 181 ? -20.102 -5.683  20.378  1.00 35.13 ? 179 PRO A C   1 
ATOM   1491 O O   . PRO A 1 181 ? -20.925 -6.164  21.164  1.00 35.12 ? 179 PRO A O   1 
ATOM   1492 C CB  . PRO A 1 181 ? -17.857 -6.834  20.318  1.00 33.96 ? 179 PRO A CB  1 
ATOM   1493 C CG  . PRO A 1 181 ? -17.546 -7.613  21.525  1.00 33.96 ? 179 PRO A CG  1 
ATOM   1494 C CD  . PRO A 1 181 ? -17.566 -6.668  22.685  1.00 33.38 ? 179 PRO A CD  1 
ATOM   1495 N N   . ASP A 1 182 ? -20.416 -5.209  19.170  1.00 35.84 ? 180 ASP A N   1 
ATOM   1496 C CA  . ASP A 1 182 ? -21.717 -5.418  18.561  1.00 36.83 ? 180 ASP A CA  1 
ATOM   1497 C C   . ASP A 1 182 ? -21.916 -6.929  18.469  1.00 37.19 ? 180 ASP A C   1 
ATOM   1498 O O   . ASP A 1 182 ? -21.219 -7.616  17.714  1.00 36.71 ? 180 ASP A O   1 
ATOM   1499 C CB  . ASP A 1 182 ? -21.746 -4.758  17.170  1.00 37.51 ? 180 ASP A CB  1 
ATOM   1500 C CG  . ASP A 1 182 ? -23.119 -4.818  16.496  1.00 39.03 ? 180 ASP A CG  1 
ATOM   1501 O OD1 . ASP A 1 182 ? -23.945 -5.690  16.824  1.00 41.19 ? 180 ASP A OD1 1 
ATOM   1502 O OD2 . ASP A 1 182 ? -23.361 -3.992  15.590  1.00 42.12 ? 180 ASP A OD2 1 
ATOM   1503 N N   . SER A 1 183 ? -22.846 -7.445  19.277  1.00 37.79 ? 181 SER A N   1 
ATOM   1504 C CA  . SER A 1 183 ? -23.078 -8.887  19.373  1.00 38.52 ? 181 SER A CA  1 
ATOM   1505 C C   . SER A 1 183 ? -23.533 -9.499  18.050  1.00 38.56 ? 181 SER A C   1 
ATOM   1506 O O   . SER A 1 183 ? -23.096 -10.588 17.689  1.00 38.42 ? 181 SER A O   1 
ATOM   1507 C CB  . SER A 1 183 ? -24.091 -9.197  20.484  1.00 38.83 ? 181 SER A CB  1 
ATOM   1508 O OG  . SER A 1 183 ? -24.713 -10.449 20.262  1.00 40.17 ? 181 SER A OG  1 
ATOM   1509 N N   . VAL A 1 184 ? -24.405 -8.786  17.337  1.00 39.04 ? 182 VAL A N   1 
ATOM   1510 C CA  . VAL A 1 184 ? -24.899 -9.232  16.026  1.00 39.62 ? 182 VAL A CA  1 
ATOM   1511 C C   . VAL A 1 184 ? -23.745 -9.416  15.033  1.00 39.65 ? 182 VAL A C   1 
ATOM   1512 O O   . VAL A 1 184 ? -23.679 -10.429 14.327  1.00 39.57 ? 182 VAL A O   1 
ATOM   1513 C CB  . VAL A 1 184 ? -25.942 -8.240  15.452  1.00 39.94 ? 182 VAL A CB  1 
ATOM   1514 C CG1 . VAL A 1 184 ? -26.553 -8.771  14.147  1.00 40.46 ? 182 VAL A CG1 1 
ATOM   1515 C CG2 . VAL A 1 184 ? -27.019 -7.946  16.477  1.00 40.05 ? 182 VAL A CG2 1 
ATOM   1516 N N   . VAL A 1 185 ? -22.846 -8.429  14.993  1.00 39.87 ? 183 VAL A N   1 
ATOM   1517 C CA  . VAL A 1 185 ? -21.650 -8.460  14.148  1.00 39.74 ? 183 VAL A CA  1 
ATOM   1518 C C   . VAL A 1 185 ? -20.790 -9.669  14.486  1.00 40.13 ? 183 VAL A C   1 
ATOM   1519 O O   . VAL A 1 185 ? -20.309 -10.363 13.589  1.00 40.07 ? 183 VAL A O   1 
ATOM   1520 C CB  . VAL A 1 185 ? -20.798 -7.174  14.312  1.00 39.86 ? 183 VAL A CB  1 
ATOM   1521 C CG1 . VAL A 1 185 ? -19.431 -7.339  13.663  1.00 39.27 ? 183 VAL A CG1 1 
ATOM   1522 C CG2 . VAL A 1 185 ? -21.512 -5.979  13.724  1.00 39.89 ? 183 VAL A CG2 1 
ATOM   1523 N N   . MET A 1 186 ? -20.602 -9.911  15.779  1.00 40.65 ? 184 MET A N   1 
ATOM   1524 C CA  . MET A 1 186 ? -19.796 -11.030 16.246  1.00 41.57 ? 184 MET A CA  1 
ATOM   1525 C C   . MET A 1 186 ? -20.431 -12.375 15.879  1.00 42.04 ? 184 MET A C   1 
ATOM   1526 O O   . MET A 1 186 ? -19.740 -13.294 15.441  1.00 41.94 ? 184 MET A O   1 
ATOM   1527 C CB  . MET A 1 186 ? -19.575 -10.941 17.760  1.00 41.44 ? 184 MET A CB  1 
ATOM   1528 C CG  . MET A 1 186 ? -18.845 -9.689  18.231  1.00 41.93 ? 184 MET A CG  1 
ATOM   1529 S SD  . MET A 1 186 ? -17.285 -9.388  17.378  1.00 42.41 ? 184 MET A SD  1 
ATOM   1530 C CE  . MET A 1 186 ? -16.296 -10.758 17.974  1.00 40.87 ? 184 MET A CE  1 
ATOM   1531 N N   . ALA A 1 187 ? -21.747 -12.466 16.050  1.00 42.86 ? 185 ALA A N   1 
ATOM   1532 C CA  . ALA A 1 187 ? -22.500 -13.689 15.767  1.00 43.70 ? 185 ALA A CA  1 
ATOM   1533 C C   . ALA A 1 187 ? -22.470 -14.057 14.279  1.00 44.58 ? 185 ALA A C   1 
ATOM   1534 O O   . ALA A 1 187 ? -22.243 -15.215 13.915  1.00 44.99 ? 185 ALA A O   1 
ATOM   1535 C CB  . ALA A 1 187 ? -23.933 -13.535 16.253  1.00 43.68 ? 185 ALA A CB  1 
ATOM   1536 N N   . GLU A 1 188 ? -22.666 -13.057 13.422  1.00 45.15 ? 186 GLU A N   1 
ATOM   1537 C CA  . GLU A 1 188 ? -22.763 -13.273 11.980  1.00 45.75 ? 186 GLU A CA  1 
ATOM   1538 C C   . GLU A 1 188 ? -21.418 -13.455 11.277  1.00 46.32 ? 186 GLU A C   1 
ATOM   1539 O O   . GLU A 1 188 ? -21.378 -13.651 10.058  1.00 46.38 ? 186 GLU A O   1 
ATOM   1540 C CB  . GLU A 1 188 ? -23.542 -12.137 11.329  1.00 45.71 ? 186 GLU A CB  1 
ATOM   1541 C CG  . GLU A 1 188 ? -25.000 -12.102 11.718  1.00 46.05 ? 186 GLU A CG  1 
ATOM   1542 C CD  . GLU A 1 188 ? -25.719 -10.895 11.165  1.00 47.25 ? 186 GLU A CD  1 
ATOM   1543 O OE1 . GLU A 1 188 ? -25.059 -10.020 10.561  1.00 47.39 ? 186 GLU A OE1 1 
ATOM   1544 O OE2 . GLU A 1 188 ? -26.951 -10.820 11.345  1.00 48.34 ? 186 GLU A OE2 1 
ATOM   1545 N N   . ALA A 1 189 ? -20.327 -13.379 12.036  1.00 46.85 ? 187 ALA A N   1 
ATOM   1546 C CA  . ALA A 1 189 ? -18.990 -13.630 11.505  1.00 47.59 ? 187 ALA A CA  1 
ATOM   1547 C C   . ALA A 1 189 ? -18.828 -15.101 11.110  1.00 48.00 ? 187 ALA A C   1 
ATOM   1548 O O   . ALA A 1 189 ? -19.139 -16.008 11.897  1.00 48.72 ? 187 ALA A O   1 
ATOM   1549 C CB  . ALA A 1 189 ? -17.932 -13.231 12.522  1.00 47.42 ? 187 ALA A CB  1 
HETATM 1550 O O   . HOH B 2 .   ? -3.026  -5.752  8.996   1.00 53.46 ? 190 HOH A O   1 
HETATM 1551 O O   . HOH B 2 .   ? -3.964  -8.828  2.943   1.00 43.96 ? 191 HOH A O   1 
HETATM 1552 O O   . HOH B 2 .   ? 11.659  -1.318  6.470   1.00 43.92 ? 192 HOH A O   1 
HETATM 1553 O O   . HOH B 2 .   ? -1.703  -12.653 -12.298 1.00 53.88 ? 193 HOH A O   1 
HETATM 1554 O O   . HOH B 2 .   ? -14.202 -13.255 9.635   1.00 51.64 ? 194 HOH A O   1 
HETATM 1555 O O   . HOH B 2 .   ? 12.358  -0.465  -25.422 1.00 66.43 ? 195 HOH A O   1 
HETATM 1556 O O   . HOH B 2 .   ? -17.046 1.430   1.391   1.00 56.02 ? 196 HOH A O   1 
HETATM 1557 O O   . HOH B 2 .   ? 18.284  -1.584  0.266   1.00 50.95 ? 197 HOH A O   1 
HETATM 1558 O O   . HOH B 2 .   ? 21.226  -8.865  -10.026 1.00 32.68 ? 198 HOH A O   1 
HETATM 1559 O O   . HOH B 2 .   ? 8.453   -0.485  14.702  1.00 40.38 ? 199 HOH A O   1 
HETATM 1560 O O   . HOH B 2 .   ? 21.337  6.098   -12.064 0.50 23.21 ? 200 HOH A O   1 
HETATM 1561 O O   . HOH B 2 .   ? 21.153  4.622   -9.186  1.00 47.48 ? 201 HOH A O   1 
HETATM 1562 O O   . HOH B 2 .   ? 14.828  5.083   4.739   1.00 28.66 ? 202 HOH A O   1 
HETATM 1563 O O   . HOH B 2 .   ? 11.328  0.339   8.085   1.00 35.88 ? 203 HOH A O   1 
HETATM 1564 O O   . HOH B 2 .   ? 16.823  3.304   4.360   1.00 36.05 ? 204 HOH A O   1 
HETATM 1565 O O   . HOH B 2 .   ? 0.989   5.600   22.819  1.00 41.31 ? 205 HOH A O   1 
HETATM 1566 O O   . HOH B 2 .   ? -10.824 9.170   28.096  1.00 31.54 ? 206 HOH A O   1 
HETATM 1567 O O   . HOH B 2 .   ? -17.922 1.359   28.784  1.00 37.74 ? 207 HOH A O   1 
HETATM 1568 O O   . HOH B 2 .   ? -19.707 2.951   26.859  1.00 63.18 ? 208 HOH A O   1 
HETATM 1569 O O   . HOH B 2 .   ? -17.387 -1.086  8.582   1.00 40.83 ? 209 HOH A O   1 
HETATM 1570 O O   . HOH B 2 .   ? 13.063  -8.619  -21.085 1.00 42.02 ? 210 HOH A O   1 
HETATM 1571 O O   . HOH B 2 .   ? 1.299   -8.388  -19.214 1.00 44.69 ? 211 HOH A O   1 
HETATM 1572 O O   . HOH B 2 .   ? 5.903   -13.116 -11.173 1.00 39.85 ? 212 HOH A O   1 
HETATM 1573 O O   . HOH B 2 .   ? 3.791   12.933  2.979   1.00 56.20 ? 213 HOH A O   1 
HETATM 1574 O O   . HOH B 2 .   ? 1.912   -0.038  15.627  1.00 35.08 ? 214 HOH A O   1 
HETATM 1575 O O   . HOH B 2 .   ? 11.113  12.095  0.509   1.00 37.83 ? 215 HOH A O   1 
HETATM 1576 O O   . HOH B 2 .   ? 0.857   -12.898 -3.619  1.00 35.00 ? 216 HOH A O   1 
HETATM 1577 O O   . HOH B 2 .   ? 2.122   -9.993  -2.222  1.00 34.00 ? 217 HOH A O   1 
HETATM 1578 O O   . HOH B 2 .   ? -22.004 4.179   23.734  1.00 37.60 ? 218 HOH A O   1 
HETATM 1579 O O   . HOH B 2 .   ? -0.869  12.002  1.610   1.00 37.02 ? 219 HOH A O   1 
HETATM 1580 O O   . HOH B 2 .   ? -7.557  9.198   12.732  1.00 34.08 ? 220 HOH A O   1 
HETATM 1581 O O   . HOH B 2 .   ? 22.146  8.800   -12.405 1.00 38.24 ? 221 HOH A O   1 
HETATM 1582 O O   . HOH B 2 .   ? -19.273 7.780   20.589  1.00 23.91 ? 222 HOH A O   1 
HETATM 1583 O O   . HOH B 2 .   ? -20.739 10.282  20.703  1.00 32.08 ? 223 HOH A O   1 
HETATM 1584 O O   . HOH B 2 .   ? 2.409   7.828   -17.872 1.00 43.91 ? 224 HOH A O   1 
HETATM 1585 O O   . HOH B 2 .   ? 13.802  2.171   9.114   1.00 41.04 ? 225 HOH A O   1 
HETATM 1586 O O   . HOH B 2 .   ? -4.534  0.671   3.280   1.00 22.24 ? 226 HOH A O   1 
HETATM 1587 O O   . HOH B 2 .   ? 19.751  -1.375  -10.809 1.00 21.17 ? 227 HOH A O   1 
HETATM 1588 O O   . HOH B 2 .   ? 0.337   1.287   10.732  1.00 28.68 ? 228 HOH A O   1 
HETATM 1589 O O   . HOH B 2 .   ? 20.429  -6.694  -14.056 1.00 15.13 ? 229 HOH A O   1 
HETATM 1590 O O   . HOH B 2 .   ? 5.264   -11.636 -13.362 1.00 20.35 ? 230 HOH A O   1 
HETATM 1591 O O   . HOH B 2 .   ? 7.580   -9.650  -11.096 1.00 20.67 ? 231 HOH A O   1 
HETATM 1592 O O   . HOH B 2 .   ? 20.928  0.431   -8.703  1.00 44.45 ? 232 HOH A O   1 
HETATM 1593 O O   . HOH B 2 .   ? 20.698  -0.726  -5.552  1.00 41.56 ? 233 HOH A O   1 
HETATM 1594 O O   . HOH B 2 .   ? -7.227  5.235   28.385  1.00 40.46 ? 234 HOH A O   1 
HETATM 1595 O O   . HOH B 2 .   ? -7.467  6.610   14.332  1.00 32.44 ? 235 HOH A O   1 
HETATM 1596 O O   . HOH B 2 .   ? -7.216  7.207   16.853  1.00 26.03 ? 236 HOH A O   1 
HETATM 1597 O O   . HOH B 2 .   ? -4.869  7.945   5.249   1.00 43.18 ? 237 HOH A O   1 
HETATM 1598 O O   . HOH B 2 .   ? 9.668   -6.141  2.101   1.00 26.28 ? 238 HOH A O   1 
HETATM 1599 O O   . HOH B 2 .   ? 21.746  -2.297  -15.807 1.00 12.08 ? 239 HOH A O   1 
HETATM 1600 O O   . HOH B 2 .   ? -8.089  -1.419  -9.886  1.00 20.85 ? 240 HOH A O   1 
HETATM 1601 O O   . HOH B 2 .   ? 2.261   7.392   -12.230 1.00 38.92 ? 241 HOH A O   1 
HETATM 1602 O O   . HOH B 2 .   ? 0.658   4.797   -12.814 1.00 20.80 ? 242 HOH A O   1 
HETATM 1603 O O   . HOH B 2 .   ? 8.007   11.878  -14.313 1.00 43.23 ? 243 HOH A O   1 
HETATM 1604 O O   . HOH B 2 .   ? 10.255  11.200  -15.692 1.00 40.98 ? 244 HOH A O   1 
HETATM 1605 O O   . HOH B 2 .   ? 12.161  -5.017  -21.099 1.00 30.52 ? 245 HOH A O   1 
HETATM 1606 O O   . HOH B 2 .   ? -16.730 1.726   11.547  1.00 25.09 ? 246 HOH A O   1 
HETATM 1607 O O   . HOH B 2 .   ? 1.478   -3.211  9.372   1.00 24.72 ? 247 HOH A O   1 
HETATM 1608 O O   . HOH B 2 .   ? 12.373  -5.364  1.636   1.00 37.00 ? 248 HOH A O   1 
HETATM 1609 O O   . HOH B 2 .   ? 1.832   -13.670 -7.033  1.00 39.32 ? 249 HOH A O   1 
HETATM 1610 O O   . HOH B 2 .   ? 1.802   -7.120  -17.069 1.00 25.66 ? 250 HOH A O   1 
HETATM 1611 O O   . HOH B 2 .   ? 4.782   13.561  0.180   1.00 47.37 ? 251 HOH A O   1 
HETATM 1612 O O   . HOH B 2 .   ? -1.782  -9.702  -18.788 1.00 45.85 ? 252 HOH A O   1 
HETATM 1613 O O   . HOH B 2 .   ? -2.109  -11.804 -7.997  1.00 27.06 ? 253 HOH A O   1 
HETATM 1614 O O   . HOH B 2 .   ? -2.697  -11.181 -10.445 1.00 51.31 ? 254 HOH A O   1 
HETATM 1615 O O   . HOH B 2 .   ? -3.603  -5.917  15.603  1.00 59.30 ? 255 HOH A O   1 
HETATM 1616 O O   . HOH B 2 .   ? -5.489  -8.407  21.533  1.00 42.84 ? 256 HOH A O   1 
HETATM 1617 O O   . HOH B 2 .   ? -3.263  -1.867  21.081  1.00 24.37 ? 257 HOH A O   1 
HETATM 1618 O O   . HOH B 2 .   ? 13.354  12.158  -7.736  1.00 27.66 ? 258 HOH A O   1 
HETATM 1619 O O   . HOH B 2 .   ? 12.384  13.346  -5.789  1.00 42.63 ? 259 HOH A O   1 
HETATM 1620 O O   . HOH B 2 .   ? 13.677  8.598   -0.524  1.00 22.25 ? 260 HOH A O   1 
HETATM 1621 O O   . HOH B 2 .   ? 13.102  8.630   2.314   1.00 21.16 ? 261 HOH A O   1 
HETATM 1622 O O   . HOH B 2 .   ? 14.973  7.683   4.307   1.00 22.58 ? 262 HOH A O   1 
HETATM 1623 O O   . HOH B 2 .   ? 11.632  11.091  2.884   1.00 28.10 ? 263 HOH A O   1 
HETATM 1624 O O   . HOH B 2 .   ? 12.986  12.437  4.700   1.00 34.28 ? 264 HOH A O   1 
HETATM 1625 O O   . HOH B 2 .   ? 15.277  8.579   6.860   1.00 25.20 ? 265 HOH A O   1 
HETATM 1626 O O   . HOH B 2 .   ? 14.364  10.988  7.577   1.00 26.77 ? 266 HOH A O   1 
HETATM 1627 O O   . HOH B 2 .   ? -0.207  5.271   11.410  1.00 34.59 ? 267 HOH A O   1 
HETATM 1628 O O   . HOH B 2 .   ? -2.620  4.677   12.645  1.00 31.61 ? 268 HOH A O   1 
HETATM 1629 O O   . HOH B 2 .   ? -2.198  9.295   21.577  1.00 34.56 ? 269 HOH A O   1 
HETATM 1630 O O   . HOH B 2 .   ? -3.599  9.808   17.016  1.00 49.13 ? 270 HOH A O   1 
HETATM 1631 O O   . HOH B 2 .   ? -6.959  6.217   5.458   1.00 54.07 ? 271 HOH A O   1 
HETATM 1632 O O   . HOH B 2 .   ? 12.780  -8.393  -3.964  1.00 33.38 ? 272 HOH A O   1 
HETATM 1633 O O   . HOH B 2 .   ? 13.248  -6.288  -0.875  1.00 35.24 ? 273 HOH A O   1 
HETATM 1634 O O   . HOH B 2 .   ? 21.246  -1.762  -7.875  1.00 49.47 ? 274 HOH A O   1 
HETATM 1635 O O   . HOH B 2 .   ? 7.007   -15.783 -15.818 1.00 50.48 ? 275 HOH A O   1 
HETATM 1636 O O   . HOH B 2 .   ? 0.185   9.025   -11.642 1.00 40.79 ? 276 HOH A O   1 
HETATM 1637 O O   . HOH B 2 .   ? 4.580   7.636   -19.563 1.00 30.73 ? 277 HOH A O   1 
HETATM 1638 O O   . HOH B 2 .   ? -4.584  -9.577  -10.515 1.00 28.07 ? 278 HOH A O   1 
HETATM 1639 O O   . HOH B 2 .   ? 0.076   -11.065 -9.908  1.00 34.66 ? 279 HOH A O   1 
HETATM 1640 O O   . HOH B 2 .   ? -20.772 -8.310  25.662  1.00 39.66 ? 280 HOH A O   1 
HETATM 1641 O O   . HOH B 2 .   ? 8.836   11.079  -1.250  1.00 38.11 ? 281 HOH A O   1 
HETATM 1642 O O   . HOH B 2 .   ? 6.550   12.226  -1.599  1.00 51.10 ? 282 HOH A O   1 
HETATM 1643 O O   . HOH B 2 .   ? 14.136  4.655   7.370   1.00 36.73 ? 283 HOH A O   1 
HETATM 1644 O O   . HOH B 2 .   ? 8.236   -0.879  11.684  1.00 33.01 ? 284 HOH A O   1 
HETATM 1645 O O   . HOH B 2 .   ? 2.514   8.952   7.596   1.00 52.00 ? 285 HOH A O   1 
HETATM 1646 O O   . HOH B 2 .   ? -1.447  9.267   15.420  1.00 44.43 ? 286 HOH A O   1 
HETATM 1647 O O   . HOH B 2 .   ? -4.746  6.319   12.669  1.00 39.65 ? 287 HOH A O   1 
HETATM 1648 O O   . HOH B 2 .   ? -4.125  10.174  23.425  1.00 62.01 ? 288 HOH A O   1 
HETATM 1649 O O   . HOH B 2 .   ? -11.572 11.120  23.815  1.00 39.49 ? 289 HOH A O   1 
HETATM 1650 O O   . HOH B 2 .   ? -16.157 2.022   26.620  1.00 35.84 ? 290 HOH A O   1 
HETATM 1651 O O   . HOH B 2 .   ? -21.154 5.960   21.559  1.00 31.12 ? 291 HOH A O   1 
HETATM 1652 O O   . HOH B 2 .   ? -19.180 2.934   12.025  1.00 46.25 ? 292 HOH A O   1 
HETATM 1653 O O   . HOH B 2 .   ? -19.728 3.821   14.576  1.00 52.36 ? 293 HOH A O   1 
HETATM 1654 O O   . HOH B 2 .   ? -2.201  7.663   4.564   1.00 35.30 ? 294 HOH A O   1 
HETATM 1655 O O   . HOH B 2 .   ? -0.913  -0.415  14.516  1.00 38.14 ? 295 HOH A O   1 
HETATM 1656 O O   . HOH B 2 .   ? 15.054  -3.035  0.761   1.00 43.18 ? 296 HOH A O   1 
HETATM 1657 O O   . HOH B 2 .   ? 20.210  -4.854  -7.060  1.00 36.62 ? 297 HOH A O   1 
HETATM 1658 O O   . HOH B 2 .   ? 11.149  -6.670  -18.570 1.00 30.65 ? 298 HOH A O   1 
HETATM 1659 O O   . HOH B 2 .   ? 21.135  3.668   -18.942 1.00 39.71 ? 299 HOH A O   1 
HETATM 1660 O O   . HOH B 2 .   ? 9.350   -13.350 -21.057 1.00 42.02 ? 300 HOH A O   1 
HETATM 1661 O O   . HOH B 2 .   ? 6.897   -10.970 -8.701  1.00 36.73 ? 301 HOH A O   1 
HETATM 1662 O O   . HOH B 2 .   ? -6.927  2.499   -3.389  1.00 38.73 ? 302 HOH A O   1 
HETATM 1663 O O   . HOH B 2 .   ? 6.102   12.781  -8.544  1.00 29.13 ? 303 HOH A O   1 
HETATM 1664 O O   . HOH B 2 .   ? 8.113   14.486  -7.751  1.00 35.50 ? 304 HOH A O   1 
HETATM 1665 O O   . HOH B 2 .   ? 3.272   5.570   -24.762 1.00 38.95 ? 305 HOH A O   1 
HETATM 1666 O O   . HOH B 2 .   ? -1.786  -12.239 -4.370  1.00 32.10 ? 306 HOH A O   1 
HETATM 1667 O O   . HOH B 2 .   ? -18.161 -2.648  13.560  1.00 34.86 ? 307 HOH A O   1 
HETATM 1668 O O   . HOH B 2 .   ? -11.700 -6.298  24.953  1.00 33.27 ? 308 HOH A O   1 
HETATM 1669 O O   . HOH B 2 .   ? -20.242 -10.303 21.535  1.00 45.23 ? 309 HOH A O   1 
HETATM 1670 O O   . HOH B 2 .   ? -11.416 -10.825 19.031  1.00 38.16 ? 310 HOH A O   1 
HETATM 1671 O O   . HOH B 2 .   ? 19.721  10.611  -13.658 1.00 44.80 ? 311 HOH A O   1 
HETATM 1672 O O   . HOH B 2 .   ? 17.145  5.287   -21.418 1.00 28.14 ? 312 HOH A O   1 
HETATM 1673 O O   . HOH B 2 .   ? 13.106  -8.029  -25.945 1.00 47.65 ? 313 HOH A O   1 
HETATM 1674 O O   . HOH B 2 .   ? -4.765  -12.129 -11.588 1.00 40.52 ? 314 HOH A O   1 
HETATM 1675 O O   . HOH B 2 .   ? -10.941 -5.531  -1.962  1.00 54.61 ? 315 HOH A O   1 
HETATM 1676 O O   . HOH B 2 .   ? -14.121 -6.315  24.193  1.00 32.90 ? 316 HOH A O   1 
HETATM 1677 O O   . HOH B 2 .   ? -8.895  1.557   -19.794 1.00 45.77 ? 317 HOH A O   1 
HETATM 1678 O O   . HOH B 2 .   ? 19.616  3.006   -7.914  1.00 36.19 ? 318 HOH A O   1 
HETATM 1679 O O   . HOH B 2 .   ? -6.275  -6.699  15.426  1.00 54.22 ? 319 HOH A O   1 
HETATM 1680 O O   . HOH B 2 .   ? -5.324  6.103   -16.477 1.00 40.21 ? 320 HOH A O   1 
HETATM 1681 O O   . HOH B 2 .   ? -16.604 -6.685  27.083  1.00 34.39 ? 321 HOH A O   1 
HETATM 1682 O O   . HOH B 2 .   ? -19.285 -1.210  24.750  1.00 40.30 ? 322 HOH A O   1 
HETATM 1683 O O   . HOH B 2 .   ? 19.217  7.434   -18.755 1.00 37.95 ? 323 HOH A O   1 
HETATM 1684 O O   . HOH B 2 .   ? -4.268  10.214  27.490  1.00 62.36 ? 324 HOH A O   1 
HETATM 1685 O O   . HOH B 2 .   ? 14.548  10.367  -23.137 1.00 50.54 ? 325 HOH A O   1 
HETATM 1686 O O   . HOH B 2 .   ? 23.491  0.836   -17.821 1.00 47.04 ? 326 HOH A O   1 
HETATM 1687 O O   . HOH B 2 .   ? -1.811  -4.954  13.599  1.00 40.17 ? 327 HOH A O   1 
HETATM 1688 O O   . HOH B 2 .   ? -13.368 -4.335  2.801   1.00 47.51 ? 328 HOH A O   1 
HETATM 1689 O O   . HOH B 2 .   ? -8.440  7.989   29.209  1.00 39.99 ? 329 HOH A O   1 
HETATM 1690 O O   . HOH B 2 .   ? -8.814  -5.801  -4.533  1.00 39.42 ? 330 HOH A O   1 
HETATM 1691 O O   . HOH B 2 .   ? -12.716 -12.388 17.030  1.00 70.02 ? 331 HOH A O   1 
HETATM 1692 O O   . HOH B 2 .   ? 16.049  12.727  -8.227  1.00 44.69 ? 332 HOH A O   1 
HETATM 1693 O O   . HOH B 2 .   ? 15.746  0.487   -22.552 1.00 36.34 ? 333 HOH A O   1 
HETATM 1694 O O   . HOH B 2 .   ? 6.532   12.072  5.656   1.00 42.65 ? 334 HOH A O   1 
HETATM 1695 O O   . HOH B 2 .   ? -20.985 -8.331  22.829  1.00 36.82 ? 335 HOH A O   1 
HETATM 1696 O O   . HOH B 2 .   ? 12.489  -12.167 -21.224 1.00 53.32 ? 336 HOH A O   1 
HETATM 1697 O O   . HOH B 2 .   ? 8.761   6.911   -24.660 1.00 39.69 ? 337 HOH A O   1 
HETATM 1698 O O   . HOH B 2 .   ? 18.095  -4.570  -5.698  1.00 41.63 ? 338 HOH A O   1 
HETATM 1699 O O   . HOH B 2 .   ? 11.516  0.751   14.943  1.00 53.13 ? 339 HOH A O   1 
HETATM 1700 O O   . HOH B 2 .   ? 5.004   -10.213 -21.170 1.00 63.74 ? 340 HOH A O   1 
HETATM 1701 O O   . HOH B 2 .   ? -15.547 3.984   5.650   1.00 49.70 ? 341 HOH A O   1 
HETATM 1702 O O   . HOH B 2 .   ? 10.926  3.165   -25.037 1.00 54.21 ? 342 HOH A O   1 
HETATM 1703 O O   . HOH B 2 .   ? 15.695  5.312   -24.241 1.00 50.61 ? 343 HOH A O   1 
HETATM 1704 O O   . HOH B 2 .   ? -7.290  -8.162  -4.680  1.00 31.62 ? 344 HOH A O   1 
HETATM 1705 O O   . HOH B 2 .   ? 7.222   -10.949 -24.484 1.00 59.34 ? 345 HOH A O   1 
HETATM 1706 O O   . HOH B 2 .   ? -3.021  -7.141  21.302  1.00 51.39 ? 346 HOH A O   1 
HETATM 1707 O O   . HOH B 2 .   ? -8.225  -10.329 -3.485  1.00 48.44 ? 347 HOH A O   1 
HETATM 1708 O O   . HOH B 2 .   ? 0.475   8.347   23.021  1.00 39.68 ? 348 HOH A O   1 
HETATM 1709 O O   . HOH B 2 .   ? -6.336  3.475   -16.716 1.00 39.91 ? 349 HOH A O   1 
HETATM 1710 O O   . HOH B 2 .   ? -13.489 -11.940 20.948  1.00 41.41 ? 350 HOH A O   1 
HETATM 1711 O O   . HOH B 2 .   ? -11.698 -2.446  -3.911  1.00 44.16 ? 351 HOH A O   1 
HETATM 1712 O O   . HOH B 2 .   ? 9.658   13.917  -3.566  1.00 48.43 ? 352 HOH A O   1 
# 
loop_
_pdbx_poly_seq_scheme.asym_id 
_pdbx_poly_seq_scheme.entity_id 
_pdbx_poly_seq_scheme.seq_id 
_pdbx_poly_seq_scheme.mon_id 
_pdbx_poly_seq_scheme.ndb_seq_num 
_pdbx_poly_seq_scheme.pdb_seq_num 
_pdbx_poly_seq_scheme.auth_seq_num 
_pdbx_poly_seq_scheme.pdb_mon_id 
_pdbx_poly_seq_scheme.auth_mon_id 
_pdbx_poly_seq_scheme.pdb_strand_id 
_pdbx_poly_seq_scheme.pdb_ins_code 
_pdbx_poly_seq_scheme.hetero 
A 1 1   GLY 1   -1  ?   ?   ?   A . n 
A 1 2   HIS 2   0   ?   ?   ?   A . n 
A 1 3   MET 3   1   ?   ?   ?   A . n 
A 1 4   LEU 4   2   2   LEU LEU A . n 
A 1 5   GLY 5   3   3   GLY GLY A . n 
A 1 6   SER 6   4   4   SER SER A . n 
A 1 7   GLY 7   5   5   GLY GLY A . n 
A 1 8   PHE 8   6   6   PHE PHE A . n 
A 1 9   LYS 9   7   7   LYS LYS A . n 
A 1 10  ALA 10  8   8   ALA ALA A . n 
A 1 11  GLU 11  9   9   GLU GLU A . n 
A 1 12  ARG 12  10  10  ARG ARG A . n 
A 1 13  LEU 13  11  11  LEU LEU A . n 
A 1 14  ARG 14  12  12  ARG ARG A . n 
A 1 15  VAL 15  13  13  VAL VAL A . n 
A 1 16  ASN 16  14  14  ASN ASN A . n 
A 1 17  LEU 17  15  15  LEU LEU A . n 
A 1 18  ARG 18  16  16  ARG ARG A . n 
A 1 19  LEU 19  17  17  LEU LEU A . n 
A 1 20  VAL 20  18  18  VAL VAL A . n 
A 1 21  ILE 21  19  19  ILE ILE A . n 
A 1 22  ASN 22  20  20  ASN ASN A . n 
A 1 23  ARG 23  21  21  ARG ARG A . n 
A 1 24  LEU 24  22  22  LEU LEU A . n 
A 1 25  LYS 25  23  23  LYS LYS A . n 
A 1 26  LEU 26  24  24  LEU LEU A . n 
A 1 27  LEU 27  25  25  LEU LEU A . n 
A 1 28  GLU 28  26  26  GLU GLU A . n 
A 1 29  LYS 29  27  27  LYS LYS A . n 
A 1 30  LYS 30  28  28  LYS LYS A . n 
A 1 31  LYS 31  29  29  LYS LYS A . n 
A 1 32  THR 32  30  30  THR THR A . n 
A 1 33  GLU 33  31  31  GLU GLU A . n 
A 1 34  LEU 34  32  32  LEU LEU A . n 
A 1 35  ALA 35  33  33  ALA ALA A . n 
A 1 36  GLN 36  34  34  GLN GLN A . n 
A 1 37  LYS 37  35  35  LYS LYS A . n 
A 1 38  ALA 38  36  36  ALA ALA A . n 
A 1 39  ARG 39  37  37  ARG ARG A . n 
A 1 40  LYS 40  38  38  LYS LYS A . n 
A 1 41  GLU 41  39  39  GLU GLU A . n 
A 1 42  ILE 42  40  40  ILE ILE A . n 
A 1 43  ALA 43  41  41  ALA ALA A . n 
A 1 44  ASP 44  42  42  ASP ASP A . n 
A 1 45  TYR 45  43  43  TYR TYR A . n 
A 1 46  LEU 46  44  44  LEU LEU A . n 
A 1 47  ALA 47  45  45  ALA ALA A . n 
A 1 48  ALA 48  46  46  ALA ALA A . n 
A 1 49  GLY 49  47  47  GLY GLY A . n 
A 1 50  LYS 50  48  48  LYS LYS A . n 
A 1 51  ASP 51  49  49  ASP ASP A . n 
A 1 52  GLU 52  50  50  GLU GLU A . n 
A 1 53  ARG 53  51  51  ARG ARG A . n 
A 1 54  ALA 54  52  52  ALA ALA A . n 
A 1 55  ARG 55  53  53  ARG ARG A . n 
A 1 56  ILE 56  54  54  ILE ILE A . n 
A 1 57  ARG 57  55  55  ARG ARG A . n 
A 1 58  VAL 58  56  56  VAL VAL A . n 
A 1 59  GLU 59  57  57  GLU GLU A . n 
A 1 60  HIS 60  58  58  HIS HIS A . n 
A 1 61  ILE 61  59  59  ILE ILE A . n 
A 1 62  ILE 62  60  60  ILE ILE A . n 
A 1 63  ARG 63  61  61  ARG ARG A . n 
A 1 64  GLU 64  62  62  GLU GLU A . n 
A 1 65  ASP 65  63  63  ASP ASP A . n 
A 1 66  TYR 66  64  64  TYR TYR A . n 
A 1 67  LEU 67  65  65  LEU LEU A . n 
A 1 68  VAL 68  66  66  VAL VAL A . n 
A 1 69  GLU 69  67  67  GLU GLU A . n 
A 1 70  ALA 70  68  68  ALA ALA A . n 
A 1 71  MET 71  69  69  MET MET A . n 
A 1 72  GLU 72  70  70  GLU GLU A . n 
A 1 73  ILE 73  71  71  ILE ILE A . n 
A 1 74  LEU 74  72  72  LEU LEU A . n 
A 1 75  GLU 75  73  73  GLU GLU A . n 
A 1 76  LEU 76  74  74  LEU LEU A . n 
A 1 77  TYR 77  75  75  TYR TYR A . n 
A 1 78  CYS 78  76  76  CYS CYS A . n 
A 1 79  ASP 79  77  77  ASP ASP A . n 
A 1 80  LEU 80  78  78  LEU LEU A . n 
A 1 81  LEU 81  79  79  LEU LEU A . n 
A 1 82  LEU 82  80  80  LEU LEU A . n 
A 1 83  ALA 83  81  81  ALA ALA A . n 
A 1 84  ARG 84  82  82  ARG ARG A . n 
A 1 85  PHE 85  83  83  PHE PHE A . n 
A 1 86  GLY 86  84  84  GLY GLY A . n 
A 1 87  LEU 87  85  85  LEU LEU A . n 
A 1 88  ILE 88  86  86  ILE ILE A . n 
A 1 89  GLN 89  87  87  GLN GLN A . n 
A 1 90  SER 90  88  88  SER SER A . n 
A 1 91  MET 91  89  89  MET MET A . n 
A 1 92  LYS 92  90  90  LYS LYS A . n 
A 1 93  GLU 93  91  91  GLU GLU A . n 
A 1 94  LEU 94  92  92  LEU LEU A . n 
A 1 95  ASP 95  93  93  ASP ASP A . n 
A 1 96  SER 96  94  94  SER SER A . n 
A 1 97  GLY 97  95  95  GLY GLY A . n 
A 1 98  LEU 98  96  96  LEU LEU A . n 
A 1 99  ALA 99  97  97  ALA ALA A . n 
A 1 100 GLU 100 98  98  GLU GLU A . n 
A 1 101 SER 101 99  99  SER SER A . n 
A 1 102 VAL 102 100 100 VAL VAL A . n 
A 1 103 SER 103 101 101 SER SER A . n 
A 1 104 THR 104 102 102 THR THR A . n 
A 1 105 LEU 105 103 103 LEU LEU A . n 
A 1 106 ILE 106 104 104 ILE ILE A . n 
A 1 107 TRP 107 105 105 TRP TRP A . n 
A 1 108 ALA 108 106 106 ALA ALA A . n 
A 1 109 ALA 109 107 107 ALA ALA A . n 
A 1 110 PRO 110 108 108 PRO PRO A . n 
A 1 111 ARG 111 109 109 ARG ARG A . n 
A 1 112 LEU 112 110 110 LEU LEU A . n 
A 1 113 GLN 113 111 111 GLN GLN A . n 
A 1 114 SER 114 112 112 SER SER A . n 
A 1 115 GLU 115 113 113 GLU GLU A . n 
A 1 116 VAL 116 114 114 VAL VAL A . n 
A 1 117 ALA 117 115 115 ALA ALA A . n 
A 1 118 GLU 118 116 116 GLU GLU A . n 
A 1 119 LEU 119 117 117 LEU LEU A . n 
A 1 120 LYS 120 118 118 LYS LYS A . n 
A 1 121 ILE 121 119 119 ILE ILE A . n 
A 1 122 VAL 122 120 120 VAL VAL A . n 
A 1 123 ALA 123 121 121 ALA ALA A . n 
A 1 124 ASP 124 122 122 ASP ASP A . n 
A 1 125 GLN 125 123 123 GLN GLN A . n 
A 1 126 LEU 126 124 124 LEU LEU A . n 
A 1 127 CYS 127 125 125 CYS CYS A . n 
A 1 128 ALA 128 126 126 ALA ALA A . n 
A 1 129 LYS 129 127 127 LYS LYS A . n 
A 1 130 TYR 130 128 128 TYR TYR A . n 
A 1 131 SER 131 129 129 SER SER A . n 
A 1 132 LYS 132 130 130 LYS LYS A . n 
A 1 133 GLU 133 131 131 GLU GLU A . n 
A 1 134 TYR 134 132 132 TYR TYR A . n 
A 1 135 GLY 135 133 133 GLY GLY A . n 
A 1 136 LYS 136 134 134 LYS LYS A . n 
A 1 137 LEU 137 135 135 LEU LEU A . n 
A 1 138 CYS 138 136 136 CYS CYS A . n 
A 1 139 ARG 139 137 137 ARG ARG A . n 
A 1 140 THR 140 138 138 THR THR A . n 
A 1 141 ASN 141 139 139 ASN ASN A . n 
A 1 142 GLN 142 140 140 GLN GLN A . n 
A 1 143 ILE 143 141 141 ILE ILE A . n 
A 1 144 GLY 144 142 142 GLY GLY A . n 
A 1 145 THR 145 143 143 THR THR A . n 
A 1 146 VAL 146 144 144 VAL VAL A . n 
A 1 147 ASN 147 145 145 ASN ASN A . n 
A 1 148 ASP 148 146 146 ASP ASP A . n 
A 1 149 ARG 149 147 147 ARG ARG A . n 
A 1 150 LEU 150 148 148 LEU LEU A . n 
A 1 151 MET 151 149 149 MET MET A . n 
A 1 152 HIS 152 150 150 HIS HIS A . n 
A 1 153 LYS 153 151 151 LYS LYS A . n 
A 1 154 LEU 154 152 152 LEU LEU A . n 
A 1 155 SER 155 153 153 SER SER A . n 
A 1 156 VAL 156 154 154 VAL VAL A . n 
A 1 157 GLU 157 155 155 GLU GLU A . n 
A 1 158 ALA 158 156 156 ALA ALA A . n 
A 1 159 PRO 159 157 157 PRO PRO A . n 
A 1 160 PRO 160 158 158 PRO PRO A . n 
A 1 161 LYS 161 159 159 LYS LYS A . n 
A 1 162 ILE 162 160 160 ILE ILE A . n 
A 1 163 LEU 163 161 161 LEU LEU A . n 
A 1 164 VAL 164 162 162 VAL VAL A . n 
A 1 165 GLU 165 163 163 GLU GLU A . n 
A 1 166 ARG 166 164 164 ARG ARG A . n 
A 1 167 TYR 167 165 165 TYR TYR A . n 
A 1 168 LEU 168 166 166 LEU LEU A . n 
A 1 169 ILE 169 167 167 ILE ILE A . n 
A 1 170 GLU 170 168 168 GLU GLU A . n 
A 1 171 ILE 171 169 169 ILE ILE A . n 
A 1 172 ALA 172 170 170 ALA ALA A . n 
A 1 173 LYS 173 171 171 LYS LYS A . n 
A 1 174 ASN 174 172 172 ASN ASN A . n 
A 1 175 TYR 175 173 173 TYR TYR A . n 
A 1 176 ASN 176 174 174 ASN ASN A . n 
A 1 177 VAL 177 175 175 VAL VAL A . n 
A 1 178 PRO 178 176 176 PRO PRO A . n 
A 1 179 TYR 179 177 177 TYR TYR A . n 
A 1 180 GLU 180 178 178 GLU GLU A . n 
A 1 181 PRO 181 179 179 PRO PRO A . n 
A 1 182 ASP 182 180 180 ASP ASP A . n 
A 1 183 SER 183 181 181 SER SER A . n 
A 1 184 VAL 184 182 182 VAL VAL A . n 
A 1 185 VAL 185 183 183 VAL VAL A . n 
A 1 186 MET 186 184 184 MET MET A . n 
A 1 187 ALA 187 185 185 ALA ALA A . n 
A 1 188 GLU 188 186 186 GLU GLU A . n 
A 1 189 ALA 189 187 187 ALA ALA A . n 
A 1 190 PRO 190 188 ?   ?   ?   A . n 
A 1 191 PRO 191 189 ?   ?   ?   A . n 
# 
loop_
_pdbx_nonpoly_scheme.asym_id 
_pdbx_nonpoly_scheme.entity_id 
_pdbx_nonpoly_scheme.mon_id 
_pdbx_nonpoly_scheme.ndb_seq_num 
_pdbx_nonpoly_scheme.pdb_seq_num 
_pdbx_nonpoly_scheme.auth_seq_num 
_pdbx_nonpoly_scheme.pdb_mon_id 
_pdbx_nonpoly_scheme.auth_mon_id 
_pdbx_nonpoly_scheme.pdb_strand_id 
_pdbx_nonpoly_scheme.pdb_ins_code 
B 2 HOH 1   190 190 HOH HOH A . 
B 2 HOH 2   191 9   HOH HOH A . 
B 2 HOH 3   192 192 HOH HOH A . 
B 2 HOH 4   193 193 HOH HOH A . 
B 2 HOH 5   194 194 HOH HOH A . 
B 2 HOH 6   195 195 HOH HOH A . 
B 2 HOH 7   196 196 HOH HOH A . 
B 2 HOH 8   197 197 HOH HOH A . 
B 2 HOH 9   198 19  HOH HOH A . 
B 2 HOH 10  199 199 HOH HOH A . 
B 2 HOH 11  200 200 HOH HOH A . 
B 2 HOH 12  201 201 HOH HOH A . 
B 2 HOH 13  202 21  HOH HOH A . 
B 2 HOH 14  203 203 HOH HOH A . 
B 2 HOH 15  204 204 HOH HOH A . 
B 2 HOH 16  205 205 HOH HOH A . 
B 2 HOH 17  206 206 HOH HOH A . 
B 2 HOH 18  207 207 HOH HOH A . 
B 2 HOH 19  208 208 HOH HOH A . 
B 2 HOH 20  209 209 HOH HOH A . 
B 2 HOH 21  210 210 HOH HOH A . 
B 2 HOH 22  211 211 HOH HOH A . 
B 2 HOH 23  212 212 HOH HOH A . 
B 2 HOH 24  213 213 HOH HOH A . 
B 2 HOH 25  214 23  HOH HOH A . 
B 2 HOH 26  215 215 HOH HOH A . 
B 2 HOH 27  216 216 HOH HOH A . 
B 2 HOH 28  217 217 HOH HOH A . 
B 2 HOH 29  218 218 HOH HOH A . 
B 2 HOH 30  219 219 HOH HOH A . 
B 2 HOH 31  220 220 HOH HOH A . 
B 2 HOH 32  221 221 HOH HOH A . 
B 2 HOH 33  222 222 HOH HOH A . 
B 2 HOH 34  223 223 HOH HOH A . 
B 2 HOH 35  224 224 HOH HOH A . 
B 2 HOH 36  225 24  HOH HOH A . 
B 2 HOH 37  226 28  HOH HOH A . 
B 2 HOH 38  227 33  HOH HOH A . 
B 2 HOH 39  228 35  HOH HOH A . 
B 2 HOH 40  229 38  HOH HOH A . 
B 2 HOH 41  230 39  HOH HOH A . 
B 2 HOH 42  231 40  HOH HOH A . 
B 2 HOH 43  232 41  HOH HOH A . 
B 2 HOH 44  233 42  HOH HOH A . 
B 2 HOH 45  234 43  HOH HOH A . 
B 2 HOH 46  235 44  HOH HOH A . 
B 2 HOH 47  236 45  HOH HOH A . 
B 2 HOH 48  237 46  HOH HOH A . 
B 2 HOH 49  238 48  HOH HOH A . 
B 2 HOH 50  239 49  HOH HOH A . 
B 2 HOH 51  240 51  HOH HOH A . 
B 2 HOH 52  241 52  HOH HOH A . 
B 2 HOH 53  242 53  HOH HOH A . 
B 2 HOH 54  243 54  HOH HOH A . 
B 2 HOH 55  244 55  HOH HOH A . 
B 2 HOH 56  245 56  HOH HOH A . 
B 2 HOH 57  246 57  HOH HOH A . 
B 2 HOH 58  247 58  HOH HOH A . 
B 2 HOH 59  248 59  HOH HOH A . 
B 2 HOH 60  249 60  HOH HOH A . 
B 2 HOH 61  250 61  HOH HOH A . 
B 2 HOH 62  251 62  HOH HOH A . 
B 2 HOH 63  252 65  HOH HOH A . 
B 2 HOH 64  253 66  HOH HOH A . 
B 2 HOH 65  254 67  HOH HOH A . 
B 2 HOH 66  255 68  HOH HOH A . 
B 2 HOH 67  256 71  HOH HOH A . 
B 2 HOH 68  257 72  HOH HOH A . 
B 2 HOH 69  258 73  HOH HOH A . 
B 2 HOH 70  259 74  HOH HOH A . 
B 2 HOH 71  260 75  HOH HOH A . 
B 2 HOH 72  261 76  HOH HOH A . 
B 2 HOH 73  262 77  HOH HOH A . 
B 2 HOH 74  263 78  HOH HOH A . 
B 2 HOH 75  264 79  HOH HOH A . 
B 2 HOH 76  265 80  HOH HOH A . 
B 2 HOH 77  266 81  HOH HOH A . 
B 2 HOH 78  267 82  HOH HOH A . 
B 2 HOH 79  268 83  HOH HOH A . 
B 2 HOH 80  269 84  HOH HOH A . 
B 2 HOH 81  270 85  HOH HOH A . 
B 2 HOH 82  271 86  HOH HOH A . 
B 2 HOH 83  272 87  HOH HOH A . 
B 2 HOH 84  273 88  HOH HOH A . 
B 2 HOH 85  274 89  HOH HOH A . 
B 2 HOH 86  275 90  HOH HOH A . 
B 2 HOH 87  276 91  HOH HOH A . 
B 2 HOH 88  277 93  HOH HOH A . 
B 2 HOH 89  278 94  HOH HOH A . 
B 2 HOH 90  279 95  HOH HOH A . 
B 2 HOH 91  280 97  HOH HOH A . 
B 2 HOH 92  281 99  HOH HOH A . 
B 2 HOH 93  282 100 HOH HOH A . 
B 2 HOH 94  283 101 HOH HOH A . 
B 2 HOH 95  284 102 HOH HOH A . 
B 2 HOH 96  285 103 HOH HOH A . 
B 2 HOH 97  286 104 HOH HOH A . 
B 2 HOH 98  287 105 HOH HOH A . 
B 2 HOH 99  288 106 HOH HOH A . 
B 2 HOH 100 289 107 HOH HOH A . 
B 2 HOH 101 290 108 HOH HOH A . 
B 2 HOH 102 291 110 HOH HOH A . 
B 2 HOH 103 292 111 HOH HOH A . 
B 2 HOH 104 293 112 HOH HOH A . 
B 2 HOH 105 294 113 HOH HOH A . 
B 2 HOH 106 295 114 HOH HOH A . 
B 2 HOH 107 296 115 HOH HOH A . 
B 2 HOH 108 297 116 HOH HOH A . 
B 2 HOH 109 298 117 HOH HOH A . 
B 2 HOH 110 299 118 HOH HOH A . 
B 2 HOH 111 300 119 HOH HOH A . 
B 2 HOH 112 301 120 HOH HOH A . 
B 2 HOH 113 302 121 HOH HOH A . 
B 2 HOH 114 303 122 HOH HOH A . 
B 2 HOH 115 304 123 HOH HOH A . 
B 2 HOH 116 305 124 HOH HOH A . 
B 2 HOH 117 306 126 HOH HOH A . 
B 2 HOH 118 307 129 HOH HOH A . 
B 2 HOH 119 308 130 HOH HOH A . 
B 2 HOH 120 309 131 HOH HOH A . 
B 2 HOH 121 310 133 HOH HOH A . 
B 2 HOH 122 311 135 HOH HOH A . 
B 2 HOH 123 312 136 HOH HOH A . 
B 2 HOH 124 313 137 HOH HOH A . 
B 2 HOH 125 314 138 HOH HOH A . 
B 2 HOH 126 315 139 HOH HOH A . 
B 2 HOH 127 316 140 HOH HOH A . 
B 2 HOH 128 317 141 HOH HOH A . 
B 2 HOH 129 318 143 HOH HOH A . 
B 2 HOH 130 319 144 HOH HOH A . 
B 2 HOH 131 320 145 HOH HOH A . 
B 2 HOH 132 321 146 HOH HOH A . 
B 2 HOH 133 322 147 HOH HOH A . 
B 2 HOH 134 323 148 HOH HOH A . 
B 2 HOH 135 324 149 HOH HOH A . 
B 2 HOH 136 325 150 HOH HOH A . 
B 2 HOH 137 326 152 HOH HOH A . 
B 2 HOH 138 327 153 HOH HOH A . 
B 2 HOH 139 328 154 HOH HOH A . 
B 2 HOH 140 329 155 HOH HOH A . 
B 2 HOH 141 330 156 HOH HOH A . 
B 2 HOH 142 331 157 HOH HOH A . 
B 2 HOH 143 332 158 HOH HOH A . 
B 2 HOH 144 333 159 HOH HOH A . 
B 2 HOH 145 334 160 HOH HOH A . 
B 2 HOH 146 335 161 HOH HOH A . 
B 2 HOH 147 336 163 HOH HOH A . 
B 2 HOH 148 337 164 HOH HOH A . 
B 2 HOH 149 338 165 HOH HOH A . 
B 2 HOH 150 339 166 HOH HOH A . 
B 2 HOH 151 340 169 HOH HOH A . 
B 2 HOH 152 341 170 HOH HOH A . 
B 2 HOH 153 342 171 HOH HOH A . 
B 2 HOH 154 343 172 HOH HOH A . 
B 2 HOH 155 344 174 HOH HOH A . 
B 2 HOH 156 345 176 HOH HOH A . 
B 2 HOH 157 346 177 HOH HOH A . 
B 2 HOH 158 347 180 HOH HOH A . 
B 2 HOH 159 348 182 HOH HOH A . 
B 2 HOH 160 349 183 HOH HOH A . 
B 2 HOH 161 350 184 HOH HOH A . 
B 2 HOH 162 351 185 HOH HOH A . 
B 2 HOH 163 352 189 HOH HOH A . 
# 
_pdbx_struct_assembly.id                   1 
_pdbx_struct_assembly.details              software_defined_assembly 
_pdbx_struct_assembly.method_details       PISA 
_pdbx_struct_assembly.oligomeric_details   monomeric 
_pdbx_struct_assembly.oligomeric_count     1 
# 
_pdbx_struct_assembly_gen.assembly_id       1 
_pdbx_struct_assembly_gen.oper_expression   1 
_pdbx_struct_assembly_gen.asym_id_list      A,B 
# 
_pdbx_struct_oper_list.id                   1 
_pdbx_struct_oper_list.type                 'identity operation' 
_pdbx_struct_oper_list.name                 1_555 
_pdbx_struct_oper_list.symmetry_operation   x,y,z 
_pdbx_struct_oper_list.matrix[1][1]         1.0000000000 
_pdbx_struct_oper_list.matrix[1][2]         0.0000000000 
_pdbx_struct_oper_list.matrix[1][3]         0.0000000000 
_pdbx_struct_oper_list.vector[1]            0.0000000000 
_pdbx_struct_oper_list.matrix[2][1]         0.0000000000 
_pdbx_struct_oper_list.matrix[2][2]         1.0000000000 
_pdbx_struct_oper_list.matrix[2][3]         0.0000000000 
_pdbx_struct_oper_list.vector[2]            0.0000000000 
_pdbx_struct_oper_list.matrix[3][1]         0.0000000000 
_pdbx_struct_oper_list.matrix[3][2]         0.0000000000 
_pdbx_struct_oper_list.matrix[3][3]         1.0000000000 
_pdbx_struct_oper_list.vector[3]            0.0000000000 
# 
loop_
_pdbx_audit_revision_history.ordinal 
_pdbx_audit_revision_history.data_content_type 
_pdbx_audit_revision_history.major_revision 
_pdbx_audit_revision_history.minor_revision 
_pdbx_audit_revision_history.revision_date 
1 'Structure model' 1 0 2009-06-30 
2 'Structure model' 1 1 2011-07-13 
3 'Structure model' 1 2 2017-11-01 
4 'Structure model' 1 3 2023-09-06 
# 
_pdbx_audit_revision_details.ordinal             1 
_pdbx_audit_revision_details.revision_ordinal    1 
_pdbx_audit_revision_details.data_content_type   'Structure model' 
_pdbx_audit_revision_details.provider            repository 
_pdbx_audit_revision_details.type                'Initial release' 
_pdbx_audit_revision_details.description         ? 
_pdbx_audit_revision_details.details             ? 
# 
loop_
_pdbx_audit_revision_group.ordinal 
_pdbx_audit_revision_group.revision_ordinal 
_pdbx_audit_revision_group.data_content_type 
_pdbx_audit_revision_group.group 
1 2 'Structure model' 'Version format compliance' 
2 3 'Structure model' 'Refinement description'    
3 4 'Structure model' 'Data collection'           
4 4 'Structure model' 'Database references'       
5 4 'Structure model' 'Refinement description'    
# 
loop_
_pdbx_audit_revision_category.ordinal 
_pdbx_audit_revision_category.revision_ordinal 
_pdbx_audit_revision_category.data_content_type 
_pdbx_audit_revision_category.category 
1 3 'Structure model' software                      
2 4 'Structure model' chem_comp_atom                
3 4 'Structure model' chem_comp_bond                
4 4 'Structure model' database_2                    
5 4 'Structure model' pdbx_initial_refinement_model 
6 4 'Structure model' struct_ref_seq_dif            
# 
loop_
_pdbx_audit_revision_item.ordinal 
_pdbx_audit_revision_item.revision_ordinal 
_pdbx_audit_revision_item.data_content_type 
_pdbx_audit_revision_item.item 
1 4 'Structure model' '_database_2.pdbx_DOI'                
2 4 'Structure model' '_database_2.pdbx_database_accession' 
3 4 'Structure model' '_struct_ref_seq_dif.details'         
# 
_pdbx_phasing_MR.entry_id                     3FRR 
_pdbx_phasing_MR.method_rotation              ? 
_pdbx_phasing_MR.method_translation           ? 
_pdbx_phasing_MR.model_details                'Phaser MODE: MR_AUTO' 
_pdbx_phasing_MR.R_factor                     ? 
_pdbx_phasing_MR.R_rigid_body                 ? 
_pdbx_phasing_MR.correlation_coeff_Fo_to_Fc   ? 
_pdbx_phasing_MR.correlation_coeff_Io_to_Ic   ? 
_pdbx_phasing_MR.d_res_high_rotation          ? 
_pdbx_phasing_MR.d_res_low_rotation           ? 
_pdbx_phasing_MR.d_res_high_translation       ? 
_pdbx_phasing_MR.d_res_low_translation        ? 
_pdbx_phasing_MR.packing                      ? 
_pdbx_phasing_MR.reflns_percent_rotation      ? 
_pdbx_phasing_MR.reflns_percent_translation   ? 
_pdbx_phasing_MR.sigma_F_rotation             ? 
_pdbx_phasing_MR.sigma_F_translation          ? 
_pdbx_phasing_MR.sigma_I_rotation             ? 
_pdbx_phasing_MR.sigma_I_translation          ? 
# 
_phasing.method   MR 
# 
loop_
_software.name 
_software.version 
_software.date 
_software.type 
_software.contact_author 
_software.contact_author_email 
_software.classification 
_software.location 
_software.language 
_software.citation_id 
_software.pdbx_ordinal 
DENZO        .     ?               package 'Zbyszek Otwinowski' hkl@hkl-xray.com            'data reduction'  
http://www.hkl-xray.com/                     ?          ? 1 
SCALEPACK    .     ?               package 'Zbyszek Otwinowski' hkl@hkl-xray.com            'data scaling'    
http://www.hkl-xray.com/                     ?          ? 2 
PHASER       .     ?               program 'Randy J. Read'      cimr-phaser@lists.cam.ac.uk phasing           
http://www-structmed.cimr.cam.ac.uk/phaser/  ?          ? 3 
REFMAC       .     ?               program 'Garib N. Murshudov' garib@ysbl.york.ac.uk       refinement        
http://www.ccp4.ac.uk/dist/html/refmac5.html Fortran_77 ? 4 
PDB_EXTRACT  3.006 'June 11, 2008' package PDB                  help@deposit.rcsb.org       'data extraction' 
http://sw-tools.pdb.org/apps/PDB_EXTRACT/    C++        ? 5 
CrystalClear .     ?               ?       ?                    ?                           'data collection' ? ?          ? 6 
# 
_pdbx_validate_rmsd_angle.id                         1 
_pdbx_validate_rmsd_angle.PDB_model_num              1 
_pdbx_validate_rmsd_angle.auth_atom_id_1             N 
_pdbx_validate_rmsd_angle.auth_asym_id_1             A 
_pdbx_validate_rmsd_angle.auth_comp_id_1             GLY 
_pdbx_validate_rmsd_angle.auth_seq_id_1              47 
_pdbx_validate_rmsd_angle.PDB_ins_code_1             ? 
_pdbx_validate_rmsd_angle.label_alt_id_1             ? 
_pdbx_validate_rmsd_angle.auth_atom_id_2             CA 
_pdbx_validate_rmsd_angle.auth_asym_id_2             A 
_pdbx_validate_rmsd_angle.auth_comp_id_2             GLY 
_pdbx_validate_rmsd_angle.auth_seq_id_2              47 
_pdbx_validate_rmsd_angle.PDB_ins_code_2             ? 
_pdbx_validate_rmsd_angle.label_alt_id_2             ? 
_pdbx_validate_rmsd_angle.auth_atom_id_3             C 
_pdbx_validate_rmsd_angle.auth_asym_id_3             A 
_pdbx_validate_rmsd_angle.auth_comp_id_3             GLY 
_pdbx_validate_rmsd_angle.auth_seq_id_3              47 
_pdbx_validate_rmsd_angle.PDB_ins_code_3             ? 
_pdbx_validate_rmsd_angle.label_alt_id_3             ? 
_pdbx_validate_rmsd_angle.angle_value                94.25 
_pdbx_validate_rmsd_angle.angle_target_value         113.10 
_pdbx_validate_rmsd_angle.angle_deviation            -18.85 
_pdbx_validate_rmsd_angle.angle_standard_deviation   2.50 
_pdbx_validate_rmsd_angle.linker_flag                N 
# 
_pdbx_validate_torsion.id              1 
_pdbx_validate_torsion.PDB_model_num   1 
_pdbx_validate_torsion.auth_comp_id    SER 
_pdbx_validate_torsion.auth_asym_id    A 
_pdbx_validate_torsion.auth_seq_id     129 
_pdbx_validate_torsion.PDB_ins_code    ? 
_pdbx_validate_torsion.label_alt_id    ? 
_pdbx_validate_torsion.phi             98.00 
_pdbx_validate_torsion.psi             144.32 
# 
loop_
_pdbx_unobs_or_zero_occ_residues.id 
_pdbx_unobs_or_zero_occ_residues.PDB_model_num 
_pdbx_unobs_or_zero_occ_residues.polymer_flag 
_pdbx_unobs_or_zero_occ_residues.occupancy_flag 
_pdbx_unobs_or_zero_occ_residues.auth_asym_id 
_pdbx_unobs_or_zero_occ_residues.auth_comp_id 
_pdbx_unobs_or_zero_occ_residues.auth_seq_id 
_pdbx_unobs_or_zero_occ_residues.PDB_ins_code 
_pdbx_unobs_or_zero_occ_residues.label_asym_id 
_pdbx_unobs_or_zero_occ_residues.label_comp_id 
_pdbx_unobs_or_zero_occ_residues.label_seq_id 
1 1 Y 1 A GLY -1  ? A GLY 1   
2 1 Y 1 A HIS 0   ? A HIS 2   
3 1 Y 1 A MET 1   ? A MET 3   
4 1 Y 1 A PRO 188 ? A PRO 190 
5 1 Y 1 A PRO 189 ? A PRO 191 
# 
loop_
_chem_comp_atom.comp_id 
_chem_comp_atom.atom_id 
_chem_comp_atom.type_symbol 
_chem_comp_atom.pdbx_aromatic_flag 
_chem_comp_atom.pdbx_stereo_config 
_chem_comp_atom.pdbx_ordinal 
ALA N    N N N 1   
ALA CA   C N S 2   
ALA C    C N N 3   
ALA O    O N N 4   
ALA CB   C N N 5   
ALA OXT  O N N 6   
ALA H    H N N 7   
ALA H2   H N N 8   
ALA HA   H N N 9   
ALA HB1  H N N 10  
ALA HB2  H N N 11  
ALA HB3  H N N 12  
ALA HXT  H N N 13  
ARG N    N N N 14  
ARG CA   C N S 15  
ARG C    C N N 16  
ARG O    O N N 17  
ARG CB   C N N 18  
ARG CG   C N N 19  
ARG CD   C N N 20  
ARG NE   N N N 21  
ARG CZ   C N N 22  
ARG NH1  N N N 23  
ARG NH2  N N N 24  
ARG OXT  O N N 25  
ARG H    H N N 26  
ARG H2   H N N 27  
ARG HA   H N N 28  
ARG HB2  H N N 29  
ARG HB3  H N N 30  
ARG HG2  H N N 31  
ARG HG3  H N N 32  
ARG HD2  H N N 33  
ARG HD3  H N N 34  
ARG HE   H N N 35  
ARG HH11 H N N 36  
ARG HH12 H N N 37  
ARG HH21 H N N 38  
ARG HH22 H N N 39  
ARG HXT  H N N 40  
ASN N    N N N 41  
ASN CA   C N S 42  
ASN C    C N N 43  
ASN O    O N N 44  
ASN CB   C N N 45  
ASN CG   C N N 46  
ASN OD1  O N N 47  
ASN ND2  N N N 48  
ASN OXT  O N N 49  
ASN H    H N N 50  
ASN H2   H N N 51  
ASN HA   H N N 52  
ASN HB2  H N N 53  
ASN HB3  H N N 54  
ASN HD21 H N N 55  
ASN HD22 H N N 56  
ASN HXT  H N N 57  
ASP N    N N N 58  
ASP CA   C N S 59  
ASP C    C N N 60  
ASP O    O N N 61  
ASP CB   C N N 62  
ASP CG   C N N 63  
ASP OD1  O N N 64  
ASP OD2  O N N 65  
ASP OXT  O N N 66  
ASP H    H N N 67  
ASP H2   H N N 68  
ASP HA   H N N 69  
ASP HB2  H N N 70  
ASP HB3  H N N 71  
ASP HD2  H N N 72  
ASP HXT  H N N 73  
CYS N    N N N 74  
CYS CA   C N R 75  
CYS C    C N N 76  
CYS O    O N N 77  
CYS CB   C N N 78  
CYS SG   S N N 79  
CYS OXT  O N N 80  
CYS H    H N N 81  
CYS H2   H N N 82  
CYS HA   H N N 83  
CYS HB2  H N N 84  
CYS HB3  H N N 85  
CYS HG   H N N 86  
CYS HXT  H N N 87  
GLN N    N N N 88  
GLN CA   C N S 89  
GLN C    C N N 90  
GLN O    O N N 91  
GLN CB   C N N 92  
GLN CG   C N N 93  
GLN CD   C N N 94  
GLN OE1  O N N 95  
GLN NE2  N N N 96  
GLN OXT  O N N 97  
GLN H    H N N 98  
GLN H2   H N N 99  
GLN HA   H N N 100 
GLN HB2  H N N 101 
GLN HB3  H N N 102 
GLN HG2  H N N 103 
GLN HG3  H N N 104 
GLN HE21 H N N 105 
GLN HE22 H N N 106 
GLN HXT  H N N 107 
GLU N    N N N 108 
GLU CA   C N S 109 
GLU C    C N N 110 
GLU O    O N N 111 
GLU CB   C N N 112 
GLU CG   C N N 113 
GLU CD   C N N 114 
GLU OE1  O N N 115 
GLU OE2  O N N 116 
GLU OXT  O N N 117 
GLU H    H N N 118 
GLU H2   H N N 119 
GLU HA   H N N 120 
GLU HB2  H N N 121 
GLU HB3  H N N 122 
GLU HG2  H N N 123 
GLU HG3  H N N 124 
GLU HE2  H N N 125 
GLU HXT  H N N 126 
GLY N    N N N 127 
GLY CA   C N N 128 
GLY C    C N N 129 
GLY O    O N N 130 
GLY OXT  O N N 131 
GLY H    H N N 132 
GLY H2   H N N 133 
GLY HA2  H N N 134 
GLY HA3  H N N 135 
GLY HXT  H N N 136 
HIS N    N N N 137 
HIS CA   C N S 138 
HIS C    C N N 139 
HIS O    O N N 140 
HIS CB   C N N 141 
HIS CG   C Y N 142 
HIS ND1  N Y N 143 
HIS CD2  C Y N 144 
HIS CE1  C Y N 145 
HIS NE2  N Y N 146 
HIS OXT  O N N 147 
HIS H    H N N 148 
HIS H2   H N N 149 
HIS HA   H N N 150 
HIS HB2  H N N 151 
HIS HB3  H N N 152 
HIS HD1  H N N 153 
HIS HD2  H N N 154 
HIS HE1  H N N 155 
HIS HE2  H N N 156 
HIS HXT  H N N 157 
HOH O    O N N 158 
HOH H1   H N N 159 
HOH H2   H N N 160 
ILE N    N N N 161 
ILE CA   C N S 162 
ILE C    C N N 163 
ILE O    O N N 164 
ILE CB   C N S 165 
ILE CG1  C N N 166 
ILE CG2  C N N 167 
ILE CD1  C N N 168 
ILE OXT  O N N 169 
ILE H    H N N 170 
ILE H2   H N N 171 
ILE HA   H N N 172 
ILE HB   H N N 173 
ILE HG12 H N N 174 
ILE HG13 H N N 175 
ILE HG21 H N N 176 
ILE HG22 H N N 177 
ILE HG23 H N N 178 
ILE HD11 H N N 179 
ILE HD12 H N N 180 
ILE HD13 H N N 181 
ILE HXT  H N N 182 
LEU N    N N N 183 
LEU CA   C N S 184 
LEU C    C N N 185 
LEU O    O N N 186 
LEU CB   C N N 187 
LEU CG   C N N 188 
LEU CD1  C N N 189 
LEU CD2  C N N 190 
LEU OXT  O N N 191 
LEU H    H N N 192 
LEU H2   H N N 193 
LEU HA   H N N 194 
LEU HB2  H N N 195 
LEU HB3  H N N 196 
LEU HG   H N N 197 
LEU HD11 H N N 198 
LEU HD12 H N N 199 
LEU HD13 H N N 200 
LEU HD21 H N N 201 
LEU HD22 H N N 202 
LEU HD23 H N N 203 
LEU HXT  H N N 204 
LYS N    N N N 205 
LYS CA   C N S 206 
LYS C    C N N 207 
LYS O    O N N 208 
LYS CB   C N N 209 
LYS CG   C N N 210 
LYS CD   C N N 211 
LYS CE   C N N 212 
LYS NZ   N N N 213 
LYS OXT  O N N 214 
LYS H    H N N 215 
LYS H2   H N N 216 
LYS HA   H N N 217 
LYS HB2  H N N 218 
LYS HB3  H N N 219 
LYS HG2  H N N 220 
LYS HG3  H N N 221 
LYS HD2  H N N 222 
LYS HD3  H N N 223 
LYS HE2  H N N 224 
LYS HE3  H N N 225 
LYS HZ1  H N N 226 
LYS HZ2  H N N 227 
LYS HZ3  H N N 228 
LYS HXT  H N N 229 
MET N    N N N 230 
MET CA   C N S 231 
MET C    C N N 232 
MET O    O N N 233 
MET CB   C N N 234 
MET CG   C N N 235 
MET SD   S N N 236 
MET CE   C N N 237 
MET OXT  O N N 238 
MET H    H N N 239 
MET H2   H N N 240 
MET HA   H N N 241 
MET HB2  H N N 242 
MET HB3  H N N 243 
MET HG2  H N N 244 
MET HG3  H N N 245 
MET HE1  H N N 246 
MET HE2  H N N 247 
MET HE3  H N N 248 
MET HXT  H N N 249 
PHE N    N N N 250 
PHE CA   C N S 251 
PHE C    C N N 252 
PHE O    O N N 253 
PHE CB   C N N 254 
PHE CG   C Y N 255 
PHE CD1  C Y N 256 
PHE CD2  C Y N 257 
PHE CE1  C Y N 258 
PHE CE2  C Y N 259 
PHE CZ   C Y N 260 
PHE OXT  O N N 261 
PHE H    H N N 262 
PHE H2   H N N 263 
PHE HA   H N N 264 
PHE HB2  H N N 265 
PHE HB3  H N N 266 
PHE HD1  H N N 267 
PHE HD2  H N N 268 
PHE HE1  H N N 269 
PHE HE2  H N N 270 
PHE HZ   H N N 271 
PHE HXT  H N N 272 
PRO N    N N N 273 
PRO CA   C N S 274 
PRO C    C N N 275 
PRO O    O N N 276 
PRO CB   C N N 277 
PRO CG   C N N 278 
PRO CD   C N N 279 
PRO OXT  O N N 280 
PRO H    H N N 281 
PRO HA   H N N 282 
PRO HB2  H N N 283 
PRO HB3  H N N 284 
PRO HG2  H N N 285 
PRO HG3  H N N 286 
PRO HD2  H N N 287 
PRO HD3  H N N 288 
PRO HXT  H N N 289 
SER N    N N N 290 
SER CA   C N S 291 
SER C    C N N 292 
SER O    O N N 293 
SER CB   C N N 294 
SER OG   O N N 295 
SER OXT  O N N 296 
SER H    H N N 297 
SER H2   H N N 298 
SER HA   H N N 299 
SER HB2  H N N 300 
SER HB3  H N N 301 
SER HG   H N N 302 
SER HXT  H N N 303 
THR N    N N N 304 
THR CA   C N S 305 
THR C    C N N 306 
THR O    O N N 307 
THR CB   C N R 308 
THR OG1  O N N 309 
THR CG2  C N N 310 
THR OXT  O N N 311 
THR H    H N N 312 
THR H2   H N N 313 
THR HA   H N N 314 
THR HB   H N N 315 
THR HG1  H N N 316 
THR HG21 H N N 317 
THR HG22 H N N 318 
THR HG23 H N N 319 
THR HXT  H N N 320 
TRP N    N N N 321 
TRP CA   C N S 322 
TRP C    C N N 323 
TRP O    O N N 324 
TRP CB   C N N 325 
TRP CG   C Y N 326 
TRP CD1  C Y N 327 
TRP CD2  C Y N 328 
TRP NE1  N Y N 329 
TRP CE2  C Y N 330 
TRP CE3  C Y N 331 
TRP CZ2  C Y N 332 
TRP CZ3  C Y N 333 
TRP CH2  C Y N 334 
TRP OXT  O N N 335 
TRP H    H N N 336 
TRP H2   H N N 337 
TRP HA   H N N 338 
TRP HB2  H N N 339 
TRP HB3  H N N 340 
TRP HD1  H N N 341 
TRP HE1  H N N 342 
TRP HE3  H N N 343 
TRP HZ2  H N N 344 
TRP HZ3  H N N 345 
TRP HH2  H N N 346 
TRP HXT  H N N 347 
TYR N    N N N 348 
TYR CA   C N S 349 
TYR C    C N N 350 
TYR O    O N N 351 
TYR CB   C N N 352 
TYR CG   C Y N 353 
TYR CD1  C Y N 354 
TYR CD2  C Y N 355 
TYR CE1  C Y N 356 
TYR CE2  C Y N 357 
TYR CZ   C Y N 358 
TYR OH   O N N 359 
TYR OXT  O N N 360 
TYR H    H N N 361 
TYR H2   H N N 362 
TYR HA   H N N 363 
TYR HB2  H N N 364 
TYR HB3  H N N 365 
TYR HD1  H N N 366 
TYR HD2  H N N 367 
TYR HE1  H N N 368 
TYR HE2  H N N 369 
TYR HH   H N N 370 
TYR HXT  H N N 371 
VAL N    N N N 372 
VAL CA   C N S 373 
VAL C    C N N 374 
VAL O    O N N 375 
VAL CB   C N N 376 
VAL CG1  C N N 377 
VAL CG2  C N N 378 
VAL OXT  O N N 379 
VAL H    H N N 380 
VAL H2   H N N 381 
VAL HA   H N N 382 
VAL HB   H N N 383 
VAL HG11 H N N 384 
VAL HG12 H N N 385 
VAL HG13 H N N 386 
VAL HG21 H N N 387 
VAL HG22 H N N 388 
VAL HG23 H N N 389 
VAL HXT  H N N 390 
# 
loop_
_chem_comp_bond.comp_id 
_chem_comp_bond.atom_id_1 
_chem_comp_bond.atom_id_2 
_chem_comp_bond.value_order 
_chem_comp_bond.pdbx_aromatic_flag 
_chem_comp_bond.pdbx_stereo_config 
_chem_comp_bond.pdbx_ordinal 
ALA N   CA   sing N N 1   
ALA N   H    sing N N 2   
ALA N   H2   sing N N 3   
ALA CA  C    sing N N 4   
ALA CA  CB   sing N N 5   
ALA CA  HA   sing N N 6   
ALA C   O    doub N N 7   
ALA C   OXT  sing N N 8   
ALA CB  HB1  sing N N 9   
ALA CB  HB2  sing N N 10  
ALA CB  HB3  sing N N 11  
ALA OXT HXT  sing N N 12  
ARG N   CA   sing N N 13  
ARG N   H    sing N N 14  
ARG N   H2   sing N N 15  
ARG CA  C    sing N N 16  
ARG CA  CB   sing N N 17  
ARG CA  HA   sing N N 18  
ARG C   O    doub N N 19  
ARG C   OXT  sing N N 20  
ARG CB  CG   sing N N 21  
ARG CB  HB2  sing N N 22  
ARG CB  HB3  sing N N 23  
ARG CG  CD   sing N N 24  
ARG CG  HG2  sing N N 25  
ARG CG  HG3  sing N N 26  
ARG CD  NE   sing N N 27  
ARG CD  HD2  sing N N 28  
ARG CD  HD3  sing N N 29  
ARG NE  CZ   sing N N 30  
ARG NE  HE   sing N N 31  
ARG CZ  NH1  sing N N 32  
ARG CZ  NH2  doub N N 33  
ARG NH1 HH11 sing N N 34  
ARG NH1 HH12 sing N N 35  
ARG NH2 HH21 sing N N 36  
ARG NH2 HH22 sing N N 37  
ARG OXT HXT  sing N N 38  
ASN N   CA   sing N N 39  
ASN N   H    sing N N 40  
ASN N   H2   sing N N 41  
ASN CA  C    sing N N 42  
ASN CA  CB   sing N N 43  
ASN CA  HA   sing N N 44  
ASN C   O    doub N N 45  
ASN C   OXT  sing N N 46  
ASN CB  CG   sing N N 47  
ASN CB  HB2  sing N N 48  
ASN CB  HB3  sing N N 49  
ASN CG  OD1  doub N N 50  
ASN CG  ND2  sing N N 51  
ASN ND2 HD21 sing N N 52  
ASN ND2 HD22 sing N N 53  
ASN OXT HXT  sing N N 54  
ASP N   CA   sing N N 55  
ASP N   H    sing N N 56  
ASP N   H2   sing N N 57  
ASP CA  C    sing N N 58  
ASP CA  CB   sing N N 59  
ASP CA  HA   sing N N 60  
ASP C   O    doub N N 61  
ASP C   OXT  sing N N 62  
ASP CB  CG   sing N N 63  
ASP CB  HB2  sing N N 64  
ASP CB  HB3  sing N N 65  
ASP CG  OD1  doub N N 66  
ASP CG  OD2  sing N N 67  
ASP OD2 HD2  sing N N 68  
ASP OXT HXT  sing N N 69  
CYS N   CA   sing N N 70  
CYS N   H    sing N N 71  
CYS N   H2   sing N N 72  
CYS CA  C    sing N N 73  
CYS CA  CB   sing N N 74  
CYS CA  HA   sing N N 75  
CYS C   O    doub N N 76  
CYS C   OXT  sing N N 77  
CYS CB  SG   sing N N 78  
CYS CB  HB2  sing N N 79  
CYS CB  HB3  sing N N 80  
CYS SG  HG   sing N N 81  
CYS OXT HXT  sing N N 82  
GLN N   CA   sing N N 83  
GLN N   H    sing N N 84  
GLN N   H2   sing N N 85  
GLN CA  C    sing N N 86  
GLN CA  CB   sing N N 87  
GLN CA  HA   sing N N 88  
GLN C   O    doub N N 89  
GLN C   OXT  sing N N 90  
GLN CB  CG   sing N N 91  
GLN CB  HB2  sing N N 92  
GLN CB  HB3  sing N N 93  
GLN CG  CD   sing N N 94  
GLN CG  HG2  sing N N 95  
GLN CG  HG3  sing N N 96  
GLN CD  OE1  doub N N 97  
GLN CD  NE2  sing N N 98  
GLN NE2 HE21 sing N N 99  
GLN NE2 HE22 sing N N 100 
GLN OXT HXT  sing N N 101 
GLU N   CA   sing N N 102 
GLU N   H    sing N N 103 
GLU N   H2   sing N N 104 
GLU CA  C    sing N N 105 
GLU CA  CB   sing N N 106 
GLU CA  HA   sing N N 107 
GLU C   O    doub N N 108 
GLU C   OXT  sing N N 109 
GLU CB  CG   sing N N 110 
GLU CB  HB2  sing N N 111 
GLU CB  HB3  sing N N 112 
GLU CG  CD   sing N N 113 
GLU CG  HG2  sing N N 114 
GLU CG  HG3  sing N N 115 
GLU CD  OE1  doub N N 116 
GLU CD  OE2  sing N N 117 
GLU OE2 HE2  sing N N 118 
GLU OXT HXT  sing N N 119 
GLY N   CA   sing N N 120 
GLY N   H    sing N N 121 
GLY N   H2   sing N N 122 
GLY CA  C    sing N N 123 
GLY CA  HA2  sing N N 124 
GLY CA  HA3  sing N N 125 
GLY C   O    doub N N 126 
GLY C   OXT  sing N N 127 
GLY OXT HXT  sing N N 128 
HIS N   CA   sing N N 129 
HIS N   H    sing N N 130 
HIS N   H2   sing N N 131 
HIS CA  C    sing N N 132 
HIS CA  CB   sing N N 133 
HIS CA  HA   sing N N 134 
HIS C   O    doub N N 135 
HIS C   OXT  sing N N 136 
HIS CB  CG   sing N N 137 
HIS CB  HB2  sing N N 138 
HIS CB  HB3  sing N N 139 
HIS CG  ND1  sing Y N 140 
HIS CG  CD2  doub Y N 141 
HIS ND1 CE1  doub Y N 142 
HIS ND1 HD1  sing N N 143 
HIS CD2 NE2  sing Y N 144 
HIS CD2 HD2  sing N N 145 
HIS CE1 NE2  sing Y N 146 
HIS CE1 HE1  sing N N 147 
HIS NE2 HE2  sing N N 148 
HIS OXT HXT  sing N N 149 
HOH O   H1   sing N N 150 
HOH O   H2   sing N N 151 
ILE N   CA   sing N N 152 
ILE N   H    sing N N 153 
ILE N   H2   sing N N 154 
ILE CA  C    sing N N 155 
ILE CA  CB   sing N N 156 
ILE CA  HA   sing N N 157 
ILE C   O    doub N N 158 
ILE C   OXT  sing N N 159 
ILE CB  CG1  sing N N 160 
ILE CB  CG2  sing N N 161 
ILE CB  HB   sing N N 162 
ILE CG1 CD1  sing N N 163 
ILE CG1 HG12 sing N N 164 
ILE CG1 HG13 sing N N 165 
ILE CG2 HG21 sing N N 166 
ILE CG2 HG22 sing N N 167 
ILE CG2 HG23 sing N N 168 
ILE CD1 HD11 sing N N 169 
ILE CD1 HD12 sing N N 170 
ILE CD1 HD13 sing N N 171 
ILE OXT HXT  sing N N 172 
LEU N   CA   sing N N 173 
LEU N   H    sing N N 174 
LEU N   H2   sing N N 175 
LEU CA  C    sing N N 176 
LEU CA  CB   sing N N 177 
LEU CA  HA   sing N N 178 
LEU C   O    doub N N 179 
LEU C   OXT  sing N N 180 
LEU CB  CG   sing N N 181 
LEU CB  HB2  sing N N 182 
LEU CB  HB3  sing N N 183 
LEU CG  CD1  sing N N 184 
LEU CG  CD2  sing N N 185 
LEU CG  HG   sing N N 186 
LEU CD1 HD11 sing N N 187 
LEU CD1 HD12 sing N N 188 
LEU CD1 HD13 sing N N 189 
LEU CD2 HD21 sing N N 190 
LEU CD2 HD22 sing N N 191 
LEU CD2 HD23 sing N N 192 
LEU OXT HXT  sing N N 193 
LYS N   CA   sing N N 194 
LYS N   H    sing N N 195 
LYS N   H2   sing N N 196 
LYS CA  C    sing N N 197 
LYS CA  CB   sing N N 198 
LYS CA  HA   sing N N 199 
LYS C   O    doub N N 200 
LYS C   OXT  sing N N 201 
LYS CB  CG   sing N N 202 
LYS CB  HB2  sing N N 203 
LYS CB  HB3  sing N N 204 
LYS CG  CD   sing N N 205 
LYS CG  HG2  sing N N 206 
LYS CG  HG3  sing N N 207 
LYS CD  CE   sing N N 208 
LYS CD  HD2  sing N N 209 
LYS CD  HD3  sing N N 210 
LYS CE  NZ   sing N N 211 
LYS CE  HE2  sing N N 212 
LYS CE  HE3  sing N N 213 
LYS NZ  HZ1  sing N N 214 
LYS NZ  HZ2  sing N N 215 
LYS NZ  HZ3  sing N N 216 
LYS OXT HXT  sing N N 217 
MET N   CA   sing N N 218 
MET N   H    sing N N 219 
MET N   H2   sing N N 220 
MET CA  C    sing N N 221 
MET CA  CB   sing N N 222 
MET CA  HA   sing N N 223 
MET C   O    doub N N 224 
MET C   OXT  sing N N 225 
MET CB  CG   sing N N 226 
MET CB  HB2  sing N N 227 
MET CB  HB3  sing N N 228 
MET CG  SD   sing N N 229 
MET CG  HG2  sing N N 230 
MET CG  HG3  sing N N 231 
MET SD  CE   sing N N 232 
MET CE  HE1  sing N N 233 
MET CE  HE2  sing N N 234 
MET CE  HE3  sing N N 235 
MET OXT HXT  sing N N 236 
PHE N   CA   sing N N 237 
PHE N   H    sing N N 238 
PHE N   H2   sing N N 239 
PHE CA  C    sing N N 240 
PHE CA  CB   sing N N 241 
PHE CA  HA   sing N N 242 
PHE C   O    doub N N 243 
PHE C   OXT  sing N N 244 
PHE CB  CG   sing N N 245 
PHE CB  HB2  sing N N 246 
PHE CB  HB3  sing N N 247 
PHE CG  CD1  doub Y N 248 
PHE CG  CD2  sing Y N 249 
PHE CD1 CE1  sing Y N 250 
PHE CD1 HD1  sing N N 251 
PHE CD2 CE2  doub Y N 252 
PHE CD2 HD2  sing N N 253 
PHE CE1 CZ   doub Y N 254 
PHE CE1 HE1  sing N N 255 
PHE CE2 CZ   sing Y N 256 
PHE CE2 HE2  sing N N 257 
PHE CZ  HZ   sing N N 258 
PHE OXT HXT  sing N N 259 
PRO N   CA   sing N N 260 
PRO N   CD   sing N N 261 
PRO N   H    sing N N 262 
PRO CA  C    sing N N 263 
PRO CA  CB   sing N N 264 
PRO CA  HA   sing N N 265 
PRO C   O    doub N N 266 
PRO C   OXT  sing N N 267 
PRO CB  CG   sing N N 268 
PRO CB  HB2  sing N N 269 
PRO CB  HB3  sing N N 270 
PRO CG  CD   sing N N 271 
PRO CG  HG2  sing N N 272 
PRO CG  HG3  sing N N 273 
PRO CD  HD2  sing N N 274 
PRO CD  HD3  sing N N 275 
PRO OXT HXT  sing N N 276 
SER N   CA   sing N N 277 
SER N   H    sing N N 278 
SER N   H2   sing N N 279 
SER CA  C    sing N N 280 
SER CA  CB   sing N N 281 
SER CA  HA   sing N N 282 
SER C   O    doub N N 283 
SER C   OXT  sing N N 284 
SER CB  OG   sing N N 285 
SER CB  HB2  sing N N 286 
SER CB  HB3  sing N N 287 
SER OG  HG   sing N N 288 
SER OXT HXT  sing N N 289 
THR N   CA   sing N N 290 
THR N   H    sing N N 291 
THR N   H2   sing N N 292 
THR CA  C    sing N N 293 
THR CA  CB   sing N N 294 
THR CA  HA   sing N N 295 
THR C   O    doub N N 296 
THR C   OXT  sing N N 297 
THR CB  OG1  sing N N 298 
THR CB  CG2  sing N N 299 
THR CB  HB   sing N N 300 
THR OG1 HG1  sing N N 301 
THR CG2 HG21 sing N N 302 
THR CG2 HG22 sing N N 303 
THR CG2 HG23 sing N N 304 
THR OXT HXT  sing N N 305 
TRP N   CA   sing N N 306 
TRP N   H    sing N N 307 
TRP N   H2   sing N N 308 
TRP CA  C    sing N N 309 
TRP CA  CB   sing N N 310 
TRP CA  HA   sing N N 311 
TRP C   O    doub N N 312 
TRP C   OXT  sing N N 313 
TRP CB  CG   sing N N 314 
TRP CB  HB2  sing N N 315 
TRP CB  HB3  sing N N 316 
TRP CG  CD1  doub Y N 317 
TRP CG  CD2  sing Y N 318 
TRP CD1 NE1  sing Y N 319 
TRP CD1 HD1  sing N N 320 
TRP CD2 CE2  doub Y N 321 
TRP CD2 CE3  sing Y N 322 
TRP NE1 CE2  sing Y N 323 
TRP NE1 HE1  sing N N 324 
TRP CE2 CZ2  sing Y N 325 
TRP CE3 CZ3  doub Y N 326 
TRP CE3 HE3  sing N N 327 
TRP CZ2 CH2  doub Y N 328 
TRP CZ2 HZ2  sing N N 329 
TRP CZ3 CH2  sing Y N 330 
TRP CZ3 HZ3  sing N N 331 
TRP CH2 HH2  sing N N 332 
TRP OXT HXT  sing N N 333 
TYR N   CA   sing N N 334 
TYR N   H    sing N N 335 
TYR N   H2   sing N N 336 
TYR CA  C    sing N N 337 
TYR CA  CB   sing N N 338 
TYR CA  HA   sing N N 339 
TYR C   O    doub N N 340 
TYR C   OXT  sing N N 341 
TYR CB  CG   sing N N 342 
TYR CB  HB2  sing N N 343 
TYR CB  HB3  sing N N 344 
TYR CG  CD1  doub Y N 345 
TYR CG  CD2  sing Y N 346 
TYR CD1 CE1  sing Y N 347 
TYR CD1 HD1  sing N N 348 
TYR CD2 CE2  doub Y N 349 
TYR CD2 HD2  sing N N 350 
TYR CE1 CZ   doub Y N 351 
TYR CE1 HE1  sing N N 352 
TYR CE2 CZ   sing Y N 353 
TYR CE2 HE2  sing N N 354 
TYR CZ  OH   sing N N 355 
TYR OH  HH   sing N N 356 
TYR OXT HXT  sing N N 357 
VAL N   CA   sing N N 358 
VAL N   H    sing N N 359 
VAL N   H2   sing N N 360 
VAL CA  C    sing N N 361 
VAL CA  CB   sing N N 362 
VAL CA  HA   sing N N 363 
VAL C   O    doub N N 364 
VAL C   OXT  sing N N 365 
VAL CB  CG1  sing N N 366 
VAL CB  CG2  sing N N 367 
VAL CB  HB   sing N N 368 
VAL CG1 HG11 sing N N 369 
VAL CG1 HG12 sing N N 370 
VAL CG1 HG13 sing N N 371 
VAL CG2 HG21 sing N N 372 
VAL CG2 HG22 sing N N 373 
VAL CG2 HG23 sing N N 374 
VAL OXT HXT  sing N N 375 
# 
_pdbx_entity_nonpoly.entity_id   2 
_pdbx_entity_nonpoly.name        water 
_pdbx_entity_nonpoly.comp_id     HOH 
# 
_pdbx_initial_refinement_model.id               1 
_pdbx_initial_refinement_model.entity_id_list   ? 
_pdbx_initial_refinement_model.type             'experimental model' 
_pdbx_initial_refinement_model.source_name      PDB 
_pdbx_initial_refinement_model.accession_code   2GD5 
_pdbx_initial_refinement_model.details          'PDB ENTRY 2GD5' 
# 
